data_8FVJ
#
_entry.id   8FVJ
#
_cell.length_a   1.00
_cell.length_b   1.00
_cell.length_c   1.00
_cell.angle_alpha   90.00
_cell.angle_beta   90.00
_cell.angle_gamma   90.00
#
_symmetry.space_group_name_H-M   'P 1'
#
loop_
_entity.id
_entity.type
_entity.pdbx_description
1 polymer 'Core-binding factor subunit beta'
2 polymer 'Virion infectivity factor'
3 polymer Elongin-B
4 polymer Elongin-C
5 polymer Cullin-5
6 non-polymer 'ZINC ION'
#
loop_
_entity_poly.entity_id
_entity_poly.type
_entity_poly.pdbx_seq_one_letter_code
_entity_poly.pdbx_strand_id
1 'polypeptide(L)'
;MPRVVPDQRSKFENEEFFRKLSRECEIKYTGFRDRPHEERQARFQNACRDGRSEIAFVATGTNLSLQFFPASWQGEQRQT
PSREYVDLEREAGKVYLKAPMILNGVCVIWKGWIDLQRLDGMGCLEFDEERAQQEDALAQQAFEEARRRTREFEDRD
;
0,5
2 'polypeptide(L)'
;GPMENRWQVMIVWQVDRMRINTWKRLVKHHMYISRKAKDWFYRHHYESTHPKISSEVHIPLGDAKLVITTYWGLHTGERD
WHLGQGVSIEWRKKRYSTQVDPDLADQLIHLHYFDCFSESAIRNTILGRIVSPRCEYQAGHNKVGSLQYLALAALIKPKQ
IKPPLPSVRKLTEDRWNK
;
1,6
3 'polypeptide(L)'
;MDVFLMIRRHKTTIFTDAKESSTVFELKRIVEGILKRPPDEQRLYKDDQLLDDGKTLGECGFTSQTARPQAPATVGLAFR
ADDTFEALCIEPFSSPPELPDV
;
3,8
4 'polypeptide(L)'
;MYVKLISSDGHEFIVKREHALTSGTIKAMLSGPGQFAENETNEVNFREIPSHVLSKVCMYFTYKVRYTNSSTEIPEFPIA
PEIALELLMAANFLDC
;
4,9
5 'polypeptide(L)'
;GPAGSSLQFEDKWDFMRPIVLKLLRQESVTKQQWFDLFSDVHAVCLWDDKGPAKIHQALKEDILEFIKQAQARVLSHQDD
TALLKAYIVEWRKFFTQCDILPKPFCQLEITLMGKQGSNKKSNVEDSIVRKLMLDTWNESIFSNIKNRLQDSAMKLVHAE
RLGEAFDSQLVIGVRESYVNLCSNPEDKLQIYRDNFEKAYLDSTERFYRTQAPSYLQQNGVQNYMKYADAKLKEEEKRAL
RYLETRRECNSVEALMECCVNALVTSFKETILAECQGMIKRNETEKLHLMFSLMDKVPNGIEPMLKDLEEHIIS
;
2,7
#
# COMPACT_ATOMS: atom_id res chain seq x y z
N ASP A 7 14.12 -11.68 1.87
CA ASP A 7 15.13 -10.98 2.66
C ASP A 7 14.68 -9.57 2.99
N GLN A 8 14.36 -8.80 1.95
CA GLN A 8 13.93 -7.41 2.14
C GLN A 8 12.65 -7.35 2.95
N ARG A 9 11.74 -8.30 2.72
CA ARG A 9 10.51 -8.37 3.51
C ARG A 9 10.76 -8.61 4.98
N SER A 10 11.91 -9.20 5.32
CA SER A 10 12.28 -9.45 6.70
C SER A 10 13.18 -8.38 7.30
N LYS A 11 13.91 -7.63 6.47
CA LYS A 11 14.81 -6.61 6.99
C LYS A 11 14.04 -5.48 7.68
N PHE A 12 12.77 -5.28 7.31
CA PHE A 12 11.97 -4.23 7.92
C PHE A 12 11.82 -4.44 9.42
N GLU A 13 11.55 -5.68 9.84
CA GLU A 13 11.18 -5.98 11.21
C GLU A 13 12.38 -6.28 12.11
N ASN A 14 13.59 -6.30 11.56
CA ASN A 14 14.78 -6.58 12.36
C ASN A 14 15.76 -5.42 12.37
N GLU A 15 16.06 -4.85 11.21
CA GLU A 15 17.03 -3.76 11.15
C GLU A 15 16.48 -2.53 11.87
N GLU A 16 17.39 -1.77 12.48
CA GLU A 16 17.01 -0.69 13.38
C GLU A 16 16.87 0.66 12.69
N PHE A 17 17.43 0.83 11.49
CA PHE A 17 17.27 2.09 10.79
C PHE A 17 15.80 2.38 10.50
N PHE A 18 15.09 1.39 9.94
CA PHE A 18 13.66 1.54 9.72
C PHE A 18 12.86 1.41 11.00
N ARG A 19 13.40 0.76 12.03
CA ARG A 19 12.74 0.76 13.32
C ARG A 19 12.68 2.17 13.90
N LYS A 20 13.77 2.93 13.78
CA LYS A 20 13.80 4.30 14.25
C LYS A 20 13.20 5.28 13.25
N LEU A 21 13.02 4.86 12.00
CA LEU A 21 12.38 5.73 11.00
C LEU A 21 10.87 5.54 10.97
N SER A 22 10.40 4.31 11.03
CA SER A 22 8.96 4.03 10.94
C SER A 22 8.31 3.99 12.31
N ARG A 23 8.52 5.03 13.10
CA ARG A 23 7.84 5.21 14.39
C ARG A 23 6.85 6.37 14.35
N GLU A 24 6.25 6.60 13.18
CA GLU A 24 5.33 7.71 12.97
C GLU A 24 5.98 9.03 13.39
N CYS A 25 7.14 9.28 12.80
CA CYS A 25 7.98 10.40 13.20
C CYS A 25 7.36 11.74 12.78
N GLU A 26 7.72 12.78 13.52
CA GLU A 26 7.27 14.13 13.23
C GLU A 26 8.24 14.79 12.25
N ILE A 27 7.70 15.50 11.28
CA ILE A 27 8.50 16.21 10.27
C ILE A 27 8.05 17.65 10.21
N LYS A 28 8.98 18.53 9.85
CA LYS A 28 8.71 19.96 9.75
C LYS A 28 9.46 20.53 8.56
N TYR A 29 8.76 21.30 7.73
CA TYR A 29 9.38 21.90 6.56
C TYR A 29 10.35 22.99 6.99
N THR A 30 11.61 22.81 6.67
CA THR A 30 12.59 23.87 6.87
C THR A 30 12.61 24.79 5.66
N GLY A 31 13.14 26.00 5.88
CA GLY A 31 13.04 27.01 4.84
C GLY A 31 13.44 28.40 5.29
N PHE A 32 12.55 29.37 5.05
CA PHE A 32 12.84 30.79 5.28
C PHE A 32 12.40 31.24 6.66
N ARG A 33 12.59 30.38 7.67
CA ARG A 33 12.17 30.68 9.04
C ARG A 33 12.58 32.07 9.51
N ASP A 34 13.62 32.63 8.90
CA ASP A 34 13.99 34.00 9.23
C ASP A 34 12.88 34.92 8.76
N ARG A 35 12.27 34.60 7.63
CA ARG A 35 11.20 35.42 7.07
C ARG A 35 9.90 35.26 7.84
N PRO A 36 8.96 36.22 7.66
CA PRO A 36 7.67 36.17 8.36
C PRO A 36 6.88 34.93 8.02
N HIS A 37 6.21 34.35 9.00
CA HIS A 37 5.46 33.13 8.76
C HIS A 37 4.41 33.34 7.67
N GLU A 38 3.65 34.43 7.72
CA GLU A 38 2.62 34.57 6.70
C GLU A 38 3.17 34.29 5.30
N GLU A 39 4.24 35.00 4.94
CA GLU A 39 4.82 34.77 3.62
C GLU A 39 5.57 33.46 3.56
N ARG A 40 6.02 32.93 4.71
CA ARG A 40 6.60 31.59 4.72
C ARG A 40 5.57 30.55 4.31
N GLN A 41 4.36 30.63 4.87
CA GLN A 41 3.29 29.74 4.46
C GLN A 41 2.89 29.99 3.02
N ALA A 42 2.87 31.25 2.59
CA ALA A 42 2.54 31.54 1.20
C ALA A 42 3.55 30.91 0.25
N ARG A 43 4.84 31.01 0.58
CA ARG A 43 5.87 30.39 -0.25
C ARG A 43 5.77 28.87 -0.22
N PHE A 44 5.45 28.31 0.95
CA PHE A 44 5.24 26.86 1.01
C PHE A 44 4.10 26.42 0.11
N GLN A 45 3.00 27.17 0.11
CA GLN A 45 1.87 26.81 -0.73
C GLN A 45 2.21 26.93 -2.21
N ASN A 46 2.79 28.07 -2.60
CA ASN A 46 3.06 28.29 -4.02
C ASN A 46 4.29 27.52 -4.51
N ALA A 47 5.01 26.87 -3.61
CA ALA A 47 6.07 25.93 -4.00
C ALA A 47 5.59 24.49 -4.03
N CYS A 48 4.70 24.11 -3.11
CA CYS A 48 4.14 22.76 -3.11
C CYS A 48 3.17 22.57 -4.26
N ARG A 49 2.44 23.62 -4.64
CA ARG A 49 1.46 23.48 -5.71
C ARG A 49 2.13 23.17 -7.05
N ASP A 50 3.28 23.80 -7.32
CA ASP A 50 3.91 23.72 -8.63
C ASP A 50 5.25 23.00 -8.54
N GLY A 51 5.67 22.43 -9.66
CA GLY A 51 6.96 21.78 -9.77
C GLY A 51 8.06 22.66 -10.32
N ARG A 52 8.31 23.81 -9.67
CA ARG A 52 9.34 24.73 -10.13
C ARG A 52 10.17 25.26 -8.96
N SER A 53 10.26 24.49 -7.88
CA SER A 53 11.00 24.89 -6.70
C SER A 53 11.52 23.63 -6.02
N GLU A 54 11.94 23.77 -4.76
CA GLU A 54 12.35 22.63 -3.96
C GLU A 54 11.77 22.78 -2.57
N ILE A 55 11.53 21.65 -1.90
CA ILE A 55 10.99 21.63 -0.55
C ILE A 55 11.64 20.49 0.22
N ALA A 56 11.88 20.72 1.52
CA ALA A 56 12.55 19.76 2.38
C ALA A 56 11.74 19.56 3.65
N PHE A 57 12.04 18.49 4.37
CA PHE A 57 11.36 18.17 5.63
C PHE A 57 12.38 17.55 6.57
N VAL A 58 12.63 18.21 7.71
CA VAL A 58 13.82 17.92 8.52
C VAL A 58 13.61 16.80 9.53
N ALA A 59 12.40 16.26 9.65
CA ALA A 59 12.10 15.16 10.57
C ALA A 59 12.30 15.54 12.03
N THR A 60 12.26 16.84 12.34
CA THR A 60 12.11 17.37 13.70
C THR A 60 13.20 16.83 14.64
N GLY A 61 14.44 17.25 14.37
CA GLY A 61 15.48 17.06 15.36
C GLY A 61 16.85 16.65 14.86
N THR A 62 16.91 15.90 13.77
CA THR A 62 18.16 15.43 13.21
C THR A 62 18.48 16.20 11.93
N ASN A 63 19.58 15.83 11.29
CA ASN A 63 19.94 16.38 9.99
C ASN A 63 19.45 15.51 8.85
N LEU A 64 18.70 14.45 9.16
CA LEU A 64 18.18 13.54 8.14
C LEU A 64 16.90 14.15 7.58
N SER A 65 17.00 14.80 6.43
CA SER A 65 15.88 15.50 5.84
C SER A 65 15.66 15.02 4.42
N LEU A 66 14.40 14.73 4.08
CA LEU A 66 14.05 14.45 2.71
C LEU A 66 14.11 15.74 1.89
N GLN A 67 14.22 15.60 0.58
CA GLN A 67 14.28 16.76 -0.28
C GLN A 67 13.72 16.42 -1.65
N PHE A 68 12.93 17.34 -2.21
CA PHE A 68 12.25 17.15 -3.47
C PHE A 68 12.79 18.13 -4.49
N PHE A 69 13.13 17.63 -5.68
CA PHE A 69 13.61 18.49 -6.75
C PHE A 69 12.73 18.27 -7.99
N PRO A 70 12.59 19.28 -8.84
CA PRO A 70 11.86 19.06 -10.09
C PRO A 70 12.56 18.00 -10.93
N ALA A 71 11.78 17.14 -11.58
CA ALA A 71 12.37 16.09 -12.39
C ALA A 71 13.00 16.61 -13.67
N SER A 72 12.75 17.86 -14.03
CA SER A 72 13.43 18.45 -15.17
C SER A 72 14.88 18.80 -14.86
N TRP A 73 15.24 18.85 -13.57
CA TRP A 73 16.61 19.16 -13.21
C TRP A 73 17.56 18.02 -13.59
N GLN A 74 17.06 16.79 -13.61
CA GLN A 74 17.85 15.64 -14.03
C GLN A 74 17.90 15.58 -15.56
N GLY A 75 18.39 14.48 -16.10
CA GLY A 75 18.47 14.29 -17.53
C GLY A 75 17.17 13.87 -18.16
N GLU A 84 4.96 3.35 -10.34
CA GLU A 84 4.87 4.11 -9.10
C GLU A 84 5.40 5.53 -9.29
N TYR A 85 4.56 6.52 -9.05
CA TYR A 85 4.91 7.91 -9.24
C TYR A 85 4.75 8.67 -7.93
N VAL A 86 5.28 9.88 -7.91
CA VAL A 86 5.32 10.73 -6.73
C VAL A 86 4.08 11.60 -6.68
N ASP A 87 3.65 11.93 -5.46
CA ASP A 87 2.48 12.77 -5.24
C ASP A 87 2.85 13.93 -4.33
N LEU A 88 2.62 15.15 -4.78
CA LEU A 88 2.75 16.33 -3.93
C LEU A 88 1.50 17.18 -3.97
N LYS A 94 -3.33 17.81 -2.97
CA LYS A 94 -3.60 18.12 -1.56
C LYS A 94 -2.43 17.74 -0.67
N VAL A 95 -2.75 17.21 0.50
CA VAL A 95 -1.72 16.86 1.50
C VAL A 95 -1.33 15.42 1.23
N TYR A 96 -0.45 15.25 0.24
CA TYR A 96 0.07 13.94 -0.15
C TYR A 96 1.55 14.08 -0.45
N LEU A 97 2.36 13.19 0.11
CA LEU A 97 3.81 13.25 -0.03
C LEU A 97 4.40 11.87 -0.30
N LYS A 98 3.85 11.17 -1.29
CA LYS A 98 4.37 9.85 -1.64
C LYS A 98 5.80 9.95 -2.14
N ALA A 99 6.64 9.01 -1.68
CA ALA A 99 8.06 9.01 -1.99
C ALA A 99 8.57 7.59 -2.23
N PRO A 100 8.82 7.21 -3.49
CA PRO A 100 9.46 5.92 -3.75
C PRO A 100 10.97 6.00 -3.77
N MET A 101 11.64 5.23 -2.92
CA MET A 101 13.09 5.28 -2.84
C MET A 101 13.60 3.98 -2.23
N ILE A 102 14.75 3.52 -2.73
CA ILE A 102 15.37 2.29 -2.24
C ILE A 102 16.34 2.71 -1.14
N LEU A 103 15.82 2.81 0.08
CA LEU A 103 16.64 3.25 1.21
C LEU A 103 17.40 2.05 1.76
N ASN A 104 18.73 2.17 1.82
CA ASN A 104 19.61 1.16 2.39
C ASN A 104 19.53 -0.16 1.64
N GLY A 105 19.24 -0.11 0.34
CA GLY A 105 19.18 -1.30 -0.49
C GLY A 105 17.85 -2.02 -0.50
N VAL A 106 16.93 -1.66 0.38
CA VAL A 106 15.61 -2.28 0.46
C VAL A 106 14.56 -1.24 0.12
N CYS A 107 13.68 -1.57 -0.81
CA CYS A 107 12.69 -0.62 -1.30
C CYS A 107 11.72 -0.24 -0.18
N VAL A 108 11.44 1.05 -0.05
CA VAL A 108 10.52 1.58 0.94
C VAL A 108 9.64 2.65 0.29
N ILE A 109 8.59 3.03 1.02
CA ILE A 109 7.65 4.06 0.59
C ILE A 109 7.32 4.95 1.78
N TRP A 110 7.35 6.26 1.57
CA TRP A 110 7.16 7.24 2.64
C TRP A 110 5.89 8.03 2.37
N LYS A 111 4.95 7.98 3.32
CA LYS A 111 3.65 8.63 3.17
C LYS A 111 3.41 9.69 4.24
N GLY A 112 4.41 10.54 4.48
CA GLY A 112 4.28 11.55 5.51
C GLY A 112 3.59 12.82 5.05
N TRP A 113 2.33 12.99 5.43
CA TRP A 113 1.60 14.20 5.07
C TRP A 113 2.13 15.40 5.85
N ILE A 114 1.77 16.59 5.37
CA ILE A 114 2.10 17.84 6.05
C ILE A 114 0.80 18.61 6.27
N ASP A 115 0.80 19.45 7.30
CA ASP A 115 -0.37 20.25 7.63
C ASP A 115 -0.06 21.72 7.35
N LEU A 116 -0.93 22.36 6.57
CA LEU A 116 -0.75 23.77 6.27
C LEU A 116 -1.21 24.62 7.46
N GLN A 117 -0.95 25.93 7.35
CA GLN A 117 -1.25 26.92 8.39
C GLN A 117 -0.52 26.62 9.69
N ARG A 118 0.29 25.56 9.70
CA ARG A 118 1.15 25.25 10.84
C ARG A 118 2.55 24.80 10.45
N LEU A 119 2.80 24.43 9.20
CA LEU A 119 4.12 24.00 8.73
C LEU A 119 4.63 22.83 9.58
N ASP A 120 3.76 21.86 9.82
CA ASP A 120 4.11 20.68 10.59
C ASP A 120 3.34 19.50 10.03
N GLY A 121 3.80 18.30 10.37
CA GLY A 121 3.13 17.10 9.89
C GLY A 121 3.74 15.86 10.50
N MET A 122 3.35 14.72 9.95
CA MET A 122 3.80 13.42 10.43
C MET A 122 4.54 12.70 9.30
N GLY A 123 5.00 11.48 9.59
CA GLY A 123 5.70 10.70 8.60
C GLY A 123 5.95 9.26 9.00
N CYS A 124 5.92 8.35 8.02
CA CYS A 124 6.16 6.94 8.28
C CYS A 124 6.60 6.27 6.99
N LEU A 125 7.19 5.09 7.14
CA LEU A 125 7.71 4.32 6.02
C LEU A 125 6.91 3.05 5.83
N GLU A 126 6.74 2.64 4.58
CA GLU A 126 6.04 1.41 4.25
C GLU A 126 6.80 0.67 3.16
N PHE A 127 6.65 -0.65 3.15
CA PHE A 127 7.36 -1.50 2.20
C PHE A 127 6.83 -1.29 0.79
N ASP A 128 7.73 -1.35 -0.19
CA ASP A 128 7.40 -1.21 -1.60
C ASP A 128 7.36 -2.59 -2.23
N GLU A 129 6.20 -3.24 -2.17
CA GLU A 129 6.09 -4.61 -2.67
C GLU A 129 6.25 -4.67 -4.18
N GLU A 130 5.73 -3.68 -4.90
CA GLU A 130 5.76 -3.72 -6.36
C GLU A 130 7.20 -3.76 -6.88
N ARG A 131 8.04 -2.85 -6.39
CA ARG A 131 9.44 -2.86 -6.82
C ARG A 131 10.18 -4.07 -6.27
N ALA A 132 9.79 -4.55 -5.08
CA ALA A 132 10.40 -5.76 -4.54
C ALA A 132 10.17 -6.95 -5.46
N GLN A 133 9.01 -7.01 -6.12
CA GLN A 133 8.72 -8.07 -7.08
C GLN A 133 9.11 -7.71 -8.51
N GLN A 134 9.51 -6.47 -8.78
CA GLN A 134 9.83 -6.06 -10.14
C GLN A 134 11.25 -5.53 -10.34
N GLU A 135 11.94 -5.11 -9.29
CA GLU A 135 13.30 -4.60 -9.48
C GLU A 135 14.25 -5.75 -9.82
N ASP A 136 15.42 -5.39 -10.34
CA ASP A 136 16.38 -6.39 -10.76
C ASP A 136 16.83 -7.24 -9.59
N ALA A 137 16.92 -8.56 -9.81
CA ALA A 137 17.28 -9.48 -8.76
C ALA A 137 18.79 -9.71 -8.67
N LEU A 138 19.48 -9.75 -9.82
CA LEU A 138 20.92 -9.93 -9.80
C LEU A 138 21.62 -8.74 -9.16
N ALA A 139 21.18 -7.52 -9.46
CA ALA A 139 21.76 -6.34 -8.84
C ALA A 139 21.49 -6.32 -7.34
N GLN A 140 20.27 -6.68 -6.93
CA GLN A 140 19.94 -6.72 -5.51
C GLN A 140 20.79 -7.75 -4.78
N GLN A 141 20.99 -8.92 -5.39
CA GLN A 141 21.84 -9.94 -4.79
C GLN A 141 23.29 -9.47 -4.70
N ALA A 142 23.78 -8.79 -5.74
CA ALA A 142 25.13 -8.26 -5.70
C ALA A 142 25.29 -7.25 -4.56
N PHE A 143 24.31 -6.35 -4.41
CA PHE A 143 24.40 -5.38 -3.32
C PHE A 143 24.34 -6.07 -1.97
N GLU A 144 23.48 -7.08 -1.82
CA GLU A 144 23.39 -7.76 -0.53
C GLU A 144 24.68 -8.49 -0.19
N GLU A 145 25.29 -9.14 -1.18
CA GLU A 145 26.58 -9.80 -0.95
C GLU A 145 27.65 -8.79 -0.59
N ALA A 146 27.69 -7.65 -1.28
CA ALA A 146 28.69 -6.63 -0.97
C ALA A 146 28.45 -6.01 0.40
N ARG A 147 27.20 -5.92 0.83
CA ARG A 147 26.88 -5.34 2.13
C ARG A 147 27.19 -6.29 3.27
N ARG A 148 26.98 -7.60 3.06
CA ARG A 148 27.14 -8.56 4.16
C ARG A 148 28.60 -8.75 4.53
N ARG A 149 29.48 -8.84 3.53
CA ARG A 149 30.86 -9.24 3.79
C ARG A 149 31.63 -8.13 4.52
N THR A 150 32.85 -8.48 4.94
CA THR A 150 33.71 -7.60 5.72
C THR A 150 35.11 -7.57 5.12
N ARG A 151 35.76 -6.41 5.19
CA ARG A 151 37.07 -6.26 4.58
C ARG A 151 38.18 -6.87 5.42
N GLU A 152 38.05 -6.84 6.74
CA GLU A 152 39.13 -7.33 7.59
C GLU A 152 39.37 -8.82 7.36
N PHE A 153 40.64 -9.21 7.38
CA PHE A 153 41.06 -10.60 7.19
C PHE A 153 40.50 -11.17 5.89
N GLU A 154 40.62 -10.39 4.82
CA GLU A 154 40.12 -10.81 3.51
C GLU A 154 41.24 -11.04 2.50
N ASP A 155 42.12 -10.06 2.30
CA ASP A 155 43.16 -10.19 1.30
C ASP A 155 44.12 -11.32 1.68
N ARG A 156 44.50 -12.12 0.69
CA ARG A 156 45.24 -13.35 0.94
C ARG A 156 46.72 -13.05 1.16
N ASP A 157 47.23 -13.41 2.34
CA ASP A 157 48.65 -13.28 2.64
C ASP A 157 49.15 -14.52 3.36
N ASN B 5 3.14 18.12 -11.78
CA ASN B 5 4.43 18.53 -11.25
C ASN B 5 5.28 17.31 -10.87
N ARG B 6 6.27 17.01 -11.70
CA ARG B 6 7.14 15.88 -11.43
C ARG B 6 8.15 16.23 -10.35
N TRP B 7 8.74 15.19 -9.75
CA TRP B 7 9.39 15.33 -8.45
C TRP B 7 10.19 14.07 -8.19
N GLN B 8 11.46 14.16 -7.78
CA GLN B 8 12.15 12.97 -7.32
C GLN B 8 12.63 13.18 -5.89
N VAL B 9 12.50 12.15 -5.07
CA VAL B 9 12.77 12.24 -3.65
C VAL B 9 14.18 11.71 -3.40
N MET B 10 15.00 12.50 -2.71
CA MET B 10 16.37 12.12 -2.42
C MET B 10 16.66 12.48 -0.97
N ILE B 11 16.95 11.48 -0.14
CA ILE B 11 17.28 11.72 1.25
C ILE B 11 18.61 12.45 1.33
N VAL B 12 18.67 13.51 2.13
CA VAL B 12 19.90 14.27 2.27
C VAL B 12 20.14 14.54 3.75
N TRP B 13 21.41 14.79 4.07
CA TRP B 13 21.85 15.10 5.43
C TRP B 13 22.40 16.52 5.41
N GLN B 14 21.72 17.43 6.10
CA GLN B 14 22.24 18.79 6.21
C GLN B 14 23.60 18.77 6.87
N VAL B 15 24.55 19.51 6.30
CA VAL B 15 25.93 19.52 6.78
C VAL B 15 26.44 20.95 6.73
N ASP B 16 27.10 21.38 7.80
CA ASP B 16 27.69 22.70 7.84
C ASP B 16 28.76 22.85 6.77
N ARG B 17 28.89 24.06 6.23
CA ARG B 17 29.85 24.28 5.16
C ARG B 17 31.23 23.79 5.52
N MET B 18 31.65 24.09 6.75
CA MET B 18 32.97 23.66 7.19
C MET B 18 33.24 22.22 6.80
N ARG B 19 32.41 21.31 7.27
CA ARG B 19 32.68 19.89 7.03
C ARG B 19 32.81 19.61 5.54
N ILE B 20 31.94 20.22 4.72
CA ILE B 20 31.96 19.91 3.29
C ILE B 20 33.20 20.48 2.62
N ASN B 21 33.61 21.70 3.00
CA ASN B 21 34.82 22.25 2.39
C ASN B 21 36.06 21.49 2.83
N THR B 22 36.11 21.05 4.10
CA THR B 22 37.26 20.25 4.54
C THR B 22 37.25 18.87 3.89
N TRP B 23 36.07 18.30 3.63
CA TRP B 23 35.99 17.03 2.93
C TRP B 23 36.47 17.17 1.49
N LYS B 24 36.08 18.26 0.83
CA LYS B 24 36.56 18.52 -0.53
C LYS B 24 38.08 18.67 -0.54
N ARG B 25 38.61 19.41 0.44
CA ARG B 25 40.06 19.57 0.53
C ARG B 25 40.75 18.22 0.69
N LEU B 26 40.23 17.39 1.61
CA LEU B 26 40.86 16.09 1.87
C LEU B 26 40.80 15.19 0.65
N VAL B 27 39.65 15.14 -0.02
CA VAL B 27 39.51 14.26 -1.19
C VAL B 27 40.46 14.72 -2.28
N LYS B 28 40.49 16.02 -2.56
CA LYS B 28 41.38 16.51 -3.62
C LYS B 28 42.84 16.31 -3.27
N HIS B 29 43.19 16.39 -1.99
CA HIS B 29 44.58 16.17 -1.57
C HIS B 29 44.96 14.70 -1.72
N HIS B 30 44.10 13.81 -1.24
CA HIS B 30 44.42 12.38 -1.28
C HIS B 30 44.45 11.85 -2.70
N MET B 31 43.51 12.29 -3.54
CA MET B 31 43.44 11.77 -4.90
C MET B 31 44.71 12.09 -5.68
N TYR B 32 45.22 13.31 -5.54
CA TYR B 32 46.31 13.80 -6.38
C TYR B 32 47.66 13.78 -5.68
N ILE B 33 47.75 14.35 -4.48
CA ILE B 33 49.04 14.38 -3.77
C ILE B 33 49.36 13.01 -3.19
N SER B 34 48.47 12.48 -2.38
CA SER B 34 48.66 11.14 -1.85
C SER B 34 48.38 10.10 -2.93
N ARG B 35 48.64 8.83 -2.60
CA ARG B 35 48.37 7.73 -3.52
C ARG B 35 47.21 6.86 -3.08
N LYS B 36 46.63 7.14 -1.90
CA LYS B 36 45.54 6.31 -1.40
C LYS B 36 44.30 6.41 -2.28
N ALA B 37 44.02 7.60 -2.81
CA ALA B 37 42.79 7.86 -3.54
C ALA B 37 43.06 8.12 -5.02
N LYS B 38 44.12 7.53 -5.57
CA LYS B 38 44.40 7.75 -6.99
C LYS B 38 43.45 6.98 -7.90
N ASP B 39 42.41 6.34 -7.37
CA ASP B 39 41.47 5.59 -8.18
C ASP B 39 40.09 6.24 -8.30
N TRP B 40 39.81 7.28 -7.53
CA TRP B 40 38.49 7.88 -7.53
C TRP B 40 38.32 8.80 -8.73
N PHE B 41 37.21 9.52 -8.76
CA PHE B 41 36.91 10.50 -9.80
C PHE B 41 36.42 11.78 -9.13
N TYR B 42 36.12 12.79 -9.94
CA TYR B 42 35.64 14.06 -9.41
C TYR B 42 34.86 14.79 -10.50
N ARG B 43 33.64 15.21 -10.15
CA ARG B 43 32.80 15.99 -11.06
C ARG B 43 32.40 17.27 -10.34
N HIS B 44 32.84 18.41 -10.88
CA HIS B 44 32.53 19.71 -10.29
C HIS B 44 31.10 20.09 -10.68
N HIS B 45 30.72 21.34 -10.47
CA HIS B 45 29.35 21.75 -10.76
C HIS B 45 29.18 22.31 -12.17
N TYR B 46 30.23 22.82 -12.79
CA TYR B 46 30.07 23.35 -14.14
C TYR B 46 29.89 22.25 -15.18
N GLU B 47 30.20 21.00 -14.84
CA GLU B 47 29.88 19.86 -15.68
C GLU B 47 28.61 19.14 -15.23
N SER B 48 27.91 19.70 -14.23
CA SER B 48 26.66 19.15 -13.74
C SER B 48 25.62 20.28 -13.76
N THR B 49 24.78 20.28 -14.79
CA THR B 49 23.82 21.37 -14.99
C THR B 49 22.73 21.40 -13.94
N HIS B 50 22.62 20.37 -13.11
CA HIS B 50 21.63 20.36 -12.04
C HIS B 50 21.81 21.61 -11.18
N PRO B 51 20.74 22.34 -10.88
CA PRO B 51 20.90 23.65 -10.23
C PRO B 51 21.52 23.59 -8.85
N LYS B 52 21.51 22.43 -8.18
CA LYS B 52 22.00 22.33 -6.82
C LYS B 52 23.23 21.44 -6.65
N ILE B 53 23.53 20.56 -7.60
CA ILE B 53 24.70 19.69 -7.50
C ILE B 53 25.94 20.57 -7.50
N SER B 54 26.64 20.62 -6.37
CA SER B 54 27.87 21.41 -6.29
C SER B 54 29.10 20.59 -6.62
N SER B 55 29.15 19.35 -6.16
CA SER B 55 30.29 18.47 -6.45
C SER B 55 29.83 17.03 -6.32
N GLU B 56 30.60 16.14 -6.93
CA GLU B 56 30.34 14.70 -6.86
C GLU B 56 31.68 13.99 -6.76
N VAL B 57 31.88 13.22 -5.69
CA VAL B 57 33.08 12.41 -5.53
C VAL B 57 32.72 10.98 -5.88
N HIS B 58 33.19 10.52 -7.04
CA HIS B 58 32.82 9.22 -7.56
C HIS B 58 33.81 8.17 -7.07
N ILE B 59 33.29 7.08 -6.51
CA ILE B 59 34.12 6.01 -5.97
C ILE B 59 33.83 4.74 -6.77
N PRO B 60 34.73 4.32 -7.65
CA PRO B 60 34.54 3.08 -8.43
C PRO B 60 34.77 1.82 -7.60
N LEU B 61 33.74 1.40 -6.87
CA LEU B 61 33.81 0.20 -6.03
C LEU B 61 33.72 -1.04 -6.92
N GLY B 62 34.77 -1.24 -7.72
CA GLY B 62 34.84 -2.39 -8.60
C GLY B 62 33.79 -2.38 -9.70
N ASP B 63 32.84 -3.31 -9.63
CA ASP B 63 31.79 -3.36 -10.64
C ASP B 63 30.79 -2.22 -10.46
N ALA B 64 30.37 -1.98 -9.22
CA ALA B 64 29.48 -0.86 -8.92
C ALA B 64 30.29 0.36 -8.49
N LYS B 65 29.60 1.46 -8.26
CA LYS B 65 30.28 2.68 -7.85
C LYS B 65 29.43 3.45 -6.84
N LEU B 66 30.09 3.91 -5.78
CA LEU B 66 29.48 4.82 -4.82
C LEU B 66 29.66 6.25 -5.31
N VAL B 67 28.62 7.06 -5.14
CA VAL B 67 28.65 8.46 -5.55
C VAL B 67 28.13 9.31 -4.41
N ILE B 68 28.94 10.27 -3.97
CA ILE B 68 28.57 11.21 -2.92
C ILE B 68 28.35 12.57 -3.56
N THR B 69 27.16 13.14 -3.34
CA THR B 69 26.72 14.36 -4.01
C THR B 69 26.54 15.46 -2.97
N THR B 70 27.09 16.64 -3.26
CA THR B 70 27.01 17.78 -2.37
C THR B 70 26.16 18.87 -3.02
N TYR B 71 25.34 19.55 -2.23
CA TYR B 71 24.35 20.47 -2.74
C TYR B 71 24.68 21.91 -2.35
N TRP B 72 24.23 22.86 -3.18
CA TRP B 72 24.62 24.26 -3.08
C TRP B 72 23.67 25.08 -2.21
N GLY B 73 22.40 25.15 -2.60
CA GLY B 73 21.47 26.10 -2.04
C GLY B 73 20.34 25.52 -1.24
N LEU B 74 20.65 24.54 -0.38
CA LEU B 74 19.64 23.99 0.52
C LEU B 74 19.11 25.09 1.44
N HIS B 75 17.85 24.94 1.85
CA HIS B 75 17.20 25.94 2.67
C HIS B 75 17.75 25.94 4.09
N THR B 76 18.73 26.80 4.36
CA THR B 76 19.32 26.96 5.69
C THR B 76 19.83 25.61 6.23
N GLY B 77 20.84 25.08 5.55
CA GLY B 77 21.42 23.80 5.95
C GLY B 77 22.26 23.89 7.20
N LEU B 83 25.82 29.04 3.21
CA LEU B 83 24.43 29.37 2.91
C LEU B 83 23.54 28.15 3.13
N GLY B 84 24.16 27.04 3.50
CA GLY B 84 23.43 25.81 3.78
C GLY B 84 23.57 24.78 2.68
N GLN B 85 24.35 23.74 2.93
CA GLN B 85 24.64 22.71 1.95
C GLN B 85 24.11 21.36 2.43
N GLY B 86 24.03 20.41 1.50
CA GLY B 86 23.54 19.09 1.82
C GLY B 86 24.38 18.02 1.15
N VAL B 87 24.22 16.79 1.61
CA VAL B 87 24.96 15.65 1.10
C VAL B 87 24.04 14.45 1.01
N SER B 88 24.18 13.67 -0.06
CA SER B 88 23.38 12.47 -0.27
C SER B 88 24.27 11.38 -0.85
N ILE B 89 24.25 10.21 -0.22
CA ILE B 89 25.14 9.11 -0.55
C ILE B 89 24.34 8.04 -1.29
N GLU B 90 24.91 7.55 -2.39
CA GLU B 90 24.20 6.60 -3.26
C GLU B 90 25.15 5.48 -3.65
N TRP B 91 24.56 4.34 -4.03
CA TRP B 91 25.27 3.19 -4.58
C TRP B 91 24.66 2.92 -5.96
N ARG B 92 25.23 3.53 -7.00
CA ARG B 92 24.69 3.39 -8.33
C ARG B 92 25.36 2.23 -9.05
N LYS B 93 24.57 1.37 -9.69
CA LYS B 93 25.12 0.27 -10.46
C LYS B 93 24.18 0.00 -11.63
N LYS B 94 24.56 0.47 -12.82
CA LYS B 94 23.90 0.16 -14.07
C LYS B 94 22.39 0.40 -13.98
N ARG B 95 22.04 1.68 -13.81
CA ARG B 95 20.64 2.12 -13.72
C ARG B 95 19.90 1.49 -12.54
N TYR B 96 20.62 1.07 -11.51
CA TYR B 96 20.02 0.61 -10.26
C TYR B 96 20.71 1.37 -9.13
N SER B 97 20.06 2.42 -8.64
CA SER B 97 20.64 3.30 -7.64
C SER B 97 19.87 3.17 -6.34
N THR B 98 20.60 3.04 -5.23
CA THR B 98 20.00 2.91 -3.91
C THR B 98 20.66 3.86 -2.94
N GLN B 99 19.86 4.39 -2.01
CA GLN B 99 20.39 5.23 -0.96
C GLN B 99 21.11 4.39 0.08
N VAL B 100 22.05 5.01 0.79
CA VAL B 100 22.94 4.31 1.69
C VAL B 100 23.26 5.22 2.87
N ASP B 101 23.15 4.71 4.09
CA ASP B 101 23.45 5.49 5.27
C ASP B 101 24.96 5.70 5.39
N PRO B 102 25.40 6.68 6.18
CA PRO B 102 26.85 6.96 6.26
C PRO B 102 27.69 5.77 6.72
N ASP B 103 27.23 5.02 7.72
CA ASP B 103 28.02 3.91 8.24
C ASP B 103 28.23 2.85 7.16
N LEU B 104 27.17 2.50 6.45
CA LEU B 104 27.30 1.50 5.39
C LEU B 104 28.14 2.03 4.23
N ALA B 105 28.06 3.34 3.95
CA ALA B 105 28.89 3.91 2.91
C ALA B 105 30.36 3.80 3.26
N ASP B 106 30.71 4.09 4.51
CA ASP B 106 32.09 3.92 4.95
C ASP B 106 32.51 2.46 4.87
N GLN B 107 31.63 1.55 5.30
CA GLN B 107 31.98 0.12 5.26
C GLN B 107 32.24 -0.34 3.84
N LEU B 108 31.42 0.09 2.89
CA LEU B 108 31.63 -0.28 1.50
C LEU B 108 32.88 0.39 0.93
N ILE B 109 33.20 1.60 1.39
CA ILE B 109 34.42 2.26 0.93
C ILE B 109 35.65 1.49 1.37
N HIS B 110 35.65 1.04 2.63
CA HIS B 110 36.81 0.33 3.17
C HIS B 110 37.02 -1.02 2.50
N LEU B 111 36.00 -1.55 1.83
CA LEU B 111 36.09 -2.90 1.25
C LEU B 111 37.14 -3.00 0.15
N HIS B 112 37.56 -1.89 -0.44
CA HIS B 112 38.44 -2.02 -1.59
C HIS B 112 39.71 -1.18 -1.51
N TYR B 113 39.58 0.08 -1.14
CA TYR B 113 40.74 0.97 -1.20
C TYR B 113 41.62 0.88 0.00
N PHE B 114 41.07 1.17 1.17
CA PHE B 114 41.93 1.21 2.34
C PHE B 114 42.44 -0.16 2.75
N ASP B 115 43.48 -0.16 3.57
CA ASP B 115 44.14 -1.40 3.97
C ASP B 115 43.61 -2.04 5.25
N CYS B 116 43.80 -3.35 5.40
CA CYS B 116 43.37 -4.03 6.61
C CYS B 116 44.31 -5.17 6.95
N PHE B 117 44.33 -5.56 8.22
CA PHE B 117 45.16 -6.69 8.61
C PHE B 117 44.77 -7.85 7.73
N SER B 118 45.72 -8.39 6.98
CA SER B 118 45.40 -9.46 6.05
C SER B 118 45.03 -10.75 6.78
N GLU B 119 44.53 -11.72 6.03
CA GLU B 119 44.12 -12.98 6.65
C GLU B 119 45.25 -13.59 7.48
N SER B 120 46.49 -13.40 7.07
CA SER B 120 47.64 -13.89 7.80
C SER B 120 48.13 -12.92 8.86
N ALA B 121 47.25 -12.05 9.36
CA ALA B 121 47.60 -11.09 10.39
C ALA B 121 47.08 -11.49 11.77
N ILE B 122 46.63 -12.73 11.93
CA ILE B 122 46.14 -13.23 13.21
C ILE B 122 47.13 -14.21 13.83
N ARG B 123 47.52 -15.24 13.08
CA ARG B 123 48.50 -16.18 13.61
C ARG B 123 49.85 -15.53 13.83
N ASN B 124 50.18 -14.50 13.03
CA ASN B 124 51.47 -13.83 13.20
C ASN B 124 51.55 -13.11 14.54
N THR B 125 50.48 -12.39 14.92
CA THR B 125 50.51 -11.71 16.20
C THR B 125 50.27 -12.65 17.36
N ILE B 126 49.52 -13.73 17.15
CA ILE B 126 49.31 -14.70 18.23
C ILE B 126 50.64 -15.34 18.63
N LEU B 127 51.47 -15.68 17.64
CA LEU B 127 52.76 -16.30 17.90
C LEU B 127 53.88 -15.30 18.07
N GLY B 128 53.59 -14.00 18.07
CA GLY B 128 54.57 -12.98 18.39
C GLY B 128 55.31 -12.41 17.19
N ARG B 129 55.10 -12.93 16.00
CA ARG B 129 55.78 -12.39 14.83
C ARG B 129 55.24 -11.02 14.48
N ILE B 130 55.89 -10.38 13.49
CA ILE B 130 55.46 -9.05 13.07
C ILE B 130 54.21 -9.14 12.21
N VAL B 131 53.52 -8.01 12.08
CA VAL B 131 52.35 -7.88 11.23
C VAL B 131 52.70 -6.91 10.11
N SER B 132 52.63 -7.38 8.86
CA SER B 132 53.06 -6.55 7.74
C SER B 132 52.01 -5.49 7.38
N PRO B 133 50.75 -5.84 7.12
CA PRO B 133 49.77 -4.81 6.79
C PRO B 133 49.05 -4.29 8.02
N ARG B 134 48.56 -3.05 7.94
CA ARG B 134 47.78 -2.51 9.04
C ARG B 134 46.45 -1.94 8.56
N CYS B 135 45.71 -1.26 9.45
CA CYS B 135 44.43 -0.69 9.07
C CYS B 135 44.37 0.81 9.32
N GLU B 136 44.73 1.60 8.32
CA GLU B 136 44.69 3.05 8.41
C GLU B 136 43.26 3.58 8.42
N TYR B 137 42.34 2.92 7.73
CA TYR B 137 40.91 3.24 7.79
C TYR B 137 40.31 2.57 9.02
N GLN B 138 40.57 3.16 10.19
CA GLN B 138 39.90 2.69 11.39
C GLN B 138 38.41 2.96 11.30
N ALA B 139 38.03 4.12 10.74
CA ALA B 139 36.63 4.49 10.63
C ALA B 139 35.84 3.56 9.72
N GLY B 140 36.49 2.76 8.90
CA GLY B 140 35.82 1.85 8.01
C GLY B 140 35.33 0.57 8.64
N HIS B 141 35.57 0.41 9.94
CA HIS B 141 35.10 -0.75 10.67
C HIS B 141 33.95 -0.33 11.54
N ASN B 142 32.75 -0.29 10.99
CA ASN B 142 31.59 0.17 11.75
C ASN B 142 31.16 -0.88 12.77
N VAL B 144 29.20 -3.70 14.93
CA VAL B 144 30.26 -4.34 15.71
C VAL B 144 30.95 -5.41 14.87
N GLY B 145 32.25 -5.58 15.10
CA GLY B 145 33.03 -6.54 14.36
C GLY B 145 33.27 -7.83 15.13
N SER B 146 33.91 -8.77 14.45
CA SER B 146 34.27 -10.03 15.09
C SER B 146 35.28 -9.79 16.21
N LEU B 147 35.18 -10.59 17.27
CA LEU B 147 36.02 -10.39 18.43
C LEU B 147 37.50 -10.43 18.08
N GLN B 148 37.84 -11.16 17.01
CA GLN B 148 39.22 -11.15 16.53
C GLN B 148 39.65 -9.75 16.13
N TYR B 149 38.77 -9.00 15.46
CA TYR B 149 39.10 -7.64 15.07
C TYR B 149 39.32 -6.77 16.31
N LEU B 150 38.42 -6.82 17.28
CA LEU B 150 38.55 -5.99 18.46
C LEU B 150 39.84 -6.29 19.21
N ALA B 151 40.13 -7.58 19.40
CA ALA B 151 41.34 -7.98 20.10
C ALA B 151 42.58 -7.51 19.34
N LEU B 152 42.60 -7.74 18.02
CA LEU B 152 43.78 -7.37 17.23
C LEU B 152 44.00 -5.86 17.24
N ALA B 153 42.92 -5.09 17.13
CA ALA B 153 43.05 -3.63 17.16
C ALA B 153 43.56 -3.16 18.51
N ALA B 154 43.15 -3.83 19.59
CA ALA B 154 43.70 -3.48 20.90
C ALA B 154 45.19 -3.82 20.98
N LEU B 155 45.60 -4.98 20.44
CA LEU B 155 47.02 -5.30 20.39
C LEU B 155 47.76 -4.33 19.48
N ILE B 156 47.18 -4.01 18.32
CA ILE B 156 47.82 -3.11 17.37
C ILE B 156 46.98 -1.84 17.24
N LYS B 157 47.29 -0.85 18.08
CA LYS B 157 46.48 0.37 18.11
C LYS B 157 46.92 1.32 17.02
N PRO B 158 46.07 1.66 16.05
CA PRO B 158 46.41 2.57 14.96
C PRO B 158 46.65 4.00 15.44
N ILE B 161 47.13 8.63 9.75
CA ILE B 161 47.57 9.41 8.60
C ILE B 161 47.59 10.89 8.96
N LYS B 162 48.70 11.56 8.65
CA LYS B 162 48.80 12.98 8.96
C LYS B 162 47.78 13.82 8.20
N PRO B 163 47.62 13.69 6.88
CA PRO B 163 46.43 14.25 6.25
C PRO B 163 45.27 13.28 6.32
N PRO B 164 44.22 13.61 7.06
CA PRO B 164 43.24 12.59 7.46
C PRO B 164 42.57 11.92 6.27
N LEU B 165 42.23 10.66 6.46
CA LEU B 165 41.54 9.88 5.44
C LEU B 165 40.11 10.37 5.24
N PRO B 166 39.59 10.35 4.01
CA PRO B 166 38.24 10.85 3.75
C PRO B 166 37.17 9.84 4.14
N SER B 167 36.42 10.16 5.19
CA SER B 167 35.32 9.33 5.65
C SER B 167 34.02 10.09 5.54
N VAL B 168 32.93 9.34 5.38
CA VAL B 168 31.60 9.93 5.21
C VAL B 168 30.76 9.84 6.49
N ARG B 169 31.34 9.37 7.58
CA ARG B 169 30.68 9.46 8.89
C ARG B 169 31.11 10.68 9.68
N LYS B 170 32.33 11.16 9.46
CA LYS B 170 32.74 12.44 10.04
C LYS B 170 31.97 13.60 9.42
N LEU B 171 31.55 13.45 8.16
CA LEU B 171 30.94 14.55 7.44
C LEU B 171 29.48 14.74 7.85
N THR B 172 28.65 13.71 7.67
CA THR B 172 27.23 13.83 7.90
C THR B 172 26.91 14.17 9.35
N GLU B 173 27.83 13.91 10.28
CA GLU B 173 27.63 14.31 11.66
C GLU B 173 27.57 15.83 11.70
N ASP B 174 26.69 16.35 12.58
CA ASP B 174 26.31 17.77 12.57
C ASP B 174 25.79 18.19 11.19
N MET C 1 14.52 -0.21 26.14
CA MET C 1 15.89 -0.54 26.49
C MET C 1 15.99 -1.07 27.91
N ASP C 2 16.66 -2.21 28.07
CA ASP C 2 16.78 -2.89 29.35
C ASP C 2 18.23 -2.92 29.80
N VAL C 3 18.45 -3.48 30.99
CA VAL C 3 19.79 -3.60 31.57
C VAL C 3 20.08 -5.07 31.81
N PHE C 4 21.25 -5.53 31.36
CA PHE C 4 21.64 -6.92 31.47
C PHE C 4 22.41 -7.14 32.77
N LEU C 5 21.95 -8.10 33.57
CA LEU C 5 22.55 -8.43 34.84
C LEU C 5 22.92 -9.90 34.88
N MET C 6 23.89 -10.24 35.72
CA MET C 6 24.42 -11.59 35.82
C MET C 6 24.58 -11.98 37.27
N ILE C 7 24.55 -13.29 37.53
CA ILE C 7 24.57 -13.84 38.88
C ILE C 7 25.96 -14.40 39.17
N ARG C 8 26.46 -14.11 40.37
CA ARG C 8 27.72 -14.66 40.86
C ARG C 8 27.41 -15.52 42.08
N ARG C 9 27.02 -16.77 41.83
CA ARG C 9 26.68 -17.71 42.90
C ARG C 9 27.89 -18.61 43.12
N HIS C 10 28.72 -18.24 44.10
CA HIS C 10 29.88 -19.03 44.49
C HIS C 10 30.73 -19.41 43.28
N LYS C 11 30.54 -20.65 42.81
CA LYS C 11 31.26 -21.13 41.63
C LYS C 11 30.50 -20.85 40.33
N THR C 12 29.21 -20.52 40.43
CA THR C 12 28.37 -20.31 39.25
C THR C 12 28.44 -18.85 38.81
N THR C 13 28.36 -18.65 37.50
CA THR C 13 28.46 -17.33 36.87
C THR C 13 27.37 -17.15 35.81
N ILE C 14 26.12 -17.41 36.20
CA ILE C 14 24.99 -17.33 35.27
C ILE C 14 25.00 -16.01 34.52
N PHE C 15 24.96 -16.08 33.20
CA PHE C 15 24.81 -14.92 32.34
C PHE C 15 23.43 -14.99 31.69
N THR C 16 22.62 -13.95 31.89
CA THR C 16 21.24 -13.95 31.41
C THR C 16 20.82 -12.53 31.10
N ASP C 17 19.53 -12.35 30.83
CA ASP C 17 18.96 -11.07 30.46
C ASP C 17 17.99 -10.59 31.54
N ALA C 18 17.98 -9.28 31.76
CA ALA C 18 17.03 -8.66 32.68
C ALA C 18 16.39 -7.46 31.99
N LYS C 19 15.13 -7.20 32.35
CA LYS C 19 14.43 -6.04 31.83
C LYS C 19 14.68 -4.83 32.72
N GLU C 20 14.42 -3.65 32.15
CA GLU C 20 14.73 -2.40 32.86
C GLU C 20 13.93 -2.26 34.15
N SER C 21 12.65 -2.61 34.11
CA SER C 21 11.76 -2.46 35.26
C SER C 21 11.31 -3.81 35.81
N SER C 22 12.24 -4.76 35.89
CA SER C 22 11.92 -6.06 36.45
C SER C 22 11.77 -5.98 37.96
N THR C 23 10.92 -6.85 38.49
CA THR C 23 10.72 -6.98 39.93
C THR C 23 11.51 -8.18 40.45
N VAL C 24 11.81 -8.15 41.75
CA VAL C 24 12.57 -9.24 42.36
C VAL C 24 11.82 -10.56 42.25
N PHE C 25 10.50 -10.52 42.37
CA PHE C 25 9.66 -11.71 42.30
C PHE C 25 9.86 -12.43 40.98
N GLU C 26 9.72 -11.71 39.86
CA GLU C 26 9.91 -12.34 38.55
C GLU C 26 11.38 -12.64 38.27
N LEU C 27 12.29 -11.90 38.89
CA LEU C 27 13.71 -12.20 38.74
C LEU C 27 14.06 -13.55 39.35
N LYS C 28 13.47 -13.87 40.51
CA LYS C 28 13.81 -15.10 41.20
C LYS C 28 13.16 -16.33 40.57
N ARG C 29 11.94 -16.19 40.03
CA ARG C 29 11.18 -17.37 39.61
C ARG C 29 11.89 -18.11 38.49
N ILE C 30 12.24 -17.42 37.41
CA ILE C 30 12.70 -18.05 36.18
C ILE C 30 14.11 -17.60 35.80
N VAL C 31 14.39 -16.30 35.90
CA VAL C 31 15.65 -15.75 35.39
C VAL C 31 16.84 -16.43 36.05
N GLU C 32 16.76 -16.67 37.36
CA GLU C 32 17.77 -17.43 38.07
C GLU C 32 17.34 -18.87 38.31
N GLY C 33 16.25 -19.32 37.69
CA GLY C 33 15.78 -20.68 37.80
C GLY C 33 16.43 -21.68 36.88
N ILE C 34 17.51 -21.28 36.20
CA ILE C 34 18.21 -22.20 35.29
C ILE C 34 18.77 -23.38 36.05
N LEU C 35 19.37 -23.13 37.21
CA LEU C 35 19.90 -24.18 38.06
C LEU C 35 18.86 -24.75 39.02
N LYS C 36 17.57 -24.60 38.69
CA LYS C 36 16.46 -25.12 39.50
C LYS C 36 16.56 -24.60 40.93
N ARG C 37 16.51 -23.27 41.06
CA ARG C 37 16.68 -22.58 42.33
C ARG C 37 15.47 -21.68 42.57
N PRO C 38 14.39 -22.21 43.12
CA PRO C 38 13.23 -21.38 43.44
C PRO C 38 13.53 -20.48 44.63
N PRO C 39 12.71 -19.44 44.86
CA PRO C 39 12.98 -18.53 45.97
C PRO C 39 13.01 -19.20 47.33
N ASP C 40 12.36 -20.36 47.47
CA ASP C 40 12.40 -21.07 48.74
C ASP C 40 13.83 -21.49 49.07
N GLU C 41 14.18 -21.36 50.36
CA GLU C 41 15.51 -21.72 50.85
C GLU C 41 16.62 -20.99 50.08
N GLN C 42 16.37 -19.73 49.74
CA GLN C 42 17.37 -18.92 49.06
C GLN C 42 17.01 -17.45 49.21
N ARG C 43 18.05 -16.61 49.16
CA ARG C 43 17.88 -15.16 49.21
C ARG C 43 18.96 -14.52 48.37
N LEU C 44 18.58 -13.58 47.50
CA LEU C 44 19.57 -12.85 46.72
C LEU C 44 20.39 -11.93 47.62
N TYR C 45 21.66 -11.79 47.28
CA TYR C 45 22.64 -11.06 48.08
C TYR C 45 23.34 -10.01 47.23
N LYS C 46 22.55 -9.20 46.51
CA LYS C 46 23.08 -8.15 45.66
C LYS C 46 23.90 -7.17 46.49
N ASP C 47 25.21 -7.14 46.26
CA ASP C 47 26.16 -6.32 47.02
C ASP C 47 25.98 -6.52 48.52
N ASP C 48 26.00 -5.42 49.28
CA ASP C 48 25.79 -5.49 50.72
C ASP C 48 24.31 -5.33 51.09
N GLN C 49 23.56 -4.55 50.31
CA GLN C 49 22.13 -4.40 50.57
C GLN C 49 21.36 -5.69 50.38
N LEU C 50 21.90 -6.62 49.59
CA LEU C 50 21.28 -7.91 49.28
C LEU C 50 19.92 -7.74 48.59
N LEU C 51 19.71 -6.59 47.93
CA LEU C 51 18.43 -6.27 47.30
C LEU C 51 17.29 -6.42 48.30
N ASP C 52 17.51 -5.95 49.52
CA ASP C 52 16.60 -6.17 50.63
C ASP C 52 16.31 -7.66 50.77
N ASP C 53 15.04 -8.03 50.71
CA ASP C 53 14.64 -9.42 50.64
C ASP C 53 13.90 -9.78 49.36
N GLY C 54 13.23 -8.83 48.73
CA GLY C 54 12.52 -9.09 47.50
C GLY C 54 11.27 -8.24 47.41
N LYS C 55 10.56 -8.42 46.29
CA LYS C 55 9.30 -7.72 46.02
C LYS C 55 9.48 -6.20 46.12
N THR C 56 10.63 -5.70 45.67
CA THR C 56 10.95 -4.29 45.73
C THR C 56 11.27 -3.81 44.32
N LEU C 57 10.57 -2.77 43.88
CA LEU C 57 10.81 -2.15 42.58
C LEU C 57 11.68 -0.92 42.65
N GLY C 58 12.04 -0.46 43.85
CA GLY C 58 12.85 0.74 43.96
C GLY C 58 14.25 0.56 43.40
N GLU C 59 14.89 -0.57 43.71
CA GLU C 59 16.23 -0.85 43.23
C GLU C 59 16.28 -1.89 42.11
N CYS C 60 15.31 -2.81 42.07
CA CYS C 60 15.28 -3.80 41.00
C CYS C 60 15.09 -3.18 39.63
N GLY C 61 14.51 -1.98 39.57
CA GLY C 61 14.43 -1.25 38.33
C GLY C 61 15.70 -0.45 38.07
N PHE C 62 16.83 -1.16 38.00
CA PHE C 62 18.13 -0.51 37.85
C PHE C 62 18.25 0.12 36.47
N THR C 63 18.95 1.25 36.41
CA THR C 63 19.16 1.94 35.14
C THR C 63 20.08 1.14 34.23
N SER C 64 19.88 1.31 32.92
CA SER C 64 20.71 0.64 31.94
C SER C 64 22.05 1.33 31.72
N GLN C 65 22.25 2.51 32.31
CA GLN C 65 23.48 3.26 32.10
C GLN C 65 24.59 2.88 33.06
N THR C 66 24.25 2.34 34.24
CA THR C 66 25.29 1.97 35.19
C THR C 66 25.96 0.65 34.79
N ALA C 67 25.21 -0.28 34.23
CA ALA C 67 25.71 -1.59 33.83
C ALA C 67 25.69 -1.68 32.31
N ARG C 68 26.76 -1.21 31.68
CA ARG C 68 26.85 -1.31 30.23
C ARG C 68 27.32 -2.69 29.81
N PRO C 69 26.92 -3.14 28.62
CA PRO C 69 27.37 -4.44 28.12
C PRO C 69 28.82 -4.73 28.43
N GLN C 70 29.72 -3.77 28.24
CA GLN C 70 31.13 -4.08 28.45
C GLN C 70 31.38 -4.54 29.89
N ALA C 71 30.79 -3.86 30.86
CA ALA C 71 30.98 -4.19 32.28
C ALA C 71 29.64 -4.16 33.00
N PRO C 72 28.78 -5.14 32.75
CA PRO C 72 27.52 -5.20 33.50
C PRO C 72 27.77 -5.59 34.95
N ALA C 73 26.88 -5.13 35.81
CA ALA C 73 27.04 -5.36 37.24
C ALA C 73 26.79 -6.84 37.57
N THR C 74 27.12 -7.19 38.81
CA THR C 74 26.88 -8.52 39.34
C THR C 74 25.77 -8.47 40.39
N VAL C 75 25.24 -9.65 40.71
CA VAL C 75 24.19 -9.76 41.72
C VAL C 75 24.66 -10.65 42.85
N GLY C 76 24.95 -11.91 42.52
CA GLY C 76 25.36 -12.86 43.53
C GLY C 76 24.18 -13.59 44.15
N LEU C 77 24.47 -14.78 44.69
CA LEU C 77 23.44 -15.61 45.28
C LEU C 77 24.10 -16.62 46.20
N ALA C 78 23.33 -17.09 47.19
CA ALA C 78 23.74 -18.16 48.09
C ALA C 78 22.49 -18.63 48.83
N PHE C 79 22.67 -19.50 49.82
CA PHE C 79 21.55 -20.00 50.62
C PHE C 79 21.67 -19.54 52.06
N CYS C 89 29.70 -17.49 48.86
CA CYS C 89 30.89 -16.66 48.65
C CYS C 89 31.01 -16.25 47.19
N ILE C 90 32.16 -15.67 46.84
CA ILE C 90 32.44 -15.21 45.48
C ILE C 90 33.77 -15.79 45.04
N GLU C 91 33.77 -16.46 43.89
CA GLU C 91 35.00 -17.02 43.35
C GLU C 91 35.77 -15.93 42.61
N PRO C 92 37.05 -15.71 42.97
CA PRO C 92 37.84 -14.71 42.25
C PRO C 92 38.19 -15.15 40.83
N PHE C 93 38.07 -14.24 39.88
CA PHE C 93 38.40 -14.56 38.49
C PHE C 93 39.89 -14.72 38.33
N SER C 94 40.29 -15.50 37.33
CA SER C 94 41.70 -15.78 37.10
C SER C 94 42.46 -14.51 36.74
N SER C 95 43.70 -14.44 37.21
CA SER C 95 44.52 -13.26 36.99
C SER C 95 45.59 -13.52 35.94
N PRO C 96 45.96 -12.50 35.16
CA PRO C 96 46.99 -12.65 34.12
C PRO C 96 48.38 -12.92 34.70
N MET D 1 17.28 -24.65 28.77
CA MET D 1 17.64 -24.40 27.38
C MET D 1 19.01 -23.71 27.29
N TYR D 2 19.58 -23.39 28.43
CA TYR D 2 20.88 -22.74 28.48
C TYR D 2 21.99 -23.73 28.13
N VAL D 3 23.17 -23.19 27.85
CA VAL D 3 24.36 -24.00 27.58
C VAL D 3 25.37 -23.71 28.69
N LYS D 4 25.92 -24.77 29.27
CA LYS D 4 26.84 -24.67 30.39
C LYS D 4 28.26 -24.75 29.86
N LEU D 5 29.00 -23.65 29.95
CA LEU D 5 30.35 -23.55 29.40
C LEU D 5 31.34 -23.63 30.56
N ILE D 6 31.82 -24.84 30.84
CA ILE D 6 32.75 -25.04 31.94
C ILE D 6 34.14 -24.59 31.50
N SER D 7 34.73 -23.68 32.27
CA SER D 7 36.05 -23.15 31.95
C SER D 7 37.13 -24.10 32.46
N SER D 8 38.39 -23.68 32.37
CA SER D 8 39.49 -24.55 32.75
C SER D 8 39.45 -24.89 34.24
N ASP D 9 39.37 -23.87 35.09
CA ASP D 9 39.40 -24.12 36.52
C ASP D 9 38.15 -24.84 37.00
N GLY D 10 36.99 -24.50 36.42
CA GLY D 10 35.75 -25.12 36.81
C GLY D 10 34.60 -24.14 36.89
N HIS D 11 34.88 -22.86 36.68
CA HIS D 11 33.82 -21.86 36.65
C HIS D 11 32.83 -22.18 35.55
N GLU D 12 31.55 -22.05 35.86
CA GLU D 12 30.48 -22.23 34.89
C GLU D 12 30.03 -20.85 34.42
N PHE D 13 30.07 -20.64 33.11
CA PHE D 13 29.70 -19.34 32.56
C PHE D 13 28.42 -19.47 31.76
N ILE D 14 27.42 -20.15 32.35
CA ILE D 14 26.16 -20.47 31.69
C ILE D 14 25.56 -19.24 31.04
N VAL D 15 25.29 -19.33 29.74
CA VAL D 15 24.83 -18.22 28.93
C VAL D 15 23.58 -18.67 28.20
N LYS D 16 22.72 -17.71 27.87
CA LYS D 16 21.53 -18.00 27.08
C LYS D 16 21.92 -18.69 25.78
N ARG D 17 21.09 -19.63 25.35
CA ARG D 17 21.44 -20.45 24.19
C ARG D 17 21.65 -19.60 22.94
N GLU D 18 20.74 -18.67 22.67
CA GLU D 18 20.80 -17.92 21.43
C GLU D 18 22.05 -17.07 21.32
N HIS D 19 22.66 -16.69 22.44
CA HIS D 19 23.91 -15.93 22.37
C HIS D 19 25.08 -16.81 21.94
N ALA D 20 25.14 -18.04 22.48
CA ALA D 20 26.31 -18.89 22.25
C ALA D 20 26.44 -19.32 20.80
N LEU D 21 25.33 -19.45 20.09
CA LEU D 21 25.38 -19.91 18.69
C LEU D 21 25.85 -18.84 17.72
N THR D 22 26.39 -17.72 18.20
CA THR D 22 27.01 -16.75 17.29
C THR D 22 28.41 -17.16 16.88
N SER D 23 29.01 -18.15 17.54
CA SER D 23 30.34 -18.63 17.22
C SER D 23 30.24 -19.98 16.53
N GLY D 24 30.95 -20.13 15.41
CA GLY D 24 30.81 -21.34 14.61
C GLY D 24 31.31 -22.59 15.32
N THR D 25 32.44 -22.47 16.03
CA THR D 25 33.02 -23.63 16.68
C THR D 25 32.11 -24.17 17.78
N ILE D 26 31.44 -23.29 18.53
CA ILE D 26 30.48 -23.76 19.53
C ILE D 26 29.34 -24.52 18.84
N LYS D 27 28.85 -24.00 17.72
CA LYS D 27 27.78 -24.67 17.00
C LYS D 27 28.20 -26.06 16.55
N ALA D 28 29.42 -26.17 16.00
CA ALA D 28 29.91 -27.48 15.57
C ALA D 28 30.23 -28.39 16.75
N MET D 29 30.58 -27.81 17.90
CA MET D 29 30.93 -28.60 19.08
C MET D 29 29.70 -29.22 19.73
N LEU D 30 28.61 -28.46 19.83
CA LEU D 30 27.41 -29.00 20.43
C LEU D 30 26.80 -30.11 19.58
N SER D 31 26.92 -30.00 18.25
CA SER D 31 26.40 -31.03 17.37
C SER D 31 27.21 -32.31 17.50
N GLY D 32 26.52 -33.46 17.41
CA GLY D 32 27.16 -34.74 17.55
C GLY D 32 27.47 -35.07 18.99
N PRO D 33 28.34 -36.07 19.21
CA PRO D 33 28.73 -36.51 20.54
C PRO D 33 30.03 -35.85 21.01
N ASN D 42 23.61 -27.89 28.83
CA ASN D 42 24.47 -28.94 28.30
C ASN D 42 25.81 -28.96 29.04
N GLU D 43 26.88 -29.25 28.32
CA GLU D 43 28.21 -29.30 28.92
C GLU D 43 29.24 -29.07 27.83
N VAL D 44 30.08 -28.05 28.01
CA VAL D 44 31.18 -27.76 27.10
C VAL D 44 32.39 -27.42 27.95
N ASN D 45 33.55 -27.99 27.61
CA ASN D 45 34.76 -27.85 28.41
C ASN D 45 35.79 -26.99 27.68
N PHE D 46 36.31 -25.98 28.38
CA PHE D 46 37.29 -25.05 27.83
C PHE D 46 38.51 -25.03 28.76
N ARG D 47 39.44 -25.97 28.53
CA ARG D 47 40.64 -26.06 29.36
C ARG D 47 41.67 -25.00 28.99
N GLU D 48 41.77 -24.63 27.72
CA GLU D 48 42.72 -23.61 27.31
C GLU D 48 42.18 -22.20 27.53
N ILE D 49 40.90 -22.05 27.78
CA ILE D 49 40.26 -20.75 27.94
C ILE D 49 39.95 -20.55 29.43
N PRO D 50 40.68 -19.69 30.13
CA PRO D 50 40.42 -19.48 31.55
C PRO D 50 39.39 -18.40 31.80
N SER D 51 39.16 -18.07 33.09
CA SER D 51 38.10 -17.13 33.45
C SER D 51 38.33 -15.75 32.83
N HIS D 52 39.54 -15.21 32.98
CA HIS D 52 39.80 -13.85 32.50
C HIS D 52 39.75 -13.73 30.98
N VAL D 53 39.43 -14.80 30.26
CA VAL D 53 39.21 -14.74 28.82
C VAL D 53 37.80 -15.20 28.45
N LEU D 54 37.35 -16.32 29.03
CA LEU D 54 36.01 -16.81 28.73
C LEU D 54 34.93 -15.84 29.22
N SER D 55 35.17 -15.19 30.36
CA SER D 55 34.21 -14.21 30.84
C SER D 55 34.00 -13.11 29.81
N LYS D 56 35.09 -12.55 29.31
CA LYS D 56 34.98 -11.51 28.30
C LYS D 56 34.42 -12.05 27.00
N VAL D 57 34.66 -13.32 26.69
CA VAL D 57 34.13 -13.90 25.45
C VAL D 57 32.60 -13.98 25.51
N CYS D 58 32.06 -14.52 26.60
CA CYS D 58 30.61 -14.58 26.72
C CYS D 58 30.00 -13.19 26.83
N MET D 59 30.69 -12.27 27.52
CA MET D 59 30.21 -10.90 27.63
C MET D 59 30.16 -10.24 26.26
N TYR D 60 31.18 -10.45 25.43
CA TYR D 60 31.13 -10.00 24.06
C TYR D 60 30.01 -10.68 23.29
N PHE D 61 29.72 -11.94 23.61
CA PHE D 61 28.60 -12.60 22.94
C PHE D 61 27.30 -11.84 23.17
N THR D 62 27.03 -11.48 24.43
CA THR D 62 25.83 -10.70 24.72
C THR D 62 25.88 -9.33 24.05
N TYR D 63 27.03 -8.65 24.15
CA TYR D 63 27.16 -7.31 23.59
C TYR D 63 26.93 -7.32 22.09
N LYS D 64 27.43 -8.36 21.41
CA LYS D 64 27.27 -8.45 19.96
C LYS D 64 25.85 -8.84 19.58
N VAL D 65 25.23 -9.75 20.32
CA VAL D 65 23.88 -10.15 19.92
C VAL D 65 22.91 -8.99 20.11
N ARG D 66 23.16 -8.12 21.08
CA ARG D 66 22.23 -7.01 21.24
C ARG D 66 22.60 -5.79 20.38
N TYR D 67 23.86 -5.41 20.33
CA TYR D 67 24.27 -4.26 19.51
C TYR D 67 24.76 -4.69 18.12
N THR D 68 23.94 -5.46 17.39
CA THR D 68 24.29 -5.84 16.04
C THR D 68 23.41 -5.21 14.98
N ASN D 69 22.17 -4.84 15.33
CA ASN D 69 21.27 -4.17 14.39
C ASN D 69 21.13 -2.68 14.66
N SER D 70 21.50 -2.22 15.85
CA SER D 70 21.30 -0.81 16.21
C SER D 70 22.28 0.06 15.43
N SER D 71 21.87 0.49 14.24
CA SER D 71 22.75 1.25 13.35
C SER D 71 22.96 2.68 13.82
N THR D 72 22.22 3.16 14.83
CA THR D 72 22.35 4.53 15.29
C THR D 72 23.75 4.81 15.83
N GLU D 73 24.10 4.19 16.95
CA GLU D 73 25.39 4.42 17.60
C GLU D 73 25.73 3.22 18.45
N ILE D 74 26.81 2.52 18.12
CA ILE D 74 27.25 1.34 18.84
C ILE D 74 28.51 1.69 19.62
N PRO D 75 28.47 1.67 20.96
CA PRO D 75 29.67 1.98 21.73
C PRO D 75 30.72 0.90 21.54
N GLU D 76 31.98 1.32 21.66
CA GLU D 76 33.09 0.41 21.47
C GLU D 76 33.23 -0.52 22.68
N PHE D 77 34.14 -1.48 22.55
CA PHE D 77 34.35 -2.53 23.54
C PHE D 77 35.70 -2.33 24.21
N PRO D 78 35.77 -1.54 25.29
CA PRO D 78 37.07 -1.28 25.92
C PRO D 78 37.58 -2.48 26.69
N ILE D 79 38.66 -3.11 26.22
CA ILE D 79 39.25 -4.24 26.89
C ILE D 79 40.74 -3.96 27.11
N ALA D 80 41.24 -4.34 28.28
CA ALA D 80 42.61 -3.99 28.65
C ALA D 80 43.62 -4.77 27.81
N PRO D 81 44.77 -4.17 27.51
CA PRO D 81 45.84 -4.91 26.82
C PRO D 81 46.48 -6.00 27.68
N GLU D 82 46.19 -6.05 28.98
CA GLU D 82 46.76 -7.08 29.84
C GLU D 82 46.22 -8.47 29.53
N ILE D 83 45.09 -8.56 28.85
CA ILE D 83 44.46 -9.84 28.53
C ILE D 83 44.20 -9.93 27.04
N ALA D 84 44.69 -8.94 26.29
CA ALA D 84 44.33 -8.81 24.88
C ALA D 84 44.85 -9.97 24.04
N LEU D 85 46.08 -10.43 24.30
CA LEU D 85 46.62 -11.53 23.48
C LEU D 85 45.87 -12.83 23.74
N GLU D 86 45.60 -13.14 25.01
CA GLU D 86 44.81 -14.32 25.31
C GLU D 86 43.40 -14.19 24.73
N LEU D 87 42.86 -12.98 24.70
CA LEU D 87 41.54 -12.79 24.11
C LEU D 87 41.58 -13.00 22.61
N LEU D 88 42.67 -12.61 21.95
CA LEU D 88 42.79 -12.93 20.52
C LEU D 88 42.89 -14.44 20.32
N MET D 89 43.60 -15.14 21.20
CA MET D 89 43.67 -16.59 21.09
C MET D 89 42.29 -17.23 21.23
N ALA D 90 41.51 -16.77 22.22
CA ALA D 90 40.16 -17.29 22.40
C ALA D 90 39.27 -16.94 21.23
N ALA D 91 39.41 -15.74 20.67
CA ALA D 91 38.61 -15.37 19.51
C ALA D 91 39.04 -16.10 18.25
N ASN D 92 40.28 -16.58 18.21
CA ASN D 92 40.71 -17.43 17.10
C ASN D 92 40.16 -18.84 17.25
N PHE D 93 40.04 -19.34 18.48
CA PHE D 93 39.47 -20.67 18.70
C PHE D 93 37.97 -20.65 18.47
N LEU D 94 37.24 -19.88 19.27
CA LEU D 94 35.79 -19.93 19.24
C LEU D 94 35.22 -19.31 17.97
N ASP D 95 35.40 -18.00 17.81
CA ASP D 95 34.87 -17.29 16.66
C ASP D 95 35.51 -17.78 15.36
N SER E 6 56.86 -25.93 20.53
CA SER E 6 56.12 -26.46 21.66
C SER E 6 55.03 -27.42 21.21
N LEU E 7 54.10 -26.91 20.41
CA LEU E 7 53.00 -27.70 19.88
C LEU E 7 53.27 -28.02 18.41
N GLN E 8 53.27 -29.31 18.08
CA GLN E 8 53.48 -29.75 16.71
C GLN E 8 52.57 -30.92 16.42
N PHE E 9 52.39 -31.21 15.12
CA PHE E 9 51.51 -32.30 14.72
C PHE E 9 52.00 -33.63 15.28
N GLU E 10 53.30 -33.89 15.15
CA GLU E 10 53.86 -35.16 15.59
C GLU E 10 53.79 -35.34 17.10
N ASP E 11 53.75 -34.24 17.86
CA ASP E 11 53.72 -34.35 19.31
C ASP E 11 52.35 -34.76 19.85
N LYS E 12 51.29 -34.63 19.05
CA LYS E 12 49.94 -34.94 19.51
C LYS E 12 49.13 -35.82 18.57
N TRP E 13 49.62 -36.06 17.35
CA TRP E 13 48.87 -36.91 16.42
C TRP E 13 48.71 -38.33 16.96
N ASP E 14 49.65 -38.77 17.80
CA ASP E 14 49.53 -40.10 18.40
C ASP E 14 48.27 -40.20 19.26
N PHE E 15 47.97 -39.15 20.02
CA PHE E 15 46.72 -39.12 20.77
C PHE E 15 45.54 -38.81 19.87
N MET E 16 45.77 -38.09 18.78
CA MET E 16 44.68 -37.71 17.87
C MET E 16 44.09 -38.93 17.17
N ARG E 17 44.95 -39.84 16.71
CA ARG E 17 44.52 -40.91 15.82
C ARG E 17 43.45 -41.82 16.42
N PRO E 18 43.55 -42.32 17.65
CA PRO E 18 42.51 -43.24 18.14
C PRO E 18 41.12 -42.65 18.13
N ILE E 19 40.98 -41.36 18.48
CA ILE E 19 39.65 -40.76 18.48
C ILE E 19 39.13 -40.59 17.06
N VAL E 20 40.03 -40.29 16.11
CA VAL E 20 39.61 -40.20 14.71
C VAL E 20 39.11 -41.55 14.23
N LEU E 21 39.82 -42.63 14.57
CA LEU E 21 39.39 -43.96 14.17
C LEU E 21 38.08 -44.35 14.83
N LYS E 22 37.91 -44.00 16.12
CA LYS E 22 36.66 -44.31 16.80
C LYS E 22 35.48 -43.59 16.17
N LEU E 23 35.68 -42.32 15.78
CA LEU E 23 34.63 -41.60 15.07
C LEU E 23 34.37 -42.22 13.70
N LEU E 24 35.42 -42.65 13.01
CA LEU E 24 35.28 -43.16 11.65
C LEU E 24 34.54 -44.48 11.62
N ARG E 25 34.95 -45.43 12.46
CA ARG E 25 34.52 -46.82 12.38
C ARG E 25 33.20 -47.07 13.10
N GLN E 26 32.42 -46.03 13.39
CA GLN E 26 31.14 -46.16 14.06
C GLN E 26 31.27 -46.91 15.38
N GLU E 27 32.06 -46.34 16.29
CA GLU E 27 32.27 -46.88 17.61
C GLU E 27 31.74 -45.90 18.66
N SER E 28 31.56 -46.40 19.87
CA SER E 28 31.10 -45.56 20.97
C SER E 28 32.17 -44.51 21.30
N VAL E 29 31.72 -43.28 21.54
CA VAL E 29 32.60 -42.15 21.81
C VAL E 29 32.08 -41.39 23.02
N THR E 30 32.85 -40.40 23.46
CA THR E 30 32.53 -39.61 24.63
C THR E 30 32.65 -38.13 24.29
N LYS E 31 31.87 -37.32 25.01
CA LYS E 31 31.88 -35.87 24.77
C LYS E 31 33.21 -35.24 25.18
N GLN E 32 33.74 -35.63 26.33
CA GLN E 32 34.98 -35.02 26.82
C GLN E 32 36.13 -35.25 25.86
N GLN E 33 36.27 -36.48 25.36
CA GLN E 33 37.30 -36.76 24.36
C GLN E 33 37.05 -35.95 23.09
N TRP E 34 35.78 -35.75 22.75
CA TRP E 34 35.44 -34.97 21.55
C TRP E 34 35.89 -33.52 21.70
N PHE E 35 35.65 -32.92 22.86
CA PHE E 35 36.08 -31.53 23.07
C PHE E 35 37.59 -31.42 23.16
N ASP E 36 38.25 -32.41 23.76
CA ASP E 36 39.71 -32.43 23.77
C ASP E 36 40.25 -32.54 22.36
N LEU E 37 39.60 -33.34 21.51
CA LEU E 37 39.99 -33.44 20.11
C LEU E 37 39.81 -32.10 19.39
N PHE E 38 38.71 -31.40 19.68
CA PHE E 38 38.52 -30.06 19.12
C PHE E 38 39.68 -29.14 19.49
N SER E 39 40.01 -29.06 20.78
CA SER E 39 41.07 -28.17 21.22
C SER E 39 42.41 -28.58 20.60
N ASP E 40 42.68 -29.88 20.54
CA ASP E 40 43.94 -30.35 19.98
C ASP E 40 44.06 -30.02 18.50
N VAL E 41 42.99 -30.22 17.72
CA VAL E 41 43.08 -29.93 16.30
C VAL E 41 43.25 -28.43 16.08
N HIS E 42 42.58 -27.61 16.88
CA HIS E 42 42.79 -26.17 16.74
C HIS E 42 44.23 -25.78 17.05
N ALA E 43 44.77 -26.30 18.16
CA ALA E 43 46.12 -25.92 18.56
C ALA E 43 47.15 -26.39 17.54
N VAL E 44 46.98 -27.60 17.00
CA VAL E 44 47.91 -28.09 15.99
C VAL E 44 47.78 -27.29 14.70
N CYS E 45 46.55 -26.92 14.33
CA CYS E 45 46.36 -26.11 13.14
C CYS E 45 47.02 -24.75 13.28
N LEU E 46 47.01 -24.19 14.49
CA LEU E 46 47.59 -22.86 14.70
C LEU E 46 49.11 -22.92 14.77
N TRP E 47 49.65 -23.67 15.73
CA TRP E 47 51.06 -23.53 16.08
C TRP E 47 51.97 -24.11 15.00
N ASP E 48 51.74 -25.36 14.62
CA ASP E 48 52.61 -26.00 13.63
C ASP E 48 52.43 -25.32 12.28
N ASP E 49 53.56 -24.95 11.66
CA ASP E 49 53.51 -24.29 10.36
C ASP E 49 52.90 -25.21 9.31
N LYS E 50 53.29 -26.49 9.32
CA LYS E 50 52.77 -27.48 8.40
C LYS E 50 51.71 -28.36 9.04
N GLY E 51 51.18 -27.95 10.20
CA GLY E 51 50.22 -28.73 10.93
C GLY E 51 48.95 -29.05 10.17
N PRO E 52 48.33 -28.04 9.54
CA PRO E 52 47.12 -28.32 8.74
C PRO E 52 47.36 -29.33 7.63
N ALA E 53 48.49 -29.25 6.92
CA ALA E 53 48.76 -30.17 5.83
C ALA E 53 48.95 -31.59 6.36
N LYS E 54 49.68 -31.74 7.46
CA LYS E 54 49.87 -33.07 8.05
C LYS E 54 48.55 -33.64 8.54
N ILE E 55 47.70 -32.79 9.12
CA ILE E 55 46.37 -33.24 9.54
C ILE E 55 45.58 -33.72 8.34
N HIS E 56 45.61 -32.97 7.24
CA HIS E 56 44.86 -33.35 6.05
C HIS E 56 45.34 -34.68 5.49
N GLN E 57 46.67 -34.87 5.40
CA GLN E 57 47.18 -36.11 4.83
C GLN E 57 46.90 -37.30 5.74
N ALA E 58 47.00 -37.11 7.06
CA ALA E 58 46.64 -38.19 7.97
C ALA E 58 45.17 -38.55 7.84
N LEU E 59 44.30 -37.53 7.74
CA LEU E 59 42.88 -37.77 7.57
C LEU E 59 42.60 -38.54 6.29
N LYS E 60 43.23 -38.14 5.19
CA LYS E 60 42.99 -38.82 3.91
C LYS E 60 43.51 -40.26 3.97
N GLU E 61 44.64 -40.49 4.64
CA GLU E 61 45.16 -41.85 4.76
C GLU E 61 44.20 -42.72 5.56
N ASP E 62 43.72 -42.23 6.69
CA ASP E 62 42.78 -43.01 7.50
C ASP E 62 41.48 -43.26 6.76
N ILE E 63 40.99 -42.25 6.04
CA ILE E 63 39.76 -42.40 5.27
C ILE E 63 39.93 -43.48 4.21
N LEU E 64 41.05 -43.44 3.48
CA LEU E 64 41.30 -44.44 2.44
C LEU E 64 41.41 -45.83 3.03
N GLU E 65 42.11 -45.97 4.16
CA GLU E 65 42.26 -47.28 4.78
C GLU E 65 40.90 -47.85 5.20
N PHE E 66 40.09 -47.04 5.88
CA PHE E 66 38.79 -47.54 6.33
C PHE E 66 37.87 -47.82 5.15
N ILE E 67 37.93 -47.01 4.10
CA ILE E 67 37.11 -47.25 2.92
C ILE E 67 37.52 -48.55 2.24
N LYS E 68 38.83 -48.81 2.16
CA LYS E 68 39.29 -50.07 1.60
C LYS E 68 38.82 -51.25 2.43
N GLN E 69 38.89 -51.14 3.76
CA GLN E 69 38.41 -52.21 4.62
C GLN E 69 36.93 -52.48 4.41
N ALA E 70 36.13 -51.41 4.37
CA ALA E 70 34.69 -51.56 4.18
C ALA E 70 34.37 -52.15 2.81
N GLN E 71 35.09 -51.72 1.77
CA GLN E 71 34.88 -52.26 0.44
C GLN E 71 35.23 -53.75 0.39
N ALA E 72 36.34 -54.13 1.00
CA ALA E 72 36.72 -55.54 1.06
C ALA E 72 35.67 -56.36 1.79
N ARG E 73 35.12 -55.81 2.87
CA ARG E 73 34.03 -56.50 3.57
C ARG E 73 32.81 -56.64 2.67
N VAL E 74 32.46 -55.59 1.94
CA VAL E 74 31.22 -55.60 1.15
C VAL E 74 31.32 -56.58 0.00
N LEU E 75 32.45 -56.57 -0.71
CA LEU E 75 32.59 -57.48 -1.86
C LEU E 75 32.67 -58.95 -1.45
N SER E 76 32.82 -59.24 -0.16
CA SER E 76 32.88 -60.63 0.28
C SER E 76 31.59 -61.38 -0.05
N HIS E 77 30.45 -60.74 0.16
CA HIS E 77 29.15 -61.37 -0.13
C HIS E 77 28.94 -61.40 -1.63
N GLN E 78 29.11 -62.58 -2.23
CA GLN E 78 28.87 -62.73 -3.66
C GLN E 78 27.38 -62.78 -3.97
N ASP E 79 26.56 -63.22 -3.02
CA ASP E 79 25.12 -63.25 -3.23
C ASP E 79 24.57 -61.84 -3.35
N ASP E 80 23.66 -61.64 -4.31
CA ASP E 80 23.16 -60.31 -4.60
C ASP E 80 22.39 -59.73 -3.43
N THR E 81 21.49 -60.51 -2.83
CA THR E 81 20.69 -59.99 -1.72
C THR E 81 21.54 -59.76 -0.48
N ALA E 82 22.46 -60.68 -0.17
CA ALA E 82 23.35 -60.49 0.95
C ALA E 82 24.25 -59.27 0.74
N LEU E 83 24.76 -59.11 -0.49
CA LEU E 83 25.56 -57.93 -0.80
C LEU E 83 24.73 -56.66 -0.63
N LEU E 84 23.46 -56.69 -1.05
CA LEU E 84 22.60 -55.52 -0.91
C LEU E 84 22.40 -55.16 0.56
N LYS E 85 22.08 -56.15 1.40
CA LYS E 85 21.83 -55.85 2.81
C LYS E 85 23.10 -55.38 3.51
N ALA E 86 24.24 -56.01 3.22
CA ALA E 86 25.50 -55.56 3.79
C ALA E 86 25.82 -54.15 3.33
N TYR E 87 25.58 -53.85 2.05
CA TYR E 87 25.87 -52.52 1.52
C TYR E 87 24.99 -51.47 2.17
N ILE E 88 23.71 -51.75 2.37
CA ILE E 88 22.83 -50.73 2.96
C ILE E 88 23.20 -50.50 4.42
N VAL E 89 23.51 -51.56 5.16
CA VAL E 89 23.90 -51.38 6.56
C VAL E 89 25.20 -50.56 6.64
N GLU E 90 26.20 -50.96 5.84
CA GLU E 90 27.48 -50.26 5.87
C GLU E 90 27.35 -48.83 5.40
N TRP E 91 26.50 -48.59 4.39
CA TRP E 91 26.33 -47.23 3.92
C TRP E 91 25.60 -46.37 4.94
N ARG E 92 24.63 -46.94 5.65
CA ARG E 92 23.93 -46.16 6.67
C ARG E 92 24.90 -45.75 7.77
N LYS E 93 25.71 -46.70 8.25
CA LYS E 93 26.67 -46.33 9.29
C LYS E 93 27.71 -45.34 8.76
N PHE E 94 28.16 -45.53 7.52
CA PHE E 94 29.15 -44.63 6.93
C PHE E 94 28.58 -43.23 6.75
N PHE E 95 27.32 -43.13 6.35
CA PHE E 95 26.71 -41.82 6.13
C PHE E 95 26.44 -41.11 7.45
N THR E 96 26.06 -41.87 8.48
CA THR E 96 25.97 -41.25 9.80
C THR E 96 27.32 -40.69 10.23
N GLN E 97 28.39 -41.46 10.02
CA GLN E 97 29.72 -40.96 10.35
C GLN E 97 30.08 -39.72 9.53
N CYS E 98 29.78 -39.75 8.22
CA CYS E 98 30.09 -38.61 7.36
C CYS E 98 29.28 -37.38 7.73
N ASP E 99 28.12 -37.58 8.35
CA ASP E 99 27.39 -36.45 8.93
C ASP E 99 28.03 -35.98 10.23
N ILE E 100 28.62 -36.88 10.99
CA ILE E 100 29.23 -36.53 12.27
C ILE E 100 30.69 -36.11 12.11
N LEU E 101 31.42 -36.78 11.21
CA LEU E 101 32.87 -36.60 11.15
C LEU E 101 33.35 -35.18 10.84
N PRO E 102 32.80 -34.43 9.88
CA PRO E 102 33.47 -33.18 9.48
C PRO E 102 33.36 -32.06 10.50
N LYS E 103 32.58 -32.22 11.56
CA LYS E 103 32.43 -31.16 12.55
C LYS E 103 33.73 -30.84 13.28
N PRO E 104 34.51 -31.83 13.76
CA PRO E 104 35.77 -31.48 14.43
C PRO E 104 36.73 -30.63 13.61
N PHE E 105 36.85 -30.88 12.31
CA PHE E 105 37.90 -30.21 11.55
C PHE E 105 37.42 -28.90 10.92
N CYS E 106 36.74 -28.09 11.74
CA CYS E 106 36.27 -26.79 11.28
C CYS E 106 37.43 -25.83 11.07
N GLN E 107 38.41 -25.85 11.99
CA GLN E 107 39.59 -25.00 11.82
C GLN E 107 40.38 -25.40 10.58
N LEU E 108 40.52 -26.70 10.34
CA LEU E 108 41.21 -27.16 9.14
C LEU E 108 40.47 -26.71 7.88
N GLU E 109 39.14 -26.81 7.88
CA GLU E 109 38.37 -26.36 6.73
C GLU E 109 38.54 -24.85 6.52
N ILE E 110 38.51 -24.07 7.61
CA ILE E 110 38.61 -22.63 7.49
C ILE E 110 39.97 -22.21 6.96
N THR E 111 41.04 -22.83 7.48
CA THR E 111 42.39 -22.46 7.05
C THR E 111 42.59 -22.73 5.56
N LEU E 112 42.12 -23.88 5.09
CA LEU E 112 42.22 -24.21 3.67
C LEU E 112 40.90 -23.90 2.97
N SER E 127 32.03 -28.55 3.34
CA SER E 127 33.16 -29.10 4.07
C SER E 127 33.97 -30.05 3.21
N ILE E 128 35.30 -29.87 3.19
CA ILE E 128 36.16 -30.75 2.41
C ILE E 128 36.14 -32.16 2.97
N VAL E 129 35.85 -32.32 4.27
CA VAL E 129 35.82 -33.65 4.86
C VAL E 129 34.63 -34.46 4.34
N ARG E 130 33.45 -33.83 4.29
CA ARG E 130 32.28 -34.54 3.80
C ARG E 130 32.45 -34.91 2.33
N LYS E 131 33.01 -34.00 1.53
CA LYS E 131 33.28 -34.32 0.13
C LYS E 131 34.31 -35.42 0.01
N LEU E 132 35.33 -35.41 0.86
CA LEU E 132 36.34 -36.46 0.84
C LEU E 132 35.70 -37.82 1.11
N MET E 133 34.89 -37.92 2.15
CA MET E 133 34.21 -39.18 2.46
C MET E 133 33.32 -39.63 1.32
N LEU E 134 32.51 -38.71 0.80
CA LEU E 134 31.56 -39.08 -0.25
C LEU E 134 32.29 -39.56 -1.50
N ASP E 135 33.32 -38.82 -1.92
CA ASP E 135 34.05 -39.20 -3.12
C ASP E 135 34.80 -40.51 -2.93
N THR E 136 35.41 -40.72 -1.76
CA THR E 136 36.12 -41.96 -1.52
C THR E 136 35.17 -43.15 -1.57
N TRP E 137 34.04 -43.06 -0.88
CA TRP E 137 33.08 -44.17 -0.91
C TRP E 137 32.55 -44.39 -2.32
N ASN E 138 32.27 -43.30 -3.04
CA ASN E 138 31.79 -43.41 -4.42
C ASN E 138 32.79 -44.18 -5.26
N GLU E 139 33.99 -43.63 -5.43
CA GLU E 139 35.00 -44.26 -6.27
C GLU E 139 35.42 -45.64 -5.76
N SER E 140 35.14 -45.95 -4.48
CA SER E 140 35.47 -47.26 -3.97
C SER E 140 34.45 -48.31 -4.36
N ILE E 141 33.16 -48.07 -4.06
CA ILE E 141 32.14 -49.10 -4.17
C ILE E 141 31.07 -48.74 -5.19
N PHE E 142 30.63 -47.48 -5.23
CA PHE E 142 29.51 -47.13 -6.07
C PHE E 142 29.87 -47.26 -7.55
N SER E 143 31.06 -46.80 -7.93
CA SER E 143 31.48 -46.84 -9.32
C SER E 143 31.50 -48.26 -9.88
N ASN E 144 31.58 -49.27 -9.01
CA ASN E 144 31.60 -50.66 -9.48
C ASN E 144 30.30 -51.41 -9.27
N ILE E 145 29.46 -51.02 -8.30
CA ILE E 145 28.23 -51.78 -8.09
C ILE E 145 26.97 -50.93 -8.26
N LYS E 146 27.08 -49.79 -8.95
CA LYS E 146 25.88 -48.96 -9.14
C LYS E 146 24.82 -49.70 -9.96
N ASN E 147 25.22 -50.39 -11.02
CA ASN E 147 24.27 -51.11 -11.85
C ASN E 147 23.60 -52.25 -11.07
N ARG E 148 24.39 -52.98 -10.27
CA ARG E 148 23.83 -54.06 -9.47
C ARG E 148 22.84 -53.52 -8.46
N LEU E 149 23.20 -52.43 -7.77
CA LEU E 149 22.27 -51.83 -6.81
C LEU E 149 21.01 -51.36 -7.51
N GLN E 150 21.14 -50.76 -8.69
CA GLN E 150 19.97 -50.28 -9.42
C GLN E 150 19.03 -51.42 -9.77
N ASP E 151 19.56 -52.48 -10.39
CA ASP E 151 18.69 -53.58 -10.82
C ASP E 151 18.08 -54.30 -9.62
N SER E 152 18.84 -54.46 -8.53
CA SER E 152 18.27 -55.05 -7.33
C SER E 152 17.15 -54.18 -6.77
N ALA E 153 17.32 -52.86 -6.81
CA ALA E 153 16.28 -51.96 -6.34
C ALA E 153 15.01 -52.08 -7.16
N MET E 154 15.15 -52.16 -8.50
CA MET E 154 13.95 -52.34 -9.32
C MET E 154 13.30 -53.69 -9.07
N LYS E 155 14.10 -54.74 -8.89
CA LYS E 155 13.52 -56.05 -8.59
C LYS E 155 12.73 -56.00 -7.28
N LEU E 156 13.32 -55.39 -6.24
CA LEU E 156 12.64 -55.31 -4.96
C LEU E 156 11.36 -54.47 -5.06
N VAL E 157 11.41 -53.35 -5.78
CA VAL E 157 10.24 -52.49 -5.86
C VAL E 157 9.13 -53.14 -6.68
N HIS E 158 9.49 -53.90 -7.72
CA HIS E 158 8.45 -54.56 -8.50
C HIS E 158 7.87 -55.75 -7.75
N ALA E 159 8.67 -56.43 -6.93
CA ALA E 159 8.12 -57.44 -6.05
C ALA E 159 7.19 -56.82 -5.02
N GLU E 160 7.56 -55.65 -4.49
CA GLU E 160 6.71 -54.97 -3.53
C GLU E 160 5.39 -54.55 -4.15
N ARG E 161 5.42 -54.03 -5.39
CA ARG E 161 4.19 -53.64 -6.04
C ARG E 161 3.31 -54.84 -6.38
N LEU E 162 3.93 -56.02 -6.56
CA LEU E 162 3.15 -57.22 -6.82
C LEU E 162 2.32 -57.63 -5.61
N GLY E 163 2.74 -57.24 -4.41
CA GLY E 163 1.98 -57.54 -3.21
C GLY E 163 2.81 -58.11 -2.08
N GLU E 164 4.11 -58.28 -2.32
CA GLU E 164 5.03 -58.83 -1.32
C GLU E 164 5.77 -57.67 -0.67
N ALA E 165 5.31 -57.27 0.52
CA ALA E 165 5.94 -56.17 1.23
C ALA E 165 7.35 -56.55 1.66
N PHE E 166 8.28 -55.61 1.54
CA PHE E 166 9.68 -55.85 1.88
C PHE E 166 10.24 -54.71 2.71
N ASP E 167 11.56 -54.73 2.93
CA ASP E 167 12.22 -53.70 3.73
C ASP E 167 12.39 -52.44 2.88
N SER E 168 11.58 -51.42 3.18
CA SER E 168 11.63 -50.18 2.41
C SER E 168 12.94 -49.45 2.61
N GLN E 169 13.56 -49.60 3.78
CA GLN E 169 14.78 -48.86 4.10
C GLN E 169 15.89 -49.18 3.10
N LEU E 170 15.92 -50.39 2.55
CA LEU E 170 16.94 -50.74 1.58
C LEU E 170 16.84 -49.86 0.34
N VAL E 171 15.64 -49.77 -0.24
CA VAL E 171 15.47 -48.96 -1.45
C VAL E 171 15.63 -47.48 -1.13
N ILE E 172 15.16 -47.05 0.04
CA ILE E 172 15.33 -45.64 0.42
C ILE E 172 16.81 -45.30 0.53
N GLY E 173 17.61 -46.19 1.14
CA GLY E 173 19.03 -45.94 1.23
C GLY E 173 19.72 -45.98 -0.12
N VAL E 174 19.27 -46.86 -1.01
CA VAL E 174 19.82 -46.89 -2.37
C VAL E 174 19.57 -45.55 -3.06
N ARG E 175 18.34 -45.05 -2.96
CA ARG E 175 17.99 -43.79 -3.59
C ARG E 175 18.80 -42.64 -3.00
N GLU E 176 18.92 -42.59 -1.68
CA GLU E 176 19.64 -41.48 -1.06
C GLU E 176 21.13 -41.57 -1.30
N SER E 177 21.68 -42.78 -1.45
CA SER E 177 23.07 -42.91 -1.89
C SER E 177 23.23 -42.40 -3.31
N TYR E 178 22.24 -42.65 -4.17
CA TYR E 178 22.30 -42.10 -5.52
C TYR E 178 22.28 -40.58 -5.49
N VAL E 179 21.43 -39.99 -4.64
CA VAL E 179 21.33 -38.53 -4.61
C VAL E 179 22.57 -37.91 -3.99
N ASN E 180 23.19 -38.59 -3.03
CA ASN E 180 24.27 -37.97 -2.25
C ASN E 180 25.65 -38.20 -2.87
N LEU E 181 25.90 -39.38 -3.42
CA LEU E 181 27.22 -39.73 -3.94
C LEU E 181 27.43 -39.31 -5.38
N CYS E 182 26.67 -38.32 -5.87
CA CYS E 182 26.84 -37.83 -7.22
C CYS E 182 28.13 -37.02 -7.32
N SER E 183 29.12 -37.55 -8.04
CA SER E 183 30.39 -36.87 -8.18
C SER E 183 30.28 -35.61 -9.02
N ASN E 184 29.33 -35.57 -9.95
CA ASN E 184 29.17 -34.42 -10.82
C ASN E 184 28.66 -33.23 -10.02
N PRO E 185 29.38 -32.11 -10.00
CA PRO E 185 28.96 -30.96 -9.18
C PRO E 185 28.00 -30.00 -9.87
N GLU E 186 27.63 -30.25 -11.12
CA GLU E 186 26.69 -29.36 -11.80
C GLU E 186 25.32 -29.39 -11.13
N ASP E 187 24.85 -30.58 -10.75
CA ASP E 187 23.60 -30.72 -10.04
C ASP E 187 23.76 -31.80 -8.97
N LYS E 188 23.11 -31.58 -7.82
CA LYS E 188 23.25 -32.48 -6.70
C LYS E 188 22.74 -33.88 -7.03
N LEU E 189 21.61 -33.97 -7.73
CA LEU E 189 20.94 -35.23 -7.98
C LEU E 189 20.90 -35.57 -9.47
N GLN E 190 21.88 -35.08 -10.23
CA GLN E 190 21.85 -35.23 -11.68
C GLN E 190 21.90 -36.71 -12.08
N ILE E 191 22.95 -37.42 -11.66
CA ILE E 191 23.09 -38.82 -12.03
C ILE E 191 21.91 -39.63 -11.49
N TYR E 192 21.53 -39.38 -10.24
CA TYR E 192 20.40 -40.07 -9.64
C TYR E 192 19.13 -39.84 -10.44
N ARG E 193 18.79 -38.59 -10.71
CA ARG E 193 17.53 -38.28 -11.37
C ARG E 193 17.51 -38.79 -12.80
N ASP E 194 18.62 -38.70 -13.52
CA ASP E 194 18.64 -39.09 -14.92
C ASP E 194 19.06 -40.55 -15.13
N ASN E 195 19.28 -41.33 -14.07
CA ASN E 195 19.34 -42.78 -14.23
C ASN E 195 18.25 -43.51 -13.47
N PHE E 196 18.23 -43.39 -12.13
CA PHE E 196 17.37 -44.28 -11.37
C PHE E 196 15.92 -43.80 -11.43
N GLU E 197 15.71 -42.48 -11.42
CA GLU E 197 14.35 -41.95 -11.50
C GLU E 197 13.69 -42.33 -12.83
N LYS E 198 14.41 -42.18 -13.93
CA LYS E 198 13.83 -42.54 -15.22
C LYS E 198 13.64 -44.04 -15.35
N ALA E 199 14.56 -44.84 -14.79
CA ALA E 199 14.35 -46.27 -14.75
C ALA E 199 13.09 -46.61 -13.95
N TYR E 200 12.86 -45.89 -12.85
CA TYR E 200 11.66 -46.08 -12.05
C TYR E 200 10.40 -45.77 -12.85
N LEU E 201 10.41 -44.65 -13.58
CA LEU E 201 9.25 -44.31 -14.41
C LEU E 201 8.99 -45.38 -15.46
N ASP E 202 10.04 -45.83 -16.16
CA ASP E 202 9.87 -46.85 -17.19
C ASP E 202 9.34 -48.15 -16.60
N SER E 203 9.89 -48.57 -15.46
CA SER E 203 9.44 -49.79 -14.82
C SER E 203 7.98 -49.69 -14.41
N THR E 204 7.61 -48.58 -13.75
CA THR E 204 6.22 -48.44 -13.33
C THR E 204 5.28 -48.43 -14.53
N GLU E 205 5.66 -47.71 -15.60
CA GLU E 205 4.82 -47.65 -16.78
C GLU E 205 4.63 -49.04 -17.38
N ARG E 206 5.69 -49.84 -17.44
CA ARG E 206 5.53 -51.17 -18.00
C ARG E 206 4.67 -52.05 -17.09
N PHE E 207 4.78 -51.89 -15.77
CA PHE E 207 3.91 -52.67 -14.89
C PHE E 207 2.44 -52.32 -15.10
N TYR E 208 2.11 -51.03 -15.17
CA TYR E 208 0.70 -50.67 -15.40
C TYR E 208 0.24 -51.12 -16.78
N ARG E 209 1.11 -51.01 -17.79
CA ARG E 209 0.74 -51.46 -19.12
C ARG E 209 0.44 -52.96 -19.14
N THR E 210 1.23 -53.74 -18.38
CA THR E 210 0.97 -55.18 -18.31
C THR E 210 -0.29 -55.49 -17.51
N GLN E 211 -0.57 -54.70 -16.46
CA GLN E 211 -1.61 -55.08 -15.52
C GLN E 211 -3.00 -54.57 -15.89
N ALA E 212 -3.11 -53.32 -16.34
CA ALA E 212 -4.43 -52.68 -16.48
C ALA E 212 -5.36 -53.40 -17.44
N PRO E 213 -4.97 -53.75 -18.68
CA PRO E 213 -5.95 -54.35 -19.60
C PRO E 213 -6.54 -55.65 -19.09
N SER E 214 -5.74 -56.48 -18.40
CA SER E 214 -6.26 -57.75 -17.89
C SER E 214 -7.36 -57.51 -16.86
N TYR E 215 -7.10 -56.60 -15.90
CA TYR E 215 -8.11 -56.30 -14.89
C TYR E 215 -9.36 -55.69 -15.53
N LEU E 216 -9.17 -54.77 -16.49
CA LEU E 216 -10.31 -54.14 -17.14
C LEU E 216 -11.16 -55.18 -17.88
N GLN E 217 -10.51 -56.12 -18.58
CA GLN E 217 -11.25 -57.12 -19.34
C GLN E 217 -11.92 -58.14 -18.44
N GLN E 218 -11.31 -58.47 -17.29
CA GLN E 218 -11.81 -59.57 -16.47
C GLN E 218 -12.78 -59.10 -15.39
N ASN E 219 -12.31 -58.20 -14.51
CA ASN E 219 -13.11 -57.84 -13.34
C ASN E 219 -14.33 -57.00 -13.72
N GLY E 220 -14.18 -56.06 -14.66
CA GLY E 220 -15.31 -55.24 -15.07
C GLY E 220 -14.98 -53.78 -15.29
N VAL E 221 -15.96 -52.91 -15.01
CA VAL E 221 -15.82 -51.49 -15.29
C VAL E 221 -15.65 -50.71 -13.99
N GLN E 222 -16.67 -50.74 -13.13
CA GLN E 222 -16.57 -50.05 -11.85
C GLN E 222 -15.50 -50.69 -10.98
N ASN E 223 -15.28 -52.00 -11.13
CA ASN E 223 -14.16 -52.65 -10.48
C ASN E 223 -12.84 -52.05 -10.97
N TYR E 224 -12.73 -51.81 -12.28
CA TYR E 224 -11.52 -51.21 -12.81
C TYR E 224 -11.32 -49.80 -12.25
N MET E 225 -12.37 -49.00 -12.18
CA MET E 225 -12.24 -47.66 -11.62
C MET E 225 -11.81 -47.67 -10.15
N LYS E 226 -12.45 -48.52 -9.33
CA LYS E 226 -12.08 -48.53 -7.92
C LYS E 226 -10.67 -49.07 -7.71
N TYR E 227 -10.29 -50.10 -8.48
CA TYR E 227 -8.91 -50.59 -8.41
C TYR E 227 -7.92 -49.54 -8.87
N ALA E 228 -8.27 -48.78 -9.91
CA ALA E 228 -7.40 -47.71 -10.38
C ALA E 228 -7.21 -46.65 -9.31
N ASP E 229 -8.29 -46.26 -8.63
CA ASP E 229 -8.17 -45.28 -7.55
C ASP E 229 -7.30 -45.80 -6.41
N ALA E 230 -7.51 -47.06 -6.02
CA ALA E 230 -6.71 -47.65 -4.95
C ALA E 230 -5.24 -47.73 -5.33
N LYS E 231 -4.95 -48.13 -6.57
CA LYS E 231 -3.57 -48.22 -7.02
C LYS E 231 -2.94 -46.85 -7.17
N LEU E 232 -3.72 -45.84 -7.56
CA LEU E 232 -3.19 -44.48 -7.60
C LEU E 232 -2.82 -43.99 -6.21
N LYS E 233 -3.67 -44.27 -5.21
CA LYS E 233 -3.33 -43.90 -3.85
C LYS E 233 -2.09 -44.62 -3.36
N GLU E 234 -1.99 -45.93 -3.67
CA GLU E 234 -0.81 -46.69 -3.27
C GLU E 234 0.45 -46.16 -3.94
N GLU E 235 0.35 -45.83 -5.24
CA GLU E 235 1.50 -45.27 -5.94
C GLU E 235 1.89 -43.92 -5.37
N GLU E 236 0.92 -43.10 -4.99
CA GLU E 236 1.22 -41.81 -4.37
C GLU E 236 1.95 -42.01 -3.04
N LYS E 237 1.47 -42.93 -2.20
CA LYS E 237 2.14 -43.14 -0.92
C LYS E 237 3.53 -43.72 -1.11
N ARG E 238 3.70 -44.61 -2.09
CA ARG E 238 5.03 -45.16 -2.36
C ARG E 238 5.97 -44.14 -2.99
N ALA E 239 5.44 -43.17 -3.74
CA ALA E 239 6.27 -42.07 -4.20
C ALA E 239 6.69 -41.18 -3.05
N LEU E 240 5.77 -40.94 -2.11
CA LEU E 240 6.11 -40.14 -0.93
C LEU E 240 7.18 -40.81 -0.09
N ARG E 241 7.07 -42.12 0.12
CA ARG E 241 8.04 -42.80 0.98
C ARG E 241 9.32 -43.16 0.23
N TYR E 242 9.21 -44.01 -0.80
CA TYR E 242 10.40 -44.45 -1.54
C TYR E 242 11.08 -43.29 -2.24
N LEU E 243 10.39 -42.66 -3.18
CA LEU E 243 11.01 -41.65 -4.02
C LEU E 243 11.35 -40.41 -3.19
N GLU E 244 12.44 -39.74 -3.58
CA GLU E 244 12.95 -38.60 -2.82
C GLU E 244 11.91 -37.49 -2.72
N THR E 245 11.81 -36.89 -1.53
CA THR E 245 10.90 -35.79 -1.29
C THR E 245 11.59 -34.57 -0.70
N ARG E 246 12.90 -34.62 -0.49
CA ARG E 246 13.62 -33.47 0.06
C ARG E 246 13.54 -32.26 -0.87
N ARG E 247 13.70 -32.49 -2.18
CA ARG E 247 13.62 -31.43 -3.17
C ARG E 247 12.49 -31.63 -4.17
N GLU E 248 12.10 -32.86 -4.45
CA GLU E 248 11.06 -33.17 -5.44
C GLU E 248 11.42 -32.58 -6.81
N CYS E 249 12.68 -32.72 -7.20
CA CYS E 249 13.14 -32.20 -8.48
C CYS E 249 12.63 -33.08 -9.62
N ASN E 250 11.50 -32.67 -10.21
CA ASN E 250 10.84 -33.31 -11.35
C ASN E 250 10.76 -34.83 -11.22
N SER E 251 10.70 -35.34 -9.99
CA SER E 251 10.70 -36.78 -9.74
C SER E 251 9.30 -37.30 -9.44
N VAL E 252 8.65 -36.81 -8.39
CA VAL E 252 7.33 -37.29 -8.03
C VAL E 252 6.30 -36.84 -9.05
N GLU E 253 6.42 -35.61 -9.52
CA GLU E 253 5.51 -35.12 -10.54
C GLU E 253 5.61 -35.95 -11.81
N ALA E 254 6.84 -36.24 -12.25
CA ALA E 254 7.01 -37.10 -13.41
C ALA E 254 6.45 -38.49 -13.15
N LEU E 255 6.64 -39.01 -11.93
CA LEU E 255 6.20 -40.36 -11.64
C LEU E 255 4.68 -40.49 -11.73
N MET E 256 3.93 -39.63 -11.02
CA MET E 256 2.50 -39.86 -11.11
C MET E 256 1.92 -39.32 -12.42
N GLU E 257 2.63 -38.41 -13.10
CA GLU E 257 2.21 -38.02 -14.44
C GLU E 257 2.32 -39.20 -15.41
N CYS E 258 3.42 -39.97 -15.33
CA CYS E 258 3.51 -41.16 -16.17
C CYS E 258 2.50 -42.21 -15.74
N CYS E 259 2.21 -42.31 -14.45
CA CYS E 259 1.17 -43.23 -14.00
C CYS E 259 -0.18 -42.89 -14.61
N VAL E 260 -0.56 -41.60 -14.58
CA VAL E 260 -1.86 -41.22 -15.14
C VAL E 260 -1.86 -41.36 -16.66
N ASN E 261 -0.77 -40.97 -17.34
CA ASN E 261 -0.79 -41.11 -18.78
C ASN E 261 -0.63 -42.55 -19.23
N ALA E 262 -0.28 -43.47 -18.32
CA ALA E 262 -0.28 -44.89 -18.63
C ALA E 262 -1.57 -45.59 -18.23
N LEU E 263 -2.38 -45.01 -17.35
CA LEU E 263 -3.63 -45.64 -16.96
C LEU E 263 -4.86 -44.89 -17.46
N VAL E 264 -5.06 -43.65 -17.04
CA VAL E 264 -6.32 -42.97 -17.32
C VAL E 264 -6.28 -42.27 -18.68
N THR E 265 -5.18 -41.61 -19.01
CA THR E 265 -5.01 -41.12 -20.37
C THR E 265 -4.97 -42.28 -21.37
N SER E 266 -4.47 -43.44 -20.92
CA SER E 266 -4.45 -44.61 -21.78
C SER E 266 -5.86 -45.11 -22.08
N PHE E 267 -6.71 -45.24 -21.06
CA PHE E 267 -8.06 -45.74 -21.24
C PHE E 267 -9.11 -44.64 -21.25
N LYS E 268 -8.72 -43.42 -21.64
CA LYS E 268 -9.67 -42.33 -21.78
C LYS E 268 -10.80 -42.65 -22.75
N GLU E 269 -10.55 -43.49 -23.76
CA GLU E 269 -11.63 -43.85 -24.67
C GLU E 269 -12.71 -44.65 -23.94
N THR E 270 -12.31 -45.60 -23.09
CA THR E 270 -13.28 -46.33 -22.27
C THR E 270 -13.96 -45.39 -21.28
N ILE E 271 -13.19 -44.46 -20.71
CA ILE E 271 -13.75 -43.53 -19.73
C ILE E 271 -14.84 -42.67 -20.39
N LEU E 272 -14.57 -42.14 -21.58
CA LEU E 272 -15.57 -41.33 -22.26
C LEU E 272 -16.73 -42.17 -22.77
N ALA E 273 -16.47 -43.43 -23.11
CA ALA E 273 -17.57 -44.33 -23.49
C ALA E 273 -18.53 -44.54 -22.32
N GLU E 274 -18.00 -44.73 -21.12
CA GLU E 274 -18.84 -44.90 -19.94
C GLU E 274 -19.31 -43.58 -19.34
N CYS E 275 -18.81 -42.45 -19.85
CA CYS E 275 -19.25 -41.15 -19.35
C CYS E 275 -20.74 -40.93 -19.57
N GLN E 276 -21.25 -41.31 -20.75
CA GLN E 276 -22.68 -41.17 -21.00
C GLN E 276 -23.49 -42.05 -20.07
N GLY E 277 -23.02 -43.27 -19.82
CA GLY E 277 -23.69 -44.13 -18.87
C GLY E 277 -23.71 -43.54 -17.47
N MET E 278 -22.60 -42.93 -17.05
CA MET E 278 -22.57 -42.26 -15.75
C MET E 278 -23.54 -41.09 -15.72
N ILE E 279 -23.60 -40.32 -16.81
CA ILE E 279 -24.48 -39.15 -16.87
C ILE E 279 -25.94 -39.59 -16.77
N LYS E 280 -26.31 -40.66 -17.46
CA LYS E 280 -27.67 -41.17 -17.40
C LYS E 280 -27.93 -42.09 -16.22
N ARG E 281 -26.91 -42.36 -15.39
CA ARG E 281 -27.06 -43.21 -14.22
C ARG E 281 -26.67 -42.53 -12.91
N ASN E 282 -25.89 -41.44 -12.95
CA ASN E 282 -25.56 -40.64 -11.77
C ASN E 282 -24.84 -41.46 -10.71
N GLU E 283 -23.63 -41.90 -11.06
CA GLU E 283 -22.74 -42.58 -10.14
C GLU E 283 -21.93 -41.54 -9.37
N THR E 284 -22.00 -41.60 -8.03
CA THR E 284 -21.30 -40.61 -7.21
C THR E 284 -19.78 -40.85 -7.22
N GLU E 285 -19.36 -42.11 -7.07
CA GLU E 285 -17.93 -42.40 -7.07
C GLU E 285 -17.30 -42.09 -8.42
N LYS E 286 -17.99 -42.45 -9.51
CA LYS E 286 -17.51 -42.10 -10.84
C LYS E 286 -17.46 -40.59 -11.01
N LEU E 287 -18.43 -39.87 -10.44
CA LEU E 287 -18.42 -38.42 -10.48
C LEU E 287 -17.19 -37.85 -9.77
N HIS E 288 -16.88 -38.36 -8.59
CA HIS E 288 -15.67 -37.92 -7.91
C HIS E 288 -14.44 -38.24 -8.74
N LEU E 289 -14.44 -39.40 -9.39
CA LEU E 289 -13.30 -39.80 -10.20
C LEU E 289 -13.07 -38.85 -11.37
N MET E 290 -14.15 -38.51 -12.11
CA MET E 290 -13.94 -37.66 -13.27
C MET E 290 -13.65 -36.22 -12.85
N PHE E 291 -14.20 -35.80 -11.71
CA PHE E 291 -13.83 -34.50 -11.15
C PHE E 291 -12.35 -34.45 -10.81
N SER E 292 -11.82 -35.55 -10.26
CA SER E 292 -10.38 -35.59 -9.98
C SER E 292 -9.56 -35.65 -11.27
N LEU E 293 -10.07 -36.30 -12.32
CA LEU E 293 -9.25 -36.56 -13.50
C LEU E 293 -9.42 -35.53 -14.61
N MET E 294 -10.28 -34.52 -14.47
CA MET E 294 -10.29 -33.45 -15.47
C MET E 294 -8.94 -32.73 -15.52
N ASP E 295 -8.36 -32.46 -14.35
CA ASP E 295 -7.13 -31.67 -14.29
C ASP E 295 -5.97 -32.38 -14.97
N LYS E 296 -5.86 -33.69 -14.77
CA LYS E 296 -4.73 -34.45 -15.33
C LYS E 296 -4.74 -34.43 -16.84
N VAL E 297 -5.89 -34.70 -17.44
CA VAL E 297 -5.98 -34.75 -18.91
C VAL E 297 -5.90 -33.33 -19.47
N PRO E 298 -5.03 -33.06 -20.44
CA PRO E 298 -4.93 -31.69 -20.99
C PRO E 298 -6.23 -31.18 -21.59
N ASN E 299 -6.99 -32.05 -22.25
CA ASN E 299 -8.23 -31.62 -22.92
C ASN E 299 -9.36 -32.63 -22.69
N GLY E 300 -9.36 -33.30 -21.56
CA GLY E 300 -10.39 -34.28 -21.28
C GLY E 300 -11.72 -33.72 -20.81
N ILE E 301 -11.80 -32.41 -20.58
CA ILE E 301 -13.02 -31.81 -20.04
C ILE E 301 -14.16 -31.89 -21.04
N GLU E 302 -13.86 -31.70 -22.32
CA GLU E 302 -14.91 -31.58 -23.32
C GLU E 302 -15.82 -32.80 -23.43
N PRO E 303 -15.36 -34.07 -23.36
CA PRO E 303 -16.32 -35.18 -23.42
C PRO E 303 -17.43 -35.09 -22.38
N MET E 304 -17.07 -35.05 -21.09
CA MET E 304 -18.11 -35.08 -20.08
C MET E 304 -18.90 -33.77 -20.03
N LEU E 305 -18.26 -32.64 -20.33
CA LEU E 305 -19.04 -31.40 -20.32
C LEU E 305 -20.01 -31.33 -21.50
N LYS E 306 -19.64 -31.89 -22.66
CA LYS E 306 -20.57 -31.95 -23.77
C LYS E 306 -21.69 -32.94 -23.49
N ASP E 307 -21.38 -34.04 -22.79
CA ASP E 307 -22.45 -34.94 -22.35
C ASP E 307 -23.39 -34.23 -21.39
N LEU E 308 -22.84 -33.41 -20.48
CA LEU E 308 -23.67 -32.66 -19.55
C LEU E 308 -24.57 -31.68 -20.29
N GLU E 309 -24.05 -31.02 -21.33
CA GLU E 309 -24.91 -30.13 -22.10
C GLU E 309 -25.92 -30.90 -22.94
N GLU E 310 -25.57 -32.10 -23.41
CA GLU E 310 -26.57 -32.94 -24.06
C GLU E 310 -27.71 -33.28 -23.11
N HIS E 311 -27.37 -33.51 -21.83
CA HIS E 311 -28.40 -33.56 -20.80
C HIS E 311 -29.16 -32.25 -20.71
N ILE E 312 -28.44 -31.12 -20.81
CA ILE E 312 -29.09 -29.82 -20.77
C ILE E 312 -29.95 -29.60 -22.00
N ILE E 313 -29.42 -29.90 -23.18
CA ILE E 313 -30.13 -29.69 -24.43
C ILE E 313 -31.24 -30.72 -24.59
N ASP F 7 -12.64 11.53 -6.88
CA ASP F 7 -13.91 10.87 -6.74
C ASP F 7 -13.75 9.48 -6.13
N GLN F 8 -12.93 8.65 -6.77
CA GLN F 8 -12.70 7.29 -6.28
C GLN F 8 -12.07 7.30 -4.91
N ARG F 9 -11.18 8.26 -4.65
CA ARG F 9 -10.57 8.39 -3.33
C ARG F 9 -11.59 8.71 -2.26
N SER F 10 -12.74 9.28 -2.64
CA SER F 10 -13.80 9.60 -1.69
C SER F 10 -14.89 8.55 -1.63
N LYS F 11 -15.05 7.75 -2.68
CA LYS F 11 -16.10 6.74 -2.69
C LYS F 11 -15.86 5.66 -1.64
N PHE F 12 -14.61 5.47 -1.23
CA PHE F 12 -14.29 4.46 -0.22
C PHE F 12 -14.99 4.77 1.11
N GLU F 13 -14.97 6.02 1.52
CA GLU F 13 -15.41 6.41 2.85
C GLU F 13 -16.90 6.74 2.93
N ASN F 14 -17.61 6.71 1.81
CA ASN F 14 -19.04 7.01 1.81
C ASN F 14 -19.88 5.84 1.34
N GLU F 15 -19.50 5.20 0.24
CA GLU F 15 -20.30 4.09 -0.28
C GLU F 15 -20.26 2.91 0.70
N GLU F 16 -21.36 2.17 0.73
CA GLU F 16 -21.56 1.15 1.75
C GLU F 16 -21.09 -0.24 1.32
N PHE F 17 -20.89 -0.48 0.02
CA PHE F 17 -20.39 -1.78 -0.41
C PHE F 17 -19.01 -2.05 0.19
N PHE F 18 -18.10 -1.09 0.05
CA PHE F 18 -16.78 -1.23 0.64
C PHE F 18 -16.81 -1.01 2.15
N ARG F 19 -17.82 -0.31 2.67
CA ARG F 19 -17.99 -0.22 4.12
C ARG F 19 -18.27 -1.60 4.71
N LYS F 20 -19.13 -2.38 4.07
CA LYS F 20 -19.43 -3.73 4.52
C LYS F 20 -18.39 -4.75 4.07
N LEU F 21 -17.57 -4.40 3.10
CA LEU F 21 -16.49 -5.31 2.67
C LEU F 21 -15.21 -5.10 3.45
N SER F 22 -14.82 -3.85 3.68
CA SER F 22 -13.58 -3.54 4.39
C SER F 22 -13.80 -3.39 5.89
N ARG F 23 -14.46 -4.38 6.49
CA ARG F 23 -14.60 -4.48 7.94
C ARG F 23 -13.77 -5.62 8.51
N GLU F 24 -12.62 -5.90 7.90
CA GLU F 24 -11.73 -6.97 8.31
C GLU F 24 -12.51 -8.28 8.38
N CYS F 25 -13.12 -8.63 7.24
CA CYS F 25 -14.06 -9.73 7.18
C CYS F 25 -13.35 -11.08 7.24
N GLU F 26 -14.09 -12.09 7.70
CA GLU F 26 -13.59 -13.46 7.78
C GLU F 26 -13.87 -14.18 6.48
N ILE F 27 -12.89 -14.96 6.01
CA ILE F 27 -13.04 -15.74 4.79
C ILE F 27 -12.65 -17.19 5.06
N LYS F 28 -13.23 -18.09 4.28
CA LYS F 28 -12.99 -19.52 4.43
C LYS F 28 -12.96 -20.17 3.06
N TYR F 29 -11.95 -20.98 2.80
CA TYR F 29 -11.83 -21.67 1.52
C TYR F 29 -12.88 -22.76 1.40
N THR F 30 -13.76 -22.64 0.43
CA THR F 30 -14.71 -23.69 0.12
C THR F 30 -14.08 -24.69 -0.84
N GLY F 31 -14.63 -25.89 -0.88
CA GLY F 31 -14.01 -26.95 -1.64
C GLY F 31 -14.61 -28.33 -1.40
N PHE F 32 -13.76 -29.28 -1.06
CA PHE F 32 -14.13 -30.69 -0.96
C PHE F 32 -14.53 -31.08 0.46
N ARG F 33 -15.23 -30.17 1.17
CA ARG F 33 -15.60 -30.39 2.56
C ARG F 33 -16.24 -31.75 2.81
N ASP F 34 -16.87 -32.34 1.79
CA ASP F 34 -17.40 -33.69 1.94
C ASP F 34 -16.28 -34.69 2.23
N ARG F 35 -15.12 -34.47 1.62
CA ARG F 35 -13.96 -35.31 1.89
C ARG F 35 -13.35 -34.97 3.24
N PRO F 36 -12.39 -35.79 3.72
CA PRO F 36 -11.78 -35.57 5.05
C PRO F 36 -10.99 -34.27 5.17
N HIS F 37 -10.66 -33.88 6.40
CA HIS F 37 -9.94 -32.62 6.60
C HIS F 37 -8.48 -32.74 6.18
N GLU F 38 -7.86 -33.90 6.42
CA GLU F 38 -6.44 -34.05 6.13
C GLU F 38 -6.15 -33.90 4.64
N GLU F 39 -6.85 -34.68 3.82
CA GLU F 39 -6.62 -34.58 2.38
C GLU F 39 -7.16 -33.27 1.82
N ARG F 40 -8.13 -32.66 2.50
CA ARG F 40 -8.57 -31.32 2.12
C ARG F 40 -7.44 -30.31 2.30
N GLN F 41 -6.73 -30.39 3.43
CA GLN F 41 -5.56 -29.55 3.63
C GLN F 41 -4.48 -29.85 2.59
N ALA F 42 -4.28 -31.13 2.29
CA ALA F 42 -3.27 -31.50 1.31
C ALA F 42 -3.60 -30.91 -0.06
N ARG F 43 -4.87 -31.00 -0.47
CA ARG F 43 -5.29 -30.44 -1.76
C ARG F 43 -5.19 -28.92 -1.75
N PHE F 44 -5.54 -28.28 -0.63
CA PHE F 44 -5.37 -26.83 -0.54
C PHE F 44 -3.91 -26.44 -0.71
N GLN F 45 -3.00 -27.16 -0.06
CA GLN F 45 -1.58 -26.83 -0.16
C GLN F 45 -1.07 -27.04 -1.57
N ASN F 46 -1.36 -28.20 -2.17
CA ASN F 46 -0.82 -28.52 -3.48
C ASN F 46 -1.56 -27.81 -4.60
N ALA F 47 -2.66 -27.10 -4.30
CA ALA F 47 -3.30 -26.21 -5.25
C ALA F 47 -2.87 -24.76 -5.09
N CYS F 48 -2.62 -24.32 -3.85
CA CYS F 48 -2.13 -22.96 -3.62
C CYS F 48 -0.68 -22.82 -4.06
N ARG F 49 0.12 -23.87 -3.91
CA ARG F 49 1.54 -23.77 -4.29
C ARG F 49 1.71 -23.56 -5.79
N ASP F 50 0.89 -24.21 -6.61
CA ASP F 50 1.07 -24.21 -8.05
C ASP F 50 -0.08 -23.52 -8.75
N GLY F 51 0.20 -23.02 -9.95
CA GLY F 51 -0.82 -22.40 -10.79
C GLY F 51 -1.44 -23.34 -11.80
N ARG F 52 -2.02 -24.45 -11.34
CA ARG F 52 -2.64 -25.41 -12.23
C ARG F 52 -3.98 -25.90 -11.67
N SER F 53 -4.66 -25.06 -10.90
CA SER F 53 -5.90 -25.44 -10.24
C SER F 53 -6.76 -24.18 -10.11
N GLU F 54 -7.73 -24.22 -9.21
CA GLU F 54 -8.50 -23.04 -8.85
C GLU F 54 -8.81 -23.11 -7.36
N ILE F 55 -8.96 -21.94 -6.74
CA ILE F 55 -9.27 -21.85 -5.31
C ILE F 55 -10.21 -20.67 -5.09
N ALA F 56 -11.11 -20.82 -4.13
CA ALA F 56 -12.13 -19.81 -3.83
C ALA F 56 -12.15 -19.53 -2.33
N PHE F 57 -12.78 -18.42 -1.97
CA PHE F 57 -12.90 -18.02 -0.56
C PHE F 57 -14.25 -17.37 -0.36
N VAL F 58 -15.10 -17.98 0.49
CA VAL F 58 -16.53 -17.67 0.50
C VAL F 58 -16.89 -16.49 1.38
N ALA F 59 -15.93 -15.91 2.11
CA ALA F 59 -16.18 -14.76 2.97
C ALA F 59 -17.15 -15.05 4.11
N THR F 60 -17.31 -16.32 4.47
CA THR F 60 -17.94 -16.77 5.72
C THR F 60 -19.36 -16.20 5.87
N GLY F 61 -20.26 -16.66 4.99
CA GLY F 61 -21.66 -16.44 5.22
C GLY F 61 -22.53 -16.09 4.03
N THR F 62 -21.96 -15.40 3.05
CA THR F 62 -22.70 -14.97 1.88
C THR F 62 -22.28 -15.81 0.67
N ASN F 63 -22.86 -15.50 -0.48
CA ASN F 63 -22.44 -16.12 -1.73
C ASN F 63 -21.40 -15.29 -2.46
N LEU F 64 -20.94 -14.21 -1.86
CA LEU F 64 -19.91 -13.36 -2.48
C LEU F 64 -18.55 -13.98 -2.19
N SER F 65 -18.01 -14.70 -3.17
CA SER F 65 -16.76 -15.41 -2.98
C SER F 65 -15.78 -15.01 -4.07
N LEU F 66 -14.56 -14.67 -3.66
CA LEU F 66 -13.48 -14.48 -4.62
C LEU F 66 -13.10 -15.82 -5.23
N GLN F 67 -12.49 -15.76 -6.41
CA GLN F 67 -12.09 -16.98 -7.10
C GLN F 67 -10.89 -16.69 -7.99
N PHE F 68 -9.93 -17.60 -7.98
CA PHE F 68 -8.68 -17.44 -8.73
C PHE F 68 -8.63 -18.50 -9.83
N PHE F 69 -8.52 -18.04 -11.06
CA PHE F 69 -8.29 -18.94 -12.18
C PHE F 69 -6.93 -18.61 -12.81
N PRO F 70 -6.16 -19.62 -13.21
CA PRO F 70 -4.82 -19.35 -13.72
C PRO F 70 -4.85 -18.51 -14.98
N ALA F 71 -3.81 -17.67 -15.13
CA ALA F 71 -3.76 -16.74 -16.25
C ALA F 71 -3.62 -17.45 -17.59
N SER F 72 -3.26 -18.73 -17.60
CA SER F 72 -3.20 -19.47 -18.84
C SER F 72 -4.58 -19.82 -19.36
N TRP F 73 -5.61 -19.79 -18.50
CA TRP F 73 -6.96 -20.09 -18.94
C TRP F 73 -7.52 -18.99 -19.82
N GLN F 74 -7.09 -17.75 -19.60
CA GLN F 74 -7.53 -16.62 -20.41
C GLN F 74 -6.77 -16.62 -21.73
N GLY F 75 -6.89 -15.53 -22.48
CA GLY F 75 -6.20 -15.40 -23.75
C GLY F 75 -4.75 -14.96 -23.61
N GLU F 84 1.44 -4.02 -11.22
CA GLU F 84 0.86 -4.70 -10.08
C GLU F 84 0.49 -6.14 -10.42
N TYR F 85 1.08 -7.09 -9.71
CA TYR F 85 0.86 -8.50 -9.96
C TYR F 85 0.27 -9.15 -8.71
N VAL F 86 -0.16 -10.39 -8.87
CA VAL F 86 -0.85 -11.12 -7.82
C VAL F 86 0.15 -11.95 -7.02
N ASP F 87 -0.22 -12.26 -5.78
CA ASP F 87 0.60 -13.09 -4.90
C ASP F 87 -0.26 -14.23 -4.36
N LEU F 88 0.24 -15.45 -4.48
CA LEU F 88 -0.43 -16.60 -3.87
C LEU F 88 0.58 -17.48 -3.14
N LYS F 94 4.12 -17.91 0.37
CA LYS F 94 3.56 -18.13 1.70
C LYS F 94 2.11 -17.71 1.77
N VAL F 95 1.73 -17.13 2.89
CA VAL F 95 0.32 -16.74 3.13
C VAL F 95 0.18 -15.31 2.62
N TYR F 96 -0.01 -15.19 1.31
CA TYR F 96 -0.18 -13.91 0.64
C TYR F 96 -1.25 -14.08 -0.43
N LEU F 97 -2.23 -13.17 -0.44
CA LEU F 97 -3.36 -13.29 -1.36
C LEU F 97 -3.69 -11.94 -1.99
N LYS F 98 -2.67 -11.28 -2.54
CA LYS F 98 -2.89 -10.00 -3.19
C LYS F 98 -3.80 -10.16 -4.40
N ALA F 99 -4.74 -9.23 -4.55
CA ALA F 99 -5.76 -9.28 -5.60
C ALA F 99 -6.05 -7.90 -6.16
N PRO F 100 -5.57 -7.57 -7.36
CA PRO F 100 -5.93 -6.30 -7.98
C PRO F 100 -7.19 -6.41 -8.83
N MET F 101 -8.21 -5.61 -8.54
CA MET F 101 -9.46 -5.67 -9.27
C MET F 101 -10.20 -4.35 -9.11
N ILE F 102 -10.87 -3.93 -10.18
CA ILE F 102 -11.64 -2.68 -10.19
C ILE F 102 -13.06 -3.06 -9.78
N LEU F 103 -13.30 -3.08 -8.47
CA LEU F 103 -14.62 -3.46 -7.96
C LEU F 103 -15.53 -2.25 -7.99
N ASN F 104 -16.68 -2.40 -8.67
CA ASN F 104 -17.71 -1.35 -8.73
C ASN F 104 -17.20 -0.07 -9.38
N GLY F 105 -16.25 -0.20 -10.30
CA GLY F 105 -15.73 0.94 -11.03
C GLY F 105 -14.59 1.66 -10.36
N VAL F 106 -14.33 1.40 -9.08
CA VAL F 106 -13.25 2.04 -8.33
C VAL F 106 -12.21 0.99 -7.98
N CYS F 107 -10.95 1.29 -8.29
CA CYS F 107 -9.88 0.33 -8.10
C CYS F 107 -9.68 0.03 -6.61
N VAL F 108 -9.55 -1.25 -6.28
CA VAL F 108 -9.34 -1.71 -4.92
C VAL F 108 -8.28 -2.80 -4.91
N ILE F 109 -7.79 -3.11 -3.71
CA ILE F 109 -6.78 -4.15 -3.50
C ILE F 109 -7.18 -4.96 -2.28
N TRP F 110 -7.12 -6.29 -2.40
CA TRP F 110 -7.56 -7.21 -1.36
C TRP F 110 -6.36 -7.98 -0.83
N LYS F 111 -6.11 -7.85 0.48
CA LYS F 111 -4.95 -8.48 1.11
C LYS F 111 -5.37 -9.48 2.20
N GLY F 112 -6.34 -10.34 1.89
CA GLY F 112 -6.81 -11.29 2.88
C GLY F 112 -6.00 -12.56 2.94
N TRP F 113 -5.18 -12.71 3.96
CA TRP F 113 -4.39 -13.91 4.12
C TRP F 113 -5.26 -15.09 4.54
N ILE F 114 -4.71 -16.29 4.42
CA ILE F 114 -5.37 -17.51 4.87
C ILE F 114 -4.44 -18.22 5.83
N ASP F 115 -5.01 -19.02 6.71
CA ASP F 115 -4.24 -19.80 7.69
C ASP F 115 -4.37 -21.28 7.36
N LEU F 116 -3.23 -21.95 7.22
CA LEU F 116 -3.23 -23.38 6.96
C LEU F 116 -3.51 -24.15 8.25
N GLN F 117 -3.68 -25.46 8.09
CA GLN F 117 -4.02 -26.40 9.18
C GLN F 117 -5.35 -26.04 9.84
N ARG F 118 -6.02 -25.00 9.34
CA ARG F 118 -7.35 -24.65 9.81
C ARG F 118 -8.31 -24.27 8.69
N LEU F 119 -7.83 -23.99 7.48
CA LEU F 119 -8.67 -23.59 6.35
C LEU F 119 -9.54 -22.39 6.71
N ASP F 120 -8.93 -21.41 7.36
CA ASP F 120 -9.61 -20.18 7.75
C ASP F 120 -8.63 -19.03 7.59
N GLY F 121 -9.16 -17.82 7.54
CA GLY F 121 -8.31 -16.66 7.37
C GLY F 121 -9.09 -15.38 7.56
N MET F 122 -8.49 -14.29 7.12
CA MET F 122 -9.07 -12.97 7.30
C MET F 122 -9.10 -12.28 5.93
N GLY F 123 -9.65 -11.06 5.89
CA GLY F 123 -9.72 -10.33 4.64
C GLY F 123 -10.09 -8.87 4.76
N CYS F 124 -9.53 -8.04 3.89
CA CYS F 124 -9.84 -6.60 3.91
C CYS F 124 -9.49 -6.03 2.54
N LEU F 125 -10.02 -4.83 2.28
CA LEU F 125 -9.82 -4.14 1.02
C LEU F 125 -9.03 -2.86 1.24
N GLU F 126 -8.18 -2.52 0.26
CA GLU F 126 -7.41 -1.29 0.30
C GLU F 126 -7.44 -0.62 -1.07
N PHE F 127 -7.27 0.70 -1.07
CA PHE F 127 -7.32 1.48 -2.30
C PHE F 127 -6.11 1.20 -3.18
N ASP F 128 -6.33 1.19 -4.49
CA ASP F 128 -5.27 0.98 -5.48
C ASP F 128 -4.88 2.33 -6.05
N GLU F 129 -3.93 3.00 -5.40
CA GLU F 129 -3.54 4.34 -5.83
C GLU F 129 -2.86 4.32 -7.19
N GLU F 130 -2.03 3.30 -7.44
CA GLU F 130 -1.26 3.26 -8.68
C GLU F 130 -2.17 3.24 -9.91
N ARG F 131 -3.17 2.35 -9.91
CA ARG F 131 -4.11 2.33 -11.03
C ARG F 131 -5.00 3.55 -11.04
N ALA F 132 -5.32 4.11 -9.86
CA ALA F 132 -6.08 5.34 -9.83
C ALA F 132 -5.36 6.47 -10.54
N GLN F 133 -4.03 6.50 -10.44
CA GLN F 133 -3.24 7.51 -11.14
C GLN F 133 -2.80 7.07 -12.53
N GLN F 134 -3.01 5.81 -12.91
CA GLN F 134 -2.53 5.31 -14.19
C GLN F 134 -3.61 4.75 -15.11
N GLU F 135 -4.78 4.38 -14.60
CA GLU F 135 -5.82 3.85 -15.47
C GLU F 135 -6.39 4.96 -16.33
N ASP F 136 -7.09 4.55 -17.40
CA ASP F 136 -7.65 5.50 -18.34
C ASP F 136 -8.65 6.41 -17.64
N ALA F 137 -8.57 7.70 -17.96
CA ALA F 137 -9.46 8.70 -17.34
C ALA F 137 -10.75 8.89 -18.11
N LEU F 138 -10.70 8.85 -19.44
CA LEU F 138 -11.91 9.01 -20.22
C LEU F 138 -12.87 7.84 -20.01
N ALA F 139 -12.35 6.61 -19.96
CA ALA F 139 -13.20 5.47 -19.69
C ALA F 139 -13.79 5.53 -18.29
N GLN F 140 -13.00 5.94 -17.30
CA GLN F 140 -13.51 6.06 -15.93
C GLN F 140 -14.60 7.12 -15.86
N GLN F 141 -14.41 8.25 -16.54
CA GLN F 141 -15.43 9.28 -16.57
C GLN F 141 -16.70 8.80 -17.26
N ALA F 142 -16.55 8.05 -18.36
CA ALA F 142 -17.71 7.51 -19.04
C ALA F 142 -18.49 6.56 -18.12
N PHE F 143 -17.77 5.68 -17.41
CA PHE F 143 -18.45 4.78 -16.49
C PHE F 143 -19.14 5.54 -15.37
N GLU F 144 -18.49 6.57 -14.83
CA GLU F 144 -19.11 7.32 -13.75
C GLU F 144 -20.36 8.05 -14.22
N GLU F 145 -20.31 8.63 -15.42
CA GLU F 145 -21.49 9.28 -15.96
C GLU F 145 -22.61 8.28 -16.19
N ALA F 146 -22.28 7.10 -16.73
CA ALA F 146 -23.31 6.09 -16.96
C ALA F 146 -23.88 5.54 -15.66
N ARG F 147 -23.06 5.50 -14.61
CA ARG F 147 -23.53 5.00 -13.32
C ARG F 147 -24.40 6.01 -12.58
N ARG F 148 -24.08 7.30 -12.71
CA ARG F 148 -24.79 8.32 -11.94
C ARG F 148 -26.23 8.51 -12.44
N ARG F 149 -26.42 8.52 -13.76
CA ARG F 149 -27.70 8.91 -14.33
C ARG F 149 -28.76 7.84 -14.08
N THR F 150 -30.01 8.18 -14.44
CA THR F 150 -31.16 7.33 -14.21
C THR F 150 -32.00 7.25 -15.48
N ARG F 151 -32.60 6.08 -15.71
CA ARG F 151 -33.36 5.87 -16.94
C ARG F 151 -34.74 6.51 -16.88
N GLU F 152 -35.36 6.56 -15.71
CA GLU F 152 -36.72 7.07 -15.62
C GLU F 152 -36.76 8.55 -16.02
N PHE F 153 -37.83 8.91 -16.73
CA PHE F 153 -38.04 10.29 -17.19
C PHE F 153 -36.84 10.79 -18.01
N GLU F 154 -36.37 9.95 -18.91
CA GLU F 154 -35.24 10.31 -19.76
C GLU F 154 -35.60 10.47 -21.22
N ASP F 155 -36.23 9.46 -21.81
CA ASP F 155 -36.57 9.54 -23.23
C ASP F 155 -37.58 10.66 -23.48
N ARG F 156 -37.35 11.42 -24.54
CA ARG F 156 -38.10 12.65 -24.77
C ARG F 156 -39.44 12.33 -25.42
N ASP F 157 -40.52 12.74 -24.77
CA ASP F 157 -41.87 12.59 -25.33
C ASP F 157 -42.68 13.86 -25.07
N ASN G 5 3.91 -18.81 -10.59
CA ASN G 5 2.56 -19.22 -10.96
C ASN G 5 1.64 -18.02 -11.15
N ARG G 6 1.28 -17.76 -12.40
CA ARG G 6 0.38 -16.65 -12.69
C ARG G 6 -1.04 -16.99 -12.25
N TRP G 7 -1.85 -15.95 -12.07
CA TRP G 7 -3.08 -16.08 -11.32
C TRP G 7 -3.91 -14.82 -11.54
N GLN G 8 -5.19 -14.94 -11.86
CA GLN G 8 -6.04 -13.76 -11.94
C GLN G 8 -7.28 -13.97 -11.09
N VAL G 9 -7.68 -12.90 -10.40
CA VAL G 9 -8.74 -12.95 -9.40
C VAL G 9 -10.00 -12.32 -9.99
N MET G 10 -11.13 -12.98 -9.78
CA MET G 10 -12.41 -12.50 -10.30
C MET G 10 -13.49 -12.82 -9.29
N ILE G 11 -14.20 -11.78 -8.84
CA ILE G 11 -15.26 -11.96 -7.85
C ILE G 11 -16.41 -12.71 -8.50
N VAL G 12 -16.95 -13.70 -7.78
CA VAL G 12 -18.07 -14.48 -8.29
C VAL G 12 -19.10 -14.65 -7.19
N TRP G 13 -20.34 -14.90 -7.59
CA TRP G 13 -21.46 -15.15 -6.69
C TRP G 13 -21.94 -16.57 -6.92
N GLN G 14 -21.78 -17.43 -5.91
CA GLN G 14 -22.29 -18.78 -6.03
C GLN G 14 -23.80 -18.75 -6.23
N VAL G 15 -24.28 -19.54 -7.18
CA VAL G 15 -25.69 -19.54 -7.55
C VAL G 15 -26.13 -20.99 -7.78
N ASP G 16 -27.27 -21.36 -7.22
CA ASP G 16 -27.80 -22.69 -7.43
C ASP G 16 -28.12 -22.92 -8.91
N ARG G 17 -28.00 -24.18 -9.35
CA ARG G 17 -28.17 -24.47 -10.77
C ARG G 17 -29.56 -24.12 -11.26
N MET G 18 -30.54 -24.13 -10.37
CA MET G 18 -31.88 -23.73 -10.78
C MET G 18 -31.81 -22.32 -11.37
N ARG G 19 -31.50 -21.35 -10.54
CA ARG G 19 -31.48 -19.97 -11.01
C ARG G 19 -30.74 -19.78 -12.33
N ILE G 20 -29.61 -20.46 -12.51
CA ILE G 20 -28.82 -20.24 -13.73
C ILE G 20 -29.49 -20.86 -14.93
N ASN G 21 -30.07 -22.06 -14.79
CA ASN G 21 -30.75 -22.65 -15.93
C ASN G 21 -32.02 -21.89 -16.29
N THR G 22 -32.75 -21.39 -15.28
CA THR G 22 -33.93 -20.59 -15.59
C THR G 22 -33.55 -19.25 -16.21
N TRP G 23 -32.42 -18.67 -15.79
CA TRP G 23 -31.94 -17.44 -16.42
C TRP G 23 -31.55 -17.68 -17.87
N LYS G 24 -30.87 -18.79 -18.15
CA LYS G 24 -30.54 -19.13 -19.53
C LYS G 24 -31.81 -19.31 -20.35
N ARG G 25 -32.79 -20.00 -19.80
CA ARG G 25 -34.06 -20.18 -20.51
C ARG G 25 -34.70 -18.84 -20.83
N LEU G 26 -34.77 -17.95 -19.83
CA LEU G 26 -35.41 -16.64 -20.03
C LEU G 26 -34.67 -15.82 -21.07
N VAL G 27 -33.34 -15.78 -20.99
CA VAL G 27 -32.59 -14.97 -21.94
C VAL G 27 -32.77 -15.50 -23.35
N LYS G 28 -32.67 -16.82 -23.53
CA LYS G 28 -32.83 -17.38 -24.87
C LYS G 28 -34.24 -17.18 -25.39
N HIS G 29 -35.24 -17.20 -24.51
CA HIS G 29 -36.62 -16.99 -24.95
C HIS G 29 -36.84 -15.53 -25.35
N HIS G 30 -36.37 -14.60 -24.53
CA HIS G 30 -36.59 -13.18 -24.82
C HIS G 30 -35.83 -12.73 -26.05
N MET G 31 -34.59 -13.21 -26.22
CA MET G 31 -33.77 -12.76 -27.34
C MET G 31 -34.40 -13.14 -28.66
N TYR G 32 -34.93 -14.36 -28.76
CA TYR G 32 -35.38 -14.92 -30.03
C TYR G 32 -36.89 -14.88 -30.19
N ILE G 33 -37.65 -15.39 -29.21
CA ILE G 33 -39.10 -15.41 -29.33
C ILE G 33 -39.68 -14.02 -29.10
N SER G 34 -39.36 -13.41 -27.96
CA SER G 34 -39.80 -12.05 -27.69
C SER G 34 -38.95 -11.06 -28.50
N ARG G 35 -39.30 -9.79 -28.41
CA ARG G 35 -38.55 -8.74 -29.07
C ARG G 35 -37.82 -7.82 -28.12
N LYS G 36 -37.98 -7.99 -26.80
CA LYS G 36 -37.33 -7.11 -25.84
C LYS G 36 -35.82 -7.26 -25.87
N ALA G 37 -35.32 -8.47 -26.13
CA ALA G 37 -33.90 -8.76 -26.06
C ALA G 37 -33.33 -9.11 -27.43
N LYS G 38 -33.89 -8.57 -28.49
CA LYS G 38 -33.34 -8.86 -29.82
C LYS G 38 -32.04 -8.14 -30.10
N ASP G 39 -31.45 -7.46 -29.12
CA ASP G 39 -30.20 -6.74 -29.32
C ASP G 39 -29.01 -7.37 -28.64
N TRP G 40 -29.21 -8.36 -27.77
CA TRP G 40 -28.12 -8.94 -27.01
C TRP G 40 -27.33 -9.93 -27.87
N PHE G 41 -26.40 -10.64 -27.25
CA PHE G 41 -25.59 -11.67 -27.89
C PHE G 41 -25.57 -12.90 -26.99
N TYR G 42 -24.87 -13.93 -27.44
CA TYR G 42 -24.78 -15.17 -26.66
C TYR G 42 -23.55 -15.95 -27.09
N ARG G 43 -22.73 -16.35 -26.12
CA ARG G 43 -21.55 -17.17 -26.35
C ARG G 43 -21.66 -18.42 -25.48
N HIS G 44 -21.78 -19.57 -26.12
CA HIS G 44 -21.93 -20.84 -25.41
C HIS G 44 -20.58 -21.26 -24.86
N HIS G 45 -20.46 -22.52 -24.43
CA HIS G 45 -19.22 -22.97 -23.82
C HIS G 45 -18.23 -23.57 -24.82
N TYR G 46 -18.71 -24.07 -25.96
CA TYR G 46 -17.81 -24.67 -26.92
C TYR G 46 -17.02 -23.63 -27.71
N GLU G 47 -17.48 -22.39 -27.76
CA GLU G 47 -16.72 -21.30 -28.36
C GLU G 47 -15.89 -20.55 -27.33
N SER G 48 -15.88 -21.00 -26.08
CA SER G 48 -15.08 -20.42 -25.01
C SER G 48 -14.21 -21.53 -24.44
N THR G 49 -12.93 -21.55 -24.81
CA THR G 49 -12.03 -22.62 -24.40
C THR G 49 -11.67 -22.56 -22.92
N HIS G 50 -12.04 -21.49 -22.23
CA HIS G 50 -11.79 -21.39 -20.80
C HIS G 50 -12.42 -22.59 -20.11
N PRO G 51 -11.69 -23.27 -19.21
CA PRO G 51 -12.20 -24.54 -18.67
C PRO G 51 -13.49 -24.41 -17.86
N LYS G 52 -13.85 -23.21 -17.40
CA LYS G 52 -15.02 -23.04 -16.55
C LYS G 52 -16.12 -22.17 -17.13
N ILE G 53 -15.83 -21.35 -18.15
CA ILE G 53 -16.86 -20.51 -18.75
C ILE G 53 -17.92 -21.41 -19.38
N SER G 54 -19.12 -21.39 -18.82
CA SER G 54 -20.21 -22.18 -19.37
C SER G 54 -21.05 -21.40 -20.36
N SER G 55 -21.31 -20.13 -20.08
CA SER G 55 -22.07 -19.29 -20.98
C SER G 55 -21.72 -17.83 -20.72
N GLU G 56 -22.02 -16.99 -21.70
CA GLU G 56 -21.81 -15.55 -21.59
C GLU G 56 -22.97 -14.86 -22.30
N VAL G 57 -23.72 -14.05 -21.55
CA VAL G 57 -24.79 -13.25 -22.13
C VAL G 57 -24.27 -11.84 -22.31
N HIS G 58 -24.02 -11.45 -23.55
CA HIS G 58 -23.41 -10.17 -23.87
C HIS G 58 -24.49 -9.13 -24.07
N ILE G 59 -24.35 -8.00 -23.37
CA ILE G 59 -25.31 -6.91 -23.42
C ILE G 59 -24.61 -5.68 -23.98
N PRO G 60 -24.87 -5.33 -25.24
CA PRO G 60 -24.25 -4.13 -25.85
C PRO G 60 -24.88 -2.83 -25.37
N LEU G 61 -24.41 -2.35 -24.21
CA LEU G 61 -24.90 -1.10 -23.63
C LEU G 61 -24.34 0.08 -24.39
N GLY G 62 -24.76 0.21 -25.64
CA GLY G 62 -24.33 1.30 -26.48
C GLY G 62 -22.84 1.25 -26.82
N ASP G 63 -22.08 2.20 -26.29
CA ASP G 63 -20.64 2.22 -26.54
C ASP G 63 -19.92 1.11 -25.78
N ALA G 64 -20.25 0.93 -24.51
CA ALA G 64 -19.69 -0.13 -23.70
C ALA G 64 -20.62 -1.34 -23.71
N LYS G 65 -20.19 -2.43 -23.08
CA LYS G 65 -21.01 -3.63 -23.05
C LYS G 65 -20.88 -4.32 -21.70
N LEU G 66 -22.02 -4.74 -21.16
CA LEU G 66 -22.05 -5.58 -19.97
C LEU G 66 -21.96 -7.04 -20.39
N VAL G 67 -21.19 -7.82 -19.65
CA VAL G 67 -21.00 -9.24 -19.92
C VAL G 67 -21.21 -10.02 -18.64
N ILE G 68 -22.13 -10.97 -18.66
CA ILE G 68 -22.42 -11.83 -17.52
C ILE G 68 -21.92 -13.22 -17.86
N THR G 69 -21.06 -13.76 -16.99
CA THR G 69 -20.35 -15.01 -17.24
C THR G 69 -20.79 -16.05 -16.21
N THR G 70 -21.11 -17.25 -16.69
CA THR G 70 -21.54 -18.35 -15.84
C THR G 70 -20.49 -19.46 -15.84
N TYR G 71 -20.28 -20.09 -14.70
CA TYR G 71 -19.18 -21.03 -14.54
C TYR G 71 -19.69 -22.44 -14.30
N TRP G 72 -18.87 -23.42 -14.68
CA TRP G 72 -19.27 -24.83 -14.74
C TRP G 72 -18.96 -25.58 -13.45
N GLY G 73 -17.69 -25.64 -13.07
CA GLY G 73 -17.24 -26.55 -12.04
C GLY G 73 -16.73 -25.91 -10.77
N LEU G 74 -17.44 -24.90 -10.28
CA LEU G 74 -17.11 -24.28 -9.01
C LEU G 74 -17.17 -25.32 -7.90
N HIS G 75 -16.35 -25.10 -6.87
CA HIS G 75 -16.24 -26.04 -5.75
C HIS G 75 -17.49 -25.94 -4.90
N THR G 76 -18.46 -26.81 -5.17
CA THR G 76 -19.70 -26.91 -4.41
C THR G 76 -20.41 -25.56 -4.31
N GLY G 77 -20.86 -25.07 -5.45
CA GLY G 77 -21.54 -23.79 -5.52
C GLY G 77 -22.95 -23.82 -4.94
N LEU G 83 -23.84 -29.24 -9.90
CA LEU G 83 -22.52 -29.56 -9.39
C LEU G 83 -21.88 -28.32 -8.76
N GLY G 84 -22.58 -27.19 -8.86
CA GLY G 84 -22.10 -25.96 -8.30
C GLY G 84 -21.58 -24.98 -9.34
N GLN G 85 -22.36 -23.95 -9.63
CA GLN G 85 -22.02 -22.98 -10.66
C GLN G 85 -21.82 -21.61 -10.05
N GLY G 86 -21.26 -20.70 -10.84
CA GLY G 86 -20.99 -19.35 -10.38
C GLY G 86 -21.30 -18.33 -11.46
N VAL G 87 -21.40 -17.08 -11.05
CA VAL G 87 -21.71 -15.98 -11.95
C VAL G 87 -20.86 -14.78 -11.58
N SER G 88 -20.39 -14.06 -12.59
CA SER G 88 -19.58 -12.86 -12.41
C SER G 88 -19.99 -11.82 -13.43
N ILE G 89 -20.29 -10.62 -12.96
CA ILE G 89 -20.84 -9.55 -13.79
C ILE G 89 -19.75 -8.51 -14.02
N GLU G 90 -19.61 -8.09 -15.28
CA GLU G 90 -18.54 -7.18 -15.67
C GLU G 90 -19.08 -6.10 -16.58
N TRP G 91 -18.36 -4.97 -16.63
CA TRP G 91 -18.63 -3.86 -17.55
C TRP G 91 -17.37 -3.66 -18.37
N ARG G 92 -17.28 -4.33 -19.52
CA ARG G 92 -16.09 -4.27 -20.35
C ARG G 92 -16.24 -3.16 -21.37
N LYS G 93 -15.21 -2.33 -21.52
CA LYS G 93 -15.22 -1.27 -22.52
C LYS G 93 -13.79 -1.05 -23.00
N LYS G 94 -13.47 -1.61 -24.17
CA LYS G 94 -12.21 -1.35 -24.87
C LYS G 94 -11.01 -1.56 -23.95
N ARG G 95 -10.83 -2.82 -23.54
CA ARG G 95 -9.72 -3.23 -22.67
C ARG G 95 -9.74 -2.53 -21.32
N TYR G 96 -10.90 -2.05 -20.88
CA TYR G 96 -11.09 -1.52 -19.53
C TYR G 96 -12.29 -2.22 -18.93
N SER G 97 -12.04 -3.23 -18.10
CA SER G 97 -13.09 -4.07 -17.54
C SER G 97 -13.15 -3.85 -16.04
N THR G 98 -14.37 -3.67 -15.53
CA THR G 98 -14.60 -3.46 -14.11
C THR G 98 -15.70 -4.37 -13.60
N GLN G 99 -15.55 -4.82 -12.37
CA GLN G 99 -16.58 -5.62 -11.73
C GLN G 99 -17.75 -4.72 -11.31
N VAL G 100 -18.92 -5.33 -11.21
CA VAL G 100 -20.17 -4.60 -10.98
C VAL G 100 -21.09 -5.45 -10.12
N ASP G 101 -21.66 -4.86 -9.08
CA ASP G 101 -22.58 -5.58 -8.21
C ASP G 101 -23.91 -5.81 -8.93
N PRO G 102 -24.73 -6.76 -8.46
CA PRO G 102 -25.98 -7.05 -9.17
C PRO G 102 -26.91 -5.86 -9.32
N ASP G 103 -27.07 -5.04 -8.27
CA ASP G 103 -28.00 -3.92 -8.34
C ASP G 103 -27.56 -2.93 -9.41
N LEU G 104 -26.28 -2.59 -9.44
CA LEU G 104 -25.78 -1.66 -10.45
C LEU G 104 -25.85 -2.27 -11.85
N ALA G 105 -25.66 -3.59 -11.96
CA ALA G 105 -25.79 -4.23 -13.26
C ALA G 105 -27.21 -4.12 -13.78
N ASP G 106 -28.20 -4.35 -12.91
CA ASP G 106 -29.58 -4.17 -13.31
C ASP G 106 -29.87 -2.73 -13.70
N GLN G 107 -29.35 -1.77 -12.91
CA GLN G 107 -29.60 -0.37 -13.20
C GLN G 107 -29.03 0.01 -14.56
N LEU G 108 -27.81 -0.46 -14.87
CA LEU G 108 -27.23 -0.17 -16.18
C LEU G 108 -27.96 -0.89 -17.29
N ILE G 109 -28.51 -2.08 -17.02
CA ILE G 109 -29.27 -2.79 -18.05
C ILE G 109 -30.54 -2.01 -18.39
N HIS G 110 -31.22 -1.49 -17.37
CA HIS G 110 -32.47 -0.77 -17.60
C HIS G 110 -32.27 0.54 -18.35
N LEU G 111 -31.04 1.06 -18.38
CA LEU G 111 -30.78 2.36 -18.98
C LEU G 111 -31.04 2.38 -20.48
N HIS G 112 -31.09 1.23 -21.14
CA HIS G 112 -31.18 1.27 -22.59
C HIS G 112 -32.30 0.42 -23.17
N TYR G 113 -32.59 -0.75 -22.60
CA TYR G 113 -33.24 -1.79 -23.39
C TYR G 113 -34.76 -1.82 -23.25
N PHE G 114 -35.26 -2.06 -22.04
CA PHE G 114 -36.70 -2.12 -21.78
C PHE G 114 -37.30 -0.74 -21.59
N ASP G 115 -38.52 -0.52 -22.09
CA ASP G 115 -39.10 0.84 -22.05
C ASP G 115 -39.47 1.31 -20.66
N CYS G 116 -39.44 2.62 -20.46
CA CYS G 116 -39.73 3.18 -19.15
C CYS G 116 -40.48 4.51 -19.24
N PHE G 117 -41.19 4.87 -18.17
CA PHE G 117 -41.93 6.13 -18.16
C PHE G 117 -41.10 7.22 -18.80
N SER G 118 -41.70 8.02 -19.67
CA SER G 118 -40.95 9.03 -20.37
C SER G 118 -41.01 10.35 -19.59
N GLU G 119 -40.33 11.38 -20.12
CA GLU G 119 -40.34 12.67 -19.46
C GLU G 119 -41.73 13.29 -19.45
N SER G 120 -42.55 13.00 -20.45
CA SER G 120 -43.91 13.49 -20.53
C SER G 120 -44.90 12.58 -19.83
N ALA G 121 -44.43 11.76 -18.88
CA ALA G 121 -45.29 10.84 -18.15
C ALA G 121 -45.61 11.33 -16.75
N ILE G 122 -45.29 12.57 -16.43
CA ILE G 122 -45.57 13.16 -15.12
C ILE G 122 -46.72 14.15 -15.19
N ARG G 123 -46.62 15.14 -16.09
CA ARG G 123 -47.70 16.10 -16.24
C ARG G 123 -48.97 15.42 -16.75
N ASN G 124 -48.83 14.37 -17.56
CA ASN G 124 -50.01 13.69 -18.09
C ASN G 124 -50.82 13.04 -16.98
N THR G 125 -50.16 12.36 -16.03
CA THR G 125 -50.89 11.74 -14.94
C THR G 125 -51.31 12.75 -13.90
N ILE G 126 -50.54 13.84 -13.72
CA ILE G 126 -50.95 14.87 -12.76
C ILE G 126 -52.27 15.50 -13.20
N LEU G 127 -52.41 15.76 -14.48
CA LEU G 127 -53.62 16.39 -15.02
C LEU G 127 -54.68 15.38 -15.44
N GLY G 128 -54.45 14.09 -15.20
CA GLY G 128 -55.46 13.07 -15.43
C GLY G 128 -55.43 12.42 -16.79
N ARG G 129 -54.59 12.87 -17.71
CA ARG G 129 -54.53 12.27 -19.04
C ARG G 129 -53.90 10.88 -18.95
N ILE G 130 -53.91 10.18 -20.09
CA ILE G 130 -53.36 8.83 -20.14
C ILE G 130 -51.84 8.90 -20.17
N VAL G 131 -51.20 7.78 -19.83
CA VAL G 131 -49.75 7.61 -19.89
C VAL G 131 -49.45 6.57 -20.96
N SER G 132 -48.70 6.97 -21.99
CA SER G 132 -48.45 6.09 -23.11
C SER G 132 -47.40 5.02 -22.79
N PRO G 133 -46.20 5.37 -22.32
CA PRO G 133 -45.21 4.35 -22.00
C PRO G 133 -45.30 3.90 -20.56
N ARG G 134 -44.87 2.68 -20.29
CA ARG G 134 -44.84 2.20 -18.91
C ARG G 134 -43.47 1.60 -18.56
N CYS G 135 -43.34 1.04 -17.35
CA CYS G 135 -42.07 0.45 -16.93
C CYS G 135 -42.20 -1.02 -16.61
N GLU G 136 -41.92 -1.88 -17.59
CA GLU G 136 -41.96 -3.32 -17.41
C GLU G 136 -40.78 -3.83 -16.59
N TYR G 137 -39.62 -3.19 -16.71
CA TYR G 137 -38.47 -3.48 -15.86
C TYR G 137 -38.63 -2.74 -14.54
N GLN G 138 -39.52 -3.26 -13.69
CA GLN G 138 -39.61 -2.72 -12.34
C GLN G 138 -38.33 -2.97 -11.57
N ALA G 139 -37.73 -4.15 -11.76
CA ALA G 139 -36.51 -4.50 -11.05
C ALA G 139 -35.32 -3.64 -11.44
N GLY G 140 -35.44 -2.90 -12.53
CA GLY G 140 -34.35 -2.05 -12.98
C GLY G 140 -34.25 -0.79 -12.16
N HIS G 141 -35.27 -0.52 -11.33
CA HIS G 141 -35.27 0.65 -10.49
C HIS G 141 -34.89 0.26 -9.09
N ASN G 142 -33.63 0.45 -8.74
CA ASN G 142 -33.18 0.06 -7.40
C ASN G 142 -33.49 1.15 -6.38
N VAL G 144 -32.54 4.04 -3.83
CA VAL G 144 -33.84 4.70 -3.80
C VAL G 144 -33.93 5.70 -4.94
N GLY G 145 -35.14 5.87 -5.48
CA GLY G 145 -35.37 6.77 -6.58
C GLY G 145 -35.97 8.10 -6.14
N SER G 146 -36.12 8.99 -7.11
CA SER G 146 -36.75 10.27 -6.85
C SER G 146 -38.20 10.07 -6.45
N LEU G 147 -38.69 10.93 -5.56
CA LEU G 147 -40.05 10.79 -5.04
C LEU G 147 -41.07 10.79 -6.17
N GLN G 148 -40.77 11.45 -7.29
CA GLN G 148 -41.66 11.39 -8.43
C GLN G 148 -41.82 9.97 -8.92
N TYR G 149 -40.72 9.19 -8.96
CA TYR G 149 -40.81 7.79 -9.38
C TYR G 149 -41.69 7.01 -8.43
N LEU G 150 -41.47 7.12 -7.12
CA LEU G 150 -42.24 6.35 -6.16
C LEU G 150 -43.72 6.68 -6.27
N ALA G 151 -44.04 7.98 -6.34
CA ALA G 151 -45.44 8.38 -6.44
C ALA G 151 -46.06 7.86 -7.73
N LEU G 152 -45.35 8.00 -8.86
CA LEU G 152 -45.91 7.57 -10.14
C LEU G 152 -46.11 6.07 -10.18
N ALA G 153 -45.17 5.31 -9.64
CA ALA G 153 -45.33 3.86 -9.60
C ALA G 153 -46.49 3.46 -8.72
N ALA G 154 -46.74 4.19 -7.64
CA ALA G 154 -47.93 3.91 -6.84
C ALA G 154 -49.21 4.22 -7.60
N LEU G 155 -49.24 5.34 -8.34
CA LEU G 155 -50.39 5.63 -9.18
C LEU G 155 -50.52 4.60 -10.30
N ILE G 156 -49.41 4.23 -10.92
CA ILE G 156 -49.42 3.27 -12.02
C ILE G 156 -48.68 2.01 -11.59
N LYS G 157 -49.40 1.05 -11.01
CA LYS G 157 -48.77 -0.14 -10.46
C LYS G 157 -48.55 -1.16 -11.57
N PRO G 158 -47.31 -1.53 -11.90
CA PRO G 158 -47.02 -2.52 -12.94
C PRO G 158 -47.51 -3.92 -12.58
N ILE G 161 -44.85 -8.88 -17.33
CA ILE G 161 -44.60 -9.71 -18.49
C ILE G 161 -44.84 -11.17 -18.13
N LYS G 162 -45.62 -11.88 -18.95
CA LYS G 162 -45.90 -13.28 -18.68
C LYS G 162 -44.63 -14.14 -18.69
N PRO G 163 -43.77 -14.08 -19.71
CA PRO G 163 -42.44 -14.67 -19.56
C PRO G 163 -41.50 -13.67 -18.92
N PRO G 164 -41.03 -13.94 -17.71
CA PRO G 164 -40.42 -12.88 -16.89
C PRO G 164 -39.20 -12.27 -17.55
N LEU G 165 -38.99 -11.00 -17.27
CA LEU G 165 -37.84 -10.26 -17.78
C LEU G 165 -36.55 -10.75 -17.13
N PRO G 166 -35.43 -10.77 -17.87
CA PRO G 166 -34.17 -11.26 -17.33
C PRO G 166 -33.47 -10.22 -16.47
N SER G 167 -33.44 -10.47 -15.16
CA SER G 167 -32.76 -9.58 -14.21
C SER G 167 -31.62 -10.34 -13.54
N VAL G 168 -30.60 -9.57 -13.11
CA VAL G 168 -29.41 -10.15 -12.50
C VAL G 168 -29.42 -9.98 -10.98
N ARG G 169 -30.51 -9.47 -10.41
CA ARG G 169 -30.67 -9.47 -8.96
C ARG G 169 -31.48 -10.66 -8.47
N LYS G 170 -32.40 -11.17 -9.29
CA LYS G 170 -33.07 -12.41 -8.97
C LYS G 170 -32.10 -13.59 -9.00
N LEU G 171 -31.05 -13.50 -9.83
CA LEU G 171 -30.16 -14.62 -10.03
C LEU G 171 -29.18 -14.77 -8.87
N THR G 172 -28.39 -13.73 -8.62
CA THR G 172 -27.32 -13.82 -7.64
C THR G 172 -27.83 -14.07 -6.23
N GLU G 173 -29.12 -13.81 -5.99
CA GLU G 173 -29.71 -14.14 -4.70
C GLU G 173 -29.69 -15.66 -4.54
N ASP G 174 -29.46 -16.10 -3.30
CA ASP G 174 -29.18 -17.52 -2.99
C ASP G 174 -27.95 -18.00 -3.75
N MET H 1 -26.54 1.50 13.76
CA MET H 1 -27.87 1.82 13.27
C MET H 1 -28.73 2.43 14.37
N ASP H 2 -29.36 3.57 14.05
CA ASP H 2 -30.15 4.33 14.99
C ASP H 2 -31.62 4.35 14.57
N VAL H 3 -32.45 4.98 15.40
CA VAL H 3 -33.88 5.09 15.16
C VAL H 3 -34.25 6.57 15.13
N PHE H 4 -34.99 6.97 14.09
CA PHE H 4 -35.37 8.35 13.89
C PHE H 4 -36.73 8.63 14.50
N LEU H 5 -36.80 9.66 15.35
CA LEU H 5 -38.02 10.04 16.04
C LEU H 5 -38.32 11.51 15.77
N MET H 6 -39.58 11.88 15.90
CA MET H 6 -40.01 13.25 15.72
C MET H 6 -40.81 13.72 16.93
N ILE H 7 -40.88 15.04 17.10
CA ILE H 7 -41.58 15.67 18.20
C ILE H 7 -42.88 16.25 17.67
N ARG H 8 -43.98 16.02 18.38
CA ARG H 8 -45.28 16.56 18.04
C ARG H 8 -45.71 17.49 19.18
N ARG H 9 -45.24 18.74 19.12
CA ARG H 9 -45.53 19.73 20.15
C ARG H 9 -46.65 20.63 19.63
N HIS H 10 -47.88 20.29 20.01
CA HIS H 10 -49.06 21.07 19.65
C HIS H 10 -49.08 21.39 18.16
N LYS H 11 -48.66 22.60 17.80
CA LYS H 11 -48.58 23.02 16.40
C LYS H 11 -47.26 22.62 15.74
N THR H 12 -46.26 22.24 16.53
CA THR H 12 -44.92 21.98 16.02
C THR H 12 -44.74 20.50 15.69
N THR H 13 -43.97 20.23 14.64
CA THR H 13 -43.72 18.88 14.13
C THR H 13 -42.24 18.69 13.85
N ILE H 14 -41.39 18.98 14.85
CA ILE H 14 -39.95 18.87 14.71
C ILE H 14 -39.57 17.51 14.16
N PHE H 15 -38.84 17.50 13.04
CA PHE H 15 -38.25 16.30 12.47
C PHE H 15 -36.74 16.36 12.68
N THR H 16 -36.19 15.34 13.34
CA THR H 16 -34.79 15.35 13.69
C THR H 16 -34.28 13.91 13.75
N ASP H 17 -33.07 13.74 14.27
CA ASP H 17 -32.40 12.45 14.35
C ASP H 17 -32.21 12.05 15.80
N ALA H 18 -32.35 10.76 16.07
CA ALA H 18 -32.08 10.19 17.38
C ALA H 18 -31.19 8.97 17.23
N LYS H 19 -30.33 8.75 18.22
CA LYS H 19 -29.48 7.58 18.23
C LYS H 19 -30.19 6.40 18.90
N GLU H 20 -29.68 5.19 18.64
CA GLU H 20 -30.36 3.99 19.12
C GLU H 20 -30.39 3.94 20.64
N SER H 21 -29.29 4.30 21.30
CA SER H 21 -29.18 4.22 22.76
C SER H 21 -29.09 5.60 23.40
N SER H 22 -29.88 6.55 22.89
CA SER H 22 -29.91 7.89 23.46
C SER H 22 -30.63 7.89 24.80
N THR H 23 -30.20 8.77 25.69
CA THR H 23 -30.83 8.98 26.98
C THR H 23 -31.75 10.20 26.91
N VAL H 24 -32.70 10.26 27.83
CA VAL H 24 -33.65 11.36 27.86
C VAL H 24 -32.94 12.68 28.10
N PHE H 25 -31.89 12.67 28.93
CA PHE H 25 -31.15 13.87 29.27
C PHE H 25 -30.56 14.51 28.01
N GLU H 26 -29.84 13.74 27.20
CA GLU H 26 -29.28 14.29 25.98
C GLU H 26 -30.34 14.55 24.92
N LEU H 27 -31.47 13.83 24.97
CA LEU H 27 -32.55 14.10 24.05
C LEU H 27 -33.16 15.48 24.29
N LYS H 28 -33.30 15.87 25.56
CA LYS H 28 -33.95 17.14 25.88
C LYS H 28 -33.04 18.33 25.64
N ARG H 29 -31.73 18.18 25.87
CA ARG H 29 -30.85 19.35 25.88
C ARG H 29 -30.80 20.04 24.52
N ILE H 30 -30.51 19.26 23.46
CA ILE H 30 -30.20 19.82 22.15
C ILE H 30 -31.18 19.33 21.08
N VAL H 31 -31.50 18.03 21.09
CA VAL H 31 -32.27 17.44 19.98
C VAL H 31 -33.62 18.13 19.85
N GLU H 32 -34.26 18.44 20.98
CA GLU H 32 -35.49 19.22 20.97
C GLU H 32 -35.25 20.68 21.32
N GLY H 33 -33.99 21.11 21.38
CA GLY H 33 -33.64 22.48 21.67
C GLY H 33 -33.65 23.41 20.48
N ILE H 34 -34.18 22.97 19.34
CA ILE H 34 -34.24 23.81 18.15
C ILE H 34 -35.11 25.03 18.41
N LEU H 35 -36.26 24.84 19.05
CA LEU H 35 -37.15 25.94 19.41
C LEU H 35 -36.78 26.56 20.75
N LYS H 36 -35.54 26.41 21.20
CA LYS H 36 -35.05 27.00 22.44
C LYS H 36 -35.92 26.55 23.62
N ARG H 37 -35.96 25.24 23.81
CA ARG H 37 -36.81 24.61 24.83
C ARG H 37 -35.96 23.74 25.74
N PRO H 38 -35.36 24.33 26.76
CA PRO H 38 -34.59 23.54 27.72
C PRO H 38 -35.50 22.70 28.59
N PRO H 39 -34.97 21.70 29.29
CA PRO H 39 -35.83 20.83 30.11
C PRO H 39 -36.59 21.59 31.20
N ASP H 40 -36.12 22.76 31.61
CA ASP H 40 -36.84 23.54 32.60
C ASP H 40 -38.20 23.96 32.07
N GLU H 41 -39.21 23.90 32.93
CA GLU H 41 -40.58 24.26 32.60
C GLU H 41 -41.09 23.47 31.39
N GLN H 42 -40.73 22.19 31.32
CA GLN H 42 -41.19 21.32 30.25
C GLN H 42 -40.99 19.87 30.65
N ARG H 43 -41.84 19.00 30.10
CA ARG H 43 -41.75 17.57 30.32
C ARG H 43 -42.20 16.86 29.04
N LEU H 44 -41.42 15.88 28.60
CA LEU H 44 -41.81 15.09 27.45
C LEU H 44 -43.01 14.21 27.80
N TYR H 45 -43.89 14.03 26.81
CA TYR H 45 -45.15 13.32 27.00
C TYR H 45 -45.30 12.22 25.96
N LYS H 46 -44.26 11.40 25.82
CA LYS H 46 -44.26 10.28 24.89
C LYS H 46 -45.42 9.34 25.19
N ASP H 47 -46.39 9.28 24.27
CA ASP H 47 -47.60 8.49 24.44
C ASP H 47 -48.28 8.77 25.77
N ASP H 48 -48.73 7.72 26.45
CA ASP H 48 -49.34 7.86 27.77
C ASP H 48 -48.33 7.75 28.89
N GLN H 49 -47.28 6.93 28.71
CA GLN H 49 -46.23 6.81 29.71
C GLN H 49 -45.46 8.11 29.90
N LEU H 50 -45.45 8.99 28.89
CA LEU H 50 -44.74 10.27 28.92
C LEU H 50 -43.24 10.08 29.09
N LEU H 51 -42.72 8.90 28.72
CA LEU H 51 -41.31 8.56 28.92
C LEU H 51 -40.90 8.78 30.37
N ASP H 52 -41.77 8.38 31.30
CA ASP H 52 -41.62 8.68 32.72
C ASP H 52 -41.42 10.17 32.91
N ASP H 53 -40.32 10.56 33.53
CA ASP H 53 -39.93 11.96 33.61
C ASP H 53 -38.61 12.26 32.91
N GLY H 54 -37.71 11.29 32.83
CA GLY H 54 -36.45 11.49 32.15
C GLY H 54 -35.36 10.67 32.83
N LYS H 55 -34.15 10.81 32.28
CA LYS H 55 -32.96 10.13 32.79
C LYS H 55 -33.19 8.61 32.86
N THR H 56 -33.93 8.08 31.89
CA THR H 56 -34.24 6.66 31.83
C THR H 56 -33.74 6.11 30.51
N LEU H 57 -32.92 5.06 30.58
CA LEU H 57 -32.40 4.39 29.40
C LEU H 57 -33.18 3.13 29.03
N GLY H 58 -34.15 2.72 29.86
CA GLY H 58 -34.89 1.51 29.58
C GLY H 58 -35.75 1.63 28.34
N GLU H 59 -36.45 2.75 28.19
CA GLU H 59 -37.32 2.97 27.04
C GLU H 59 -36.72 3.94 26.03
N CYS H 60 -35.89 4.89 26.48
CA CYS H 60 -35.27 5.83 25.55
C CYS H 60 -34.36 5.14 24.55
N GLY H 61 -33.85 3.95 24.87
CA GLY H 61 -33.12 3.14 23.91
C GLY H 61 -34.04 2.33 23.05
N PHE H 62 -34.94 3.00 22.34
CA PHE H 62 -35.95 2.32 21.53
C PHE H 62 -35.31 1.61 20.35
N THR H 63 -35.87 0.46 19.98
CA THR H 63 -35.36 -0.30 18.85
C THR H 63 -35.61 0.43 17.54
N SER H 64 -34.71 0.21 16.58
CA SER H 64 -34.84 0.81 15.27
C SER H 64 -35.86 0.08 14.39
N GLN H 65 -36.38 -1.04 14.87
CA GLN H 65 -37.36 -1.79 14.11
C GLN H 65 -38.75 -1.17 14.24
N THR H 66 -39.09 -0.73 15.44
CA THR H 66 -40.42 -0.17 15.67
C THR H 66 -40.66 1.09 14.83
N ALA H 67 -39.66 1.95 14.76
CA ALA H 67 -39.80 3.18 13.98
C ALA H 67 -38.91 3.14 12.75
N ARG H 68 -39.50 3.30 11.57
CA ARG H 68 -38.74 3.23 10.33
C ARG H 68 -38.90 4.52 9.53
N PRO H 69 -38.01 4.75 8.56
CA PRO H 69 -38.07 6.00 7.81
C PRO H 69 -39.46 6.27 7.25
N GLN H 70 -40.08 5.26 6.66
CA GLN H 70 -41.42 5.42 6.11
C GLN H 70 -42.44 5.70 7.21
N ALA H 71 -42.32 5.02 8.34
CA ALA H 71 -43.27 5.20 9.44
C ALA H 71 -42.58 5.22 10.81
N PRO H 72 -42.04 6.38 11.19
CA PRO H 72 -41.39 6.49 12.50
C PRO H 72 -42.38 6.92 13.57
N ALA H 73 -42.07 6.56 14.81
CA ALA H 73 -42.96 6.85 15.92
C ALA H 73 -42.90 8.34 16.28
N THR H 74 -43.90 8.77 17.04
CA THR H 74 -43.98 10.14 17.53
C THR H 74 -43.62 10.19 19.01
N VAL H 75 -43.32 11.41 19.47
CA VAL H 75 -42.98 11.61 20.87
C VAL H 75 -43.99 12.57 21.50
N GLY H 76 -44.06 13.78 20.99
CA GLY H 76 -44.94 14.79 21.55
C GLY H 76 -44.28 15.57 22.68
N LEU H 77 -44.83 16.76 22.92
CA LEU H 77 -44.29 17.63 23.95
C LEU H 77 -45.36 18.66 24.32
N ALA H 78 -45.19 19.24 25.51
CA ALA H 78 -46.03 20.33 26.00
C ALA H 78 -45.35 20.87 27.26
N PHE H 79 -46.00 21.83 27.92
CA PHE H 79 -45.49 22.38 29.17
C PHE H 79 -46.38 21.99 30.35
N CYS H 89 -51.22 19.82 23.23
CA CYS H 89 -52.11 18.89 22.52
C CYS H 89 -51.43 18.34 21.27
N ILE H 90 -52.23 17.74 20.39
CA ILE H 90 -51.73 17.16 19.14
C ILE H 90 -52.61 17.65 18.01
N GLU H 91 -52.01 18.35 17.05
CA GLU H 91 -52.77 18.81 15.90
C GLU H 91 -53.03 17.65 14.95
N PRO H 92 -54.26 17.49 14.45
CA PRO H 92 -54.53 16.42 13.48
C PRO H 92 -53.99 16.78 12.11
N PHE H 93 -53.38 15.80 11.45
CA PHE H 93 -52.92 16.00 10.08
C PHE H 93 -54.11 16.16 9.14
N SER H 94 -53.88 16.87 8.03
CA SER H 94 -54.94 17.12 7.08
C SER H 94 -55.43 15.81 6.46
N SER H 95 -56.72 15.77 6.15
CA SER H 95 -57.31 14.58 5.59
C SER H 95 -57.62 14.76 4.10
N PRO H 96 -57.52 13.69 3.30
CA PRO H 96 -57.81 13.76 1.86
C PRO H 96 -59.29 14.04 1.57
N MET I 1 -29.86 25.92 13.08
CA MET I 1 -29.40 25.57 11.74
C MET I 1 -30.49 24.87 10.95
N TYR I 2 -31.62 24.60 11.61
CA TYR I 2 -32.73 23.92 10.97
C TYR I 2 -33.45 24.88 10.01
N VAL I 3 -34.28 24.31 9.15
CA VAL I 3 -35.12 25.07 8.23
C VAL I 3 -36.58 24.84 8.61
N LYS I 4 -37.33 25.92 8.76
CA LYS I 4 -38.72 25.87 9.19
C LYS I 4 -39.61 25.90 7.94
N LEU I 5 -40.29 24.79 7.68
CA LEU I 5 -41.11 24.64 6.48
C LEU I 5 -42.58 24.77 6.89
N ILE I 6 -43.11 25.98 6.80
CA ILE I 6 -44.49 26.24 7.19
C ILE I 6 -45.42 25.73 6.10
N SER I 7 -46.35 24.87 6.48
CA SER I 7 -47.28 24.30 5.51
C SER I 7 -48.46 25.26 5.31
N SER I 8 -49.46 24.81 4.56
CA SER I 8 -50.59 25.69 4.23
C SER I 8 -51.37 26.09 5.47
N ASP I 9 -51.79 25.11 6.27
CA ASP I 9 -52.64 25.42 7.41
C ASP I 9 -51.86 26.19 8.48
N GLY I 10 -50.59 25.84 8.67
CA GLY I 10 -49.79 26.49 9.70
C GLY I 10 -48.87 25.53 10.43
N HIS I 11 -48.99 24.24 10.13
CA HIS I 11 -48.10 23.27 10.73
C HIS I 11 -46.65 23.57 10.34
N GLU I 12 -45.75 23.46 11.31
CA GLU I 12 -44.33 23.62 11.05
C GLU I 12 -43.69 22.23 10.99
N PHE I 13 -42.99 21.95 9.89
CA PHE I 13 -42.41 20.64 9.70
C PHE I 13 -40.89 20.74 9.75
N ILE I 14 -40.38 21.47 10.73
CA ILE I 14 -38.96 21.77 10.87
C ILE I 14 -38.11 20.52 10.73
N VAL I 15 -37.18 20.54 9.79
CA VAL I 15 -36.37 19.39 9.42
C VAL I 15 -34.90 19.82 9.47
N LYS I 16 -34.02 18.85 9.72
CA LYS I 16 -32.59 19.11 9.71
C LYS I 16 -32.19 19.72 8.38
N ARG I 17 -31.23 20.65 8.42
CA ARG I 17 -30.87 21.40 7.22
C ARG I 17 -30.38 20.48 6.12
N GLU I 18 -29.48 19.55 6.45
CA GLU I 18 -28.85 18.73 5.42
C GLU I 18 -29.86 17.85 4.67
N HIS I 19 -30.99 17.53 5.29
CA HIS I 19 -32.00 16.74 4.60
C HIS I 19 -32.73 17.57 3.54
N ALA I 20 -33.07 18.82 3.88
CA ALA I 20 -33.90 19.64 3.01
C ALA I 20 -33.21 20.02 1.70
N LEU I 21 -31.89 20.08 1.69
CA LEU I 21 -31.17 20.47 0.48
C LEU I 21 -31.06 19.35 -0.55
N THR I 22 -31.74 18.22 -0.34
CA THR I 22 -31.77 17.20 -1.37
C THR I 22 -32.70 17.56 -2.53
N SER I 23 -33.54 18.57 -2.37
CA SER I 23 -34.47 19.01 -3.40
C SER I 23 -33.97 20.33 -3.99
N GLY I 24 -33.93 20.41 -5.32
CA GLY I 24 -33.36 21.57 -5.97
C GLY I 24 -34.16 22.84 -5.72
N THR I 25 -35.48 22.75 -5.73
CA THR I 25 -36.30 23.95 -5.58
C THR I 25 -36.15 24.56 -4.20
N ILE I 26 -35.99 23.74 -3.15
CA ILE I 26 -35.71 24.29 -1.83
C ILE I 26 -34.38 25.03 -1.83
N LYS I 27 -33.36 24.45 -2.47
CA LYS I 27 -32.06 25.10 -2.54
C LYS I 27 -32.15 26.45 -3.22
N ALA I 28 -32.87 26.52 -4.35
CA ALA I 28 -33.01 27.78 -5.06
C ALA I 28 -33.93 28.75 -4.32
N MET I 29 -34.87 28.23 -3.52
CA MET I 29 -35.81 29.09 -2.80
C MET I 29 -35.18 29.76 -1.59
N LEU I 30 -34.33 29.02 -0.85
CA LEU I 30 -33.67 29.63 0.29
C LEU I 30 -32.68 30.71 -0.15
N SER I 31 -32.04 30.52 -1.30
CA SER I 31 -31.10 31.51 -1.80
C SER I 31 -31.81 32.79 -2.21
N GLY I 32 -31.17 33.93 -1.97
CA GLY I 32 -31.76 35.21 -2.27
C GLY I 32 -32.80 35.62 -1.25
N PRO I 33 -33.64 36.61 -1.61
CA PRO I 33 -34.69 37.13 -0.73
C PRO I 33 -36.03 36.46 -0.98
N ASN I 42 -35.10 29.04 9.48
CA ASN I 42 -35.51 30.04 8.50
C ASN I 42 -37.03 30.08 8.37
N GLU I 43 -37.52 30.29 7.15
CA GLU I 43 -38.96 30.34 6.92
C GLU I 43 -39.21 30.03 5.45
N VAL I 44 -40.05 29.02 5.21
CA VAL I 44 -40.49 28.67 3.87
C VAL I 44 -41.98 28.36 3.93
N ASN I 45 -42.74 28.88 2.97
CA ASN I 45 -44.18 28.79 2.99
C ASN I 45 -44.67 27.88 1.86
N PHE I 46 -45.54 26.93 2.22
CA PHE I 46 -46.08 25.95 1.28
C PHE I 46 -47.60 25.96 1.38
N ARG I 47 -48.24 26.88 0.64
CA ARG I 47 -49.68 26.99 0.66
C ARG I 47 -50.37 25.90 -0.16
N GLU I 48 -49.75 25.47 -1.26
CA GLU I 48 -50.32 24.40 -2.07
C GLU I 48 -50.01 23.02 -1.51
N ILE I 49 -49.10 22.91 -0.56
CA ILE I 49 -48.68 21.64 0.01
C ILE I 49 -49.22 21.57 1.44
N PRO I 50 -50.28 20.81 1.70
CA PRO I 50 -50.78 20.67 3.07
C PRO I 50 -50.11 19.53 3.83
N SER I 51 -50.59 19.26 5.05
CA SER I 51 -49.92 18.33 5.95
C SER I 51 -49.81 16.93 5.35
N HIS I 52 -50.93 16.41 4.86
CA HIS I 52 -50.95 15.01 4.46
C HIS I 52 -50.07 14.70 3.27
N VAL I 53 -49.35 15.65 2.70
CA VAL I 53 -48.36 15.39 1.66
C VAL I 53 -46.99 15.94 2.04
N LEU I 54 -46.96 17.11 2.67
CA LEU I 54 -45.69 17.67 3.12
C LEU I 54 -45.03 16.79 4.18
N SER I 55 -45.84 16.21 5.08
CA SER I 55 -45.29 15.30 6.07
C SER I 55 -44.55 14.15 5.40
N LYS I 56 -45.20 13.53 4.41
CA LYS I 56 -44.56 12.45 3.68
C LYS I 56 -43.36 12.93 2.89
N VAL I 57 -43.38 14.18 2.42
CA VAL I 57 -42.24 14.69 1.66
C VAL I 57 -41.01 14.83 2.55
N CYS I 58 -41.17 15.43 3.72
CA CYS I 58 -40.02 15.53 4.63
C CYS I 58 -39.59 14.15 5.13
N MET I 59 -40.55 13.26 5.37
CA MET I 59 -40.23 11.91 5.80
C MET I 59 -39.43 11.18 4.73
N TYR I 60 -39.84 11.32 3.46
CA TYR I 60 -39.04 10.79 2.37
C TYR I 60 -37.68 11.45 2.30
N PHE I 61 -37.59 12.73 2.66
CA PHE I 61 -36.28 13.38 2.68
C PHE I 61 -35.34 12.65 3.64
N THR I 62 -35.81 12.36 4.85
CA THR I 62 -34.98 11.61 5.79
C THR I 62 -34.67 10.21 5.27
N TYR I 63 -35.70 9.53 4.76
CA TYR I 63 -35.53 8.15 4.30
C TYR I 63 -34.51 8.08 3.16
N LYS I 64 -34.54 9.05 2.26
CA LYS I 64 -33.62 9.07 1.14
C LYS I 64 -32.22 9.47 1.58
N VAL I 65 -32.09 10.44 2.49
CA VAL I 65 -30.74 10.86 2.88
C VAL I 65 -30.05 9.75 3.64
N ARG I 66 -30.80 8.90 4.34
CA ARG I 66 -30.12 7.81 5.05
C ARG I 66 -29.96 6.55 4.20
N TYR I 67 -31.01 6.13 3.48
CA TYR I 67 -30.92 4.93 2.64
C TYR I 67 -30.55 5.27 1.20
N THR I 68 -29.47 6.03 1.00
CA THR I 68 -29.00 6.34 -0.35
C THR I 68 -27.70 5.66 -0.70
N ASN I 69 -26.88 5.29 0.29
CA ASN I 69 -25.63 4.60 0.05
C ASN I 69 -25.68 3.13 0.43
N SER I 70 -26.64 2.72 1.25
CA SER I 70 -26.69 1.35 1.74
C SER I 70 -27.09 0.42 0.60
N SER I 71 -26.11 -0.07 -0.14
CA SER I 71 -26.35 -0.90 -1.32
C SER I 71 -26.81 -2.31 -0.98
N THR I 72 -26.76 -2.70 0.30
CA THR I 72 -27.15 -4.05 0.69
C THR I 72 -28.62 -4.33 0.39
N GLU I 73 -29.52 -3.64 1.09
CA GLU I 73 -30.96 -3.87 0.94
C GLU I 73 -31.68 -2.62 1.39
N ILE I 74 -32.38 -1.96 0.47
CA ILE I 74 -33.13 -0.74 0.77
C ILE I 74 -34.62 -1.08 0.76
N PRO I 75 -35.31 -0.99 1.88
CA PRO I 75 -36.75 -1.26 1.89
C PRO I 75 -37.52 -0.22 1.08
N GLU I 76 -38.63 -0.65 0.52
CA GLU I 76 -39.44 0.23 -0.30
C GLU I 76 -40.21 1.21 0.58
N PHE I 77 -40.88 2.16 -0.08
CA PHE I 77 -41.58 3.26 0.57
C PHE I 77 -43.08 3.07 0.40
N PRO I 78 -43.75 2.34 1.29
CA PRO I 78 -45.19 2.09 1.11
C PRO I 78 -46.02 3.33 1.41
N ILE I 79 -46.66 3.90 0.40
CA ILE I 79 -47.51 5.07 0.57
C ILE I 79 -48.87 4.77 -0.04
N ALA I 80 -49.93 5.21 0.63
CA ALA I 80 -51.28 4.86 0.21
C ALA I 80 -51.65 5.58 -1.09
N PRO I 81 -52.46 4.95 -1.94
CA PRO I 81 -52.95 5.64 -3.14
C PRO I 81 -53.94 6.76 -2.85
N GLU I 82 -54.42 6.89 -1.60
CA GLU I 82 -55.35 7.95 -1.27
C GLU I 82 -54.70 9.33 -1.30
N ILE I 83 -53.37 9.40 -1.25
CA ILE I 83 -52.66 10.67 -1.23
C ILE I 83 -51.62 10.68 -2.35
N ALA I 84 -51.64 9.65 -3.19
CA ALA I 84 -50.56 9.44 -4.16
C ALA I 84 -50.51 10.54 -5.21
N LEU I 85 -51.67 11.00 -5.70
CA LEU I 85 -51.65 12.04 -6.74
C LEU I 85 -51.15 13.37 -6.18
N GLU I 86 -51.62 13.75 -4.99
CA GLU I 86 -51.09 14.96 -4.38
C GLU I 86 -49.60 14.83 -4.08
N LEU I 87 -49.15 13.61 -3.75
CA LEU I 87 -47.73 13.41 -3.51
C LEU I 87 -46.93 13.53 -4.79
N LEU I 88 -47.48 13.08 -5.91
CA LEU I 88 -46.80 13.32 -7.19
C LEU I 88 -46.74 14.81 -7.50
N MET I 89 -47.81 15.55 -7.19
CA MET I 89 -47.78 17.00 -7.41
C MET I 89 -46.70 17.66 -6.56
N ALA I 90 -46.60 17.28 -5.29
CA ALA I 90 -45.57 17.84 -4.42
C ALA I 90 -44.18 17.44 -4.88
N ALA I 91 -44.01 16.20 -5.36
CA ALA I 91 -42.71 15.79 -5.86
C ALA I 91 -42.37 16.44 -7.19
N ASN I 92 -43.37 16.88 -7.94
CA ASN I 92 -43.10 17.66 -9.14
C ASN I 92 -42.70 19.09 -8.80
N PHE I 93 -43.27 19.65 -7.73
CA PHE I 93 -42.89 21.00 -7.31
C PHE I 93 -41.52 21.01 -6.65
N LEU I 94 -41.37 20.28 -5.54
CA LEU I 94 -40.15 20.36 -4.76
C LEU I 94 -38.98 19.67 -5.46
N ASP I 95 -39.07 18.36 -5.64
CA ASP I 95 -37.99 17.61 -6.26
C ASP I 95 -37.80 18.02 -7.72
N SER J 6 -58.33 26.06 -15.63
CA SER J 6 -58.33 26.66 -14.30
C SER J 6 -57.16 27.63 -14.14
N LEU J 7 -55.95 27.09 -14.27
CA LEU J 7 -54.72 27.88 -14.15
C LEU J 7 -54.14 28.11 -15.53
N GLN J 8 -53.93 29.37 -15.89
CA GLN J 8 -53.34 29.73 -17.17
C GLN J 8 -52.40 30.90 -16.97
N PHE J 9 -51.53 31.12 -17.97
CA PHE J 9 -50.56 32.20 -17.89
C PHE J 9 -51.26 33.55 -17.76
N GLU J 10 -52.27 33.78 -18.60
CA GLU J 10 -52.96 35.07 -18.61
C GLU J 10 -53.72 35.33 -17.31
N ASP J 11 -54.13 34.28 -16.61
CA ASP J 11 -54.90 34.45 -15.38
C ASP J 11 -54.05 34.93 -14.21
N LYS J 12 -52.72 34.77 -14.28
CA LYS J 12 -51.85 35.13 -13.17
C LYS J 12 -50.64 35.97 -13.56
N TRP J 13 -50.37 36.13 -14.86
CA TRP J 13 -49.22 36.94 -15.27
C TRP J 13 -49.36 38.39 -14.81
N ASP J 14 -50.60 38.86 -14.65
CA ASP J 14 -50.81 40.22 -14.16
C ASP J 14 -50.23 40.40 -12.76
N PHE J 15 -50.42 39.41 -11.90
CA PHE J 15 -49.78 39.43 -10.58
C PHE J 15 -48.30 39.10 -10.67
N MET J 16 -47.91 38.30 -11.67
CA MET J 16 -46.51 37.89 -11.80
C MET J 16 -45.61 39.07 -12.13
N ARG J 17 -46.06 39.94 -13.03
CA ARG J 17 -45.19 40.97 -13.59
C ARG J 17 -44.60 41.93 -12.57
N PRO J 18 -45.37 42.49 -11.61
CA PRO J 18 -44.75 43.46 -10.70
C PRO J 18 -43.60 42.89 -9.89
N ILE J 19 -43.68 41.64 -9.45
CA ILE J 19 -42.59 41.06 -8.69
C ILE J 19 -41.37 40.81 -9.58
N VAL J 20 -41.60 40.45 -10.85
CA VAL J 20 -40.49 40.29 -11.78
C VAL J 20 -39.78 41.62 -11.98
N LEU J 21 -40.55 42.69 -12.15
CA LEU J 21 -39.95 44.01 -12.33
C LEU J 21 -39.21 44.46 -11.07
N LYS J 22 -39.78 44.18 -9.90
CA LYS J 22 -39.11 44.55 -8.65
C LYS J 22 -37.79 43.81 -8.48
N LEU J 23 -37.76 42.53 -8.84
CA LEU J 23 -36.51 41.79 -8.82
C LEU J 23 -35.53 42.33 -9.85
N LEU J 24 -36.02 42.70 -11.03
CA LEU J 24 -35.14 43.13 -12.11
C LEU J 24 -34.49 44.47 -11.80
N ARG J 25 -35.28 45.46 -11.38
CA ARG J 25 -34.85 46.84 -11.28
C ARG J 25 -34.15 47.16 -9.98
N GLN J 26 -33.68 46.15 -9.25
CA GLN J 26 -32.96 46.33 -7.99
C GLN J 26 -33.78 47.16 -7.00
N GLU J 27 -34.95 46.63 -6.67
CA GLU J 27 -35.85 47.26 -5.71
C GLU J 27 -36.01 46.35 -4.49
N SER J 28 -36.50 46.92 -3.41
CA SER J 28 -36.74 46.14 -2.19
C SER J 28 -37.84 45.11 -2.44
N VAL J 29 -37.62 43.90 -1.93
CA VAL J 29 -38.52 42.78 -2.12
C VAL J 29 -38.77 42.10 -0.78
N THR J 30 -39.69 41.15 -0.78
CA THR J 30 -40.07 40.41 0.41
C THR J 30 -40.01 38.92 0.15
N LYS J 31 -39.78 38.16 1.22
CA LYS J 31 -39.67 36.71 1.09
C LYS J 31 -41.00 36.07 0.72
N GLN J 32 -42.09 36.50 1.38
CA GLN J 32 -43.39 35.89 1.14
C GLN J 32 -43.82 36.04 -0.32
N GLN J 33 -43.66 37.24 -0.87
CA GLN J 33 -43.95 37.44 -2.28
C GLN J 33 -43.06 36.56 -3.16
N TRP J 34 -41.81 36.38 -2.75
CA TRP J 34 -40.88 35.54 -3.50
C TRP J 34 -41.35 34.09 -3.54
N PHE J 35 -41.80 33.55 -2.41
CA PHE J 35 -42.28 32.18 -2.39
C PHE J 35 -43.60 32.04 -3.14
N ASP J 36 -44.47 33.04 -3.05
CA ASP J 36 -45.69 33.02 -3.84
C ASP J 36 -45.36 33.05 -5.33
N LEU J 37 -44.34 33.81 -5.73
CA LEU J 37 -43.89 33.83 -7.11
C LEU J 37 -43.37 32.46 -7.54
N PHE J 38 -42.63 31.79 -6.65
CA PHE J 38 -42.18 30.42 -6.93
C PHE J 38 -43.37 29.50 -7.22
N SER J 39 -44.35 29.50 -6.31
CA SER J 39 -45.50 28.62 -6.49
C SER J 39 -46.26 28.97 -7.76
N ASP J 40 -46.43 30.26 -8.03
CA ASP J 40 -47.18 30.67 -9.22
C ASP J 40 -46.46 30.26 -10.51
N VAL J 41 -45.14 30.43 -10.56
CA VAL J 41 -44.43 30.06 -11.79
C VAL J 41 -44.48 28.55 -11.98
N HIS J 42 -44.38 27.79 -10.89
CA HIS J 42 -44.49 26.34 -11.06
C HIS J 42 -45.87 25.94 -11.56
N ALA J 43 -46.92 26.51 -10.97
CA ALA J 43 -48.28 26.14 -11.35
C ALA J 43 -48.56 26.52 -12.80
N VAL J 44 -48.11 27.70 -13.22
CA VAL J 44 -48.34 28.12 -14.60
C VAL J 44 -47.53 27.26 -15.55
N CYS J 45 -46.30 26.88 -15.17
CA CYS J 45 -45.50 26.01 -16.01
C CYS J 45 -46.17 24.65 -16.18
N LEU J 46 -46.81 24.16 -15.13
CA LEU J 46 -47.44 22.83 -15.19
C LEU J 46 -48.74 22.87 -15.98
N TRP J 47 -49.70 23.67 -15.53
CA TRP J 47 -51.07 23.54 -16.02
C TRP J 47 -51.23 24.03 -17.45
N ASP J 48 -50.86 25.29 -17.71
CA ASP J 48 -51.02 25.84 -19.04
C ASP J 48 -50.12 25.10 -20.04
N ASP J 49 -50.72 24.67 -21.15
CA ASP J 49 -49.97 23.94 -22.16
C ASP J 49 -48.87 24.80 -22.76
N LYS J 50 -49.17 26.07 -23.05
CA LYS J 50 -48.21 27.02 -23.57
C LYS J 50 -47.67 27.95 -22.50
N GLY J 51 -47.88 27.61 -21.23
CA GLY J 51 -47.46 28.45 -20.13
C GLY J 51 -45.98 28.74 -20.08
N PRO J 52 -45.13 27.71 -20.19
CA PRO J 52 -43.68 27.97 -20.23
C PRO J 52 -43.24 28.92 -21.33
N ALA J 53 -43.80 28.77 -22.54
CA ALA J 53 -43.41 29.63 -23.64
C ALA J 53 -43.83 31.07 -23.39
N LYS J 54 -45.05 31.26 -22.88
CA LYS J 54 -45.51 32.61 -22.57
C LYS J 54 -44.66 33.24 -21.47
N ILE J 55 -44.29 32.44 -20.47
CA ILE J 55 -43.41 32.93 -19.42
C ILE J 55 -42.07 33.37 -20.01
N HIS J 56 -41.51 32.54 -20.90
CA HIS J 56 -40.22 32.88 -21.50
C HIS J 56 -40.30 34.16 -22.31
N GLN J 57 -41.36 34.33 -23.12
CA GLN J 57 -41.44 35.52 -23.95
C GLN J 57 -41.69 36.77 -23.10
N ALA J 58 -42.50 36.65 -22.05
CA ALA J 58 -42.68 37.78 -21.14
C ALA J 58 -41.37 38.15 -20.47
N LEU J 59 -40.61 37.15 -20.03
CA LEU J 59 -39.32 37.41 -19.40
C LEU J 59 -38.37 38.11 -20.36
N LYS J 60 -38.30 37.63 -21.61
CA LYS J 60 -37.41 38.26 -22.57
C LYS J 60 -37.84 39.69 -22.89
N GLU J 61 -39.15 39.93 -22.96
CA GLU J 61 -39.64 41.28 -23.21
C GLU J 61 -39.25 42.22 -22.07
N ASP J 62 -39.48 41.79 -20.83
CA ASP J 62 -39.13 42.65 -19.69
C ASP J 62 -37.63 42.87 -19.60
N ILE J 63 -36.84 41.83 -19.88
CA ILE J 63 -35.38 41.95 -19.86
C ILE J 63 -34.93 42.97 -20.90
N LEU J 64 -35.46 42.87 -22.12
CA LEU J 64 -35.08 43.80 -23.17
C LEU J 64 -35.47 45.23 -22.82
N GLU J 65 -36.68 45.41 -22.27
CA GLU J 65 -37.12 46.75 -21.91
C GLU J 65 -36.20 47.37 -20.85
N PHE J 66 -35.92 46.61 -19.78
CA PHE J 66 -35.07 47.15 -18.72
C PHE J 66 -33.65 47.39 -19.21
N ILE J 67 -33.14 46.51 -20.08
CA ILE J 67 -31.80 46.70 -20.62
C ILE J 67 -31.75 47.96 -21.48
N LYS J 68 -32.78 48.19 -22.28
CA LYS J 68 -32.84 49.41 -23.08
C LYS J 68 -32.89 50.65 -22.20
N GLN J 69 -33.68 50.60 -21.12
CA GLN J 69 -33.74 51.74 -20.20
C GLN J 69 -32.38 52.01 -19.57
N ALA J 70 -31.71 50.95 -19.11
CA ALA J 70 -30.40 51.11 -18.49
C ALA J 70 -29.37 51.64 -19.48
N GLN J 71 -29.41 51.14 -20.72
CA GLN J 71 -28.48 51.61 -21.75
C GLN J 71 -28.72 53.07 -22.06
N ALA J 72 -29.99 53.48 -22.18
CA ALA J 72 -30.30 54.88 -22.43
C ALA J 72 -29.82 55.76 -21.27
N ARG J 73 -29.96 55.29 -20.04
CA ARG J 73 -29.44 56.03 -18.90
C ARG J 73 -27.92 56.14 -18.98
N VAL J 74 -27.23 55.05 -19.33
CA VAL J 74 -25.77 55.03 -19.32
C VAL J 74 -25.21 55.95 -20.39
N LEU J 75 -25.76 55.90 -21.60
CA LEU J 75 -25.24 56.74 -22.68
C LEU J 75 -25.51 58.22 -22.47
N SER J 76 -26.33 58.59 -21.48
CA SER J 76 -26.60 59.99 -21.22
C SER J 76 -25.32 60.74 -20.85
N HIS J 77 -24.49 60.14 -20.01
CA HIS J 77 -23.25 60.77 -19.56
C HIS J 77 -22.22 60.69 -20.69
N GLN J 78 -22.01 61.84 -21.36
CA GLN J 78 -21.02 61.89 -22.42
C GLN J 78 -19.60 61.91 -21.87
N ASP J 79 -19.42 62.44 -20.66
CA ASP J 79 -18.09 62.47 -20.05
C ASP J 79 -17.60 61.06 -19.77
N ASP J 80 -16.31 60.83 -20.03
CA ASP J 80 -15.75 59.48 -19.90
C ASP J 80 -15.79 58.99 -18.46
N THR J 81 -15.43 59.86 -17.51
CA THR J 81 -15.39 59.43 -16.11
C THR J 81 -16.80 59.27 -15.53
N ALA J 82 -17.70 60.19 -15.87
CA ALA J 82 -19.09 60.05 -15.44
C ALA J 82 -19.72 58.80 -16.03
N LEU J 83 -19.46 58.54 -17.32
CA LEU J 83 -19.94 57.31 -17.93
C LEU J 83 -19.34 56.10 -17.23
N LEU J 84 -18.07 56.17 -16.85
CA LEU J 84 -17.43 55.08 -16.13
C LEU J 84 -18.14 54.78 -14.82
N LYS J 85 -18.35 55.81 -14.00
CA LYS J 85 -18.96 55.58 -12.69
C LYS J 85 -20.41 55.11 -12.83
N ALA J 86 -21.16 55.70 -13.76
CA ALA J 86 -22.53 55.25 -13.99
C ALA J 86 -22.55 53.80 -14.46
N TYR J 87 -21.64 53.44 -15.36
CA TYR J 87 -21.60 52.08 -15.89
C TYR J 87 -21.24 51.08 -14.80
N ILE J 88 -20.28 51.42 -13.93
CA ILE J 88 -19.89 50.45 -12.91
C ILE J 88 -21.01 50.28 -11.88
N VAL J 89 -21.67 51.37 -11.50
CA VAL J 89 -22.78 51.24 -10.54
C VAL J 89 -23.90 50.41 -11.16
N GLU J 90 -24.29 50.74 -12.38
CA GLU J 90 -25.38 50.04 -13.04
C GLU J 90 -25.03 48.58 -13.28
N TRP J 91 -23.77 48.29 -13.63
CA TRP J 91 -23.38 46.91 -13.85
C TRP J 91 -23.34 46.13 -12.55
N ARG J 92 -22.91 46.75 -11.46
CA ARG J 92 -22.91 46.05 -10.18
C ARG J 92 -24.32 45.68 -9.77
N LYS J 93 -25.27 46.63 -9.87
CA LYS J 93 -26.64 46.30 -9.51
C LYS J 93 -27.22 45.25 -10.47
N PHE J 94 -26.92 45.38 -11.77
CA PHE J 94 -27.44 44.42 -12.75
C PHE J 94 -26.87 43.03 -12.50
N PHE J 95 -25.60 42.93 -12.15
CA PHE J 95 -24.99 41.63 -11.92
C PHE J 95 -25.50 41.00 -10.63
N THR J 96 -25.74 41.82 -9.60
CA THR J 96 -26.39 41.28 -8.41
C THR J 96 -27.77 40.72 -8.76
N GLN J 97 -28.53 41.44 -9.59
CA GLN J 97 -29.83 40.93 -10.01
C GLN J 97 -29.69 39.65 -10.82
N CYS J 98 -28.73 39.61 -11.75
CA CYS J 98 -28.53 38.42 -12.57
C CYS J 98 -28.06 37.23 -11.74
N ASP J 99 -27.44 37.49 -10.59
CA ASP J 99 -27.16 36.41 -9.65
C ASP J 99 -28.42 36.00 -8.90
N ILE J 100 -29.32 36.93 -8.63
CA ILE J 100 -30.53 36.64 -7.87
C ILE J 100 -31.68 36.20 -8.78
N LEU J 101 -31.82 36.83 -9.95
CA LEU J 101 -33.02 36.63 -10.77
C LEU J 101 -33.27 35.20 -11.23
N PRO J 102 -32.29 34.42 -11.72
CA PRO J 102 -32.65 33.14 -12.36
C PRO J 102 -33.11 32.07 -11.40
N LYS J 103 -33.03 32.28 -10.09
CA LYS J 103 -33.46 31.26 -9.13
C LYS J 103 -34.95 30.95 -9.21
N PRO J 104 -35.86 31.94 -9.29
CA PRO J 104 -37.29 31.61 -9.39
C PRO J 104 -37.65 30.70 -10.57
N PHE J 105 -37.03 30.88 -11.74
CA PHE J 105 -37.50 30.15 -12.91
C PHE J 105 -36.77 28.82 -13.10
N CYS J 106 -36.66 28.07 -12.00
CA CYS J 106 -36.04 26.75 -12.06
C CYS J 106 -36.91 25.76 -12.81
N GLN J 107 -38.23 25.81 -12.59
CA GLN J 107 -39.14 24.95 -13.33
C GLN J 107 -39.10 25.26 -14.82
N LEU J 108 -39.06 26.55 -15.17
CA LEU J 108 -38.97 26.93 -16.58
C LEU J 108 -37.67 26.43 -17.19
N GLU J 109 -36.57 26.56 -16.47
CA GLU J 109 -35.30 26.04 -16.98
C GLU J 109 -35.35 24.53 -17.17
N ILE J 110 -35.93 23.82 -16.20
CA ILE J 110 -35.97 22.36 -16.27
C ILE J 110 -36.83 21.89 -17.44
N THR J 111 -38.00 22.51 -17.62
CA THR J 111 -38.89 22.10 -18.70
C THR J 111 -38.24 22.29 -20.07
N LEU J 112 -37.56 23.41 -20.28
CA LEU J 112 -36.86 23.66 -21.53
C LEU J 112 -35.38 23.34 -21.37
N SER J 127 -28.11 28.14 -16.42
CA SER J 127 -29.45 28.72 -16.47
C SER J 127 -29.62 29.61 -17.69
N ILE J 128 -30.72 29.39 -18.43
CA ILE J 128 -30.98 30.21 -19.61
C ILE J 128 -31.26 31.66 -19.22
N VAL J 129 -31.72 31.90 -18.00
CA VAL J 129 -32.02 33.25 -17.56
C VAL J 129 -30.74 34.05 -17.37
N ARG J 130 -29.73 33.45 -16.73
CA ARG J 130 -28.47 34.15 -16.53
C ARG J 130 -27.79 34.45 -17.86
N LYS J 131 -27.83 33.48 -18.79
CA LYS J 131 -27.27 33.71 -20.11
C LYS J 131 -28.04 34.79 -20.86
N LEU J 132 -29.37 34.81 -20.69
CA LEU J 132 -30.19 35.83 -21.32
C LEU J 132 -29.78 37.21 -20.85
N MET J 133 -29.68 37.39 -19.53
CA MET J 133 -29.26 38.68 -18.98
C MET J 133 -27.88 39.08 -19.46
N LEU J 134 -26.92 38.14 -19.39
CA LEU J 134 -25.55 38.47 -19.76
C LEU J 134 -25.46 38.86 -21.23
N ASP J 135 -26.10 38.09 -22.11
CA ASP J 135 -26.04 38.39 -23.53
C ASP J 135 -26.75 39.69 -23.85
N THR J 136 -27.90 39.96 -23.22
CA THR J 136 -28.61 41.20 -23.49
C THR J 136 -27.78 42.40 -23.08
N TRP J 137 -27.21 42.37 -21.86
CA TRP J 137 -26.38 43.49 -21.43
C TRP J 137 -25.15 43.64 -22.31
N ASN J 138 -24.53 42.52 -22.69
CA ASN J 138 -23.38 42.56 -23.58
C ASN J 138 -23.73 43.28 -24.87
N GLU J 139 -24.64 42.69 -25.65
CA GLU J 139 -25.02 43.26 -26.94
C GLU J 139 -25.62 44.65 -26.82
N SER J 140 -26.08 45.04 -25.63
CA SER J 140 -26.64 46.38 -25.46
C SER J 140 -25.55 47.41 -25.27
N ILE J 141 -24.64 47.21 -24.31
CA ILE J 141 -23.72 48.25 -23.88
C ILE J 141 -22.26 47.86 -24.11
N PHE J 142 -21.90 46.60 -23.84
CA PHE J 142 -20.49 46.23 -23.91
C PHE J 142 -19.99 46.28 -25.34
N SER J 143 -20.78 45.78 -26.28
CA SER J 143 -20.36 45.74 -27.68
C SER J 143 -20.06 47.12 -28.23
N ASN J 144 -20.58 48.18 -27.61
CA ASN J 144 -20.32 49.53 -28.08
C ASN J 144 -19.33 50.31 -27.23
N ILE J 145 -19.16 49.99 -25.95
CA ILE J 145 -18.24 50.78 -25.15
C ILE J 145 -17.11 49.94 -24.55
N LYS J 146 -16.84 48.75 -25.10
CA LYS J 146 -15.75 47.94 -24.57
C LYS J 146 -14.41 48.63 -24.73
N ASN J 147 -14.15 49.25 -25.90
CA ASN J 147 -12.88 49.92 -26.11
C ASN J 147 -12.72 51.11 -25.18
N ARG J 148 -13.79 51.90 -25.00
CA ARG J 148 -13.72 53.03 -24.09
C ARG J 148 -13.45 52.58 -22.67
N LEU J 149 -14.16 51.54 -22.21
CA LEU J 149 -13.92 51.03 -20.87
C LEU J 149 -12.49 50.52 -20.73
N GLN J 150 -11.98 49.84 -21.74
CA GLN J 150 -10.61 49.32 -21.69
C GLN J 150 -9.59 50.45 -21.55
N ASP J 151 -9.67 51.44 -22.44
CA ASP J 151 -8.68 52.51 -22.40
C ASP J 151 -8.79 53.32 -21.11
N SER J 152 -10.01 53.58 -20.65
CA SER J 152 -10.19 54.30 -19.40
C SER J 152 -9.65 53.50 -18.21
N ALA J 153 -9.82 52.18 -18.23
CA ALA J 153 -9.26 51.33 -17.18
C ALA J 153 -7.74 51.40 -17.18
N MET J 154 -7.11 51.36 -18.36
CA MET J 154 -5.66 51.50 -18.41
C MET J 154 -5.23 52.87 -17.90
N LYS J 155 -5.96 53.92 -18.24
CA LYS J 155 -5.64 55.25 -17.74
C LYS J 155 -5.70 55.29 -16.22
N LEU J 156 -6.78 54.73 -15.65
CA LEU J 156 -6.92 54.73 -14.20
C LEU J 156 -5.82 53.92 -13.53
N VAL J 157 -5.48 52.76 -14.11
CA VAL J 157 -4.49 51.89 -13.47
C VAL J 157 -3.09 52.52 -13.55
N HIS J 158 -2.78 53.20 -14.66
CA HIS J 158 -1.47 53.83 -14.74
C HIS J 158 -1.38 55.08 -13.90
N ALA J 159 -2.50 55.79 -13.71
CA ALA J 159 -2.51 56.87 -12.72
C ALA J 159 -2.32 56.33 -11.31
N GLU J 160 -2.95 55.19 -11.02
CA GLU J 160 -2.79 54.57 -9.71
C GLU J 160 -1.34 54.14 -9.47
N ARG J 161 -0.70 53.56 -10.49
CA ARG J 161 0.69 53.14 -10.33
C ARG J 161 1.63 54.33 -10.21
N LEU J 162 1.24 55.48 -10.75
CA LEU J 162 2.06 56.68 -10.62
C LEU J 162 2.11 57.17 -9.17
N GLY J 163 1.08 56.88 -8.39
CA GLY J 163 1.07 57.25 -6.99
C GLY J 163 -0.24 57.85 -6.52
N GLU J 164 -1.19 58.02 -7.44
CA GLU J 164 -2.49 58.60 -7.14
C GLU J 164 -3.49 57.47 -6.95
N ALA J 165 -3.77 57.14 -5.68
CA ALA J 165 -4.71 56.07 -5.38
C ALA J 165 -6.12 56.45 -5.81
N PHE J 166 -6.82 55.48 -6.38
CA PHE J 166 -8.18 55.72 -6.88
C PHE J 166 -9.12 54.61 -6.44
N ASP J 167 -10.34 54.61 -6.98
CA ASP J 167 -11.35 53.63 -6.63
C ASP J 167 -11.04 52.31 -7.35
N SER J 168 -10.57 51.32 -6.60
CA SER J 168 -10.21 50.04 -7.19
C SER J 168 -11.44 49.29 -7.71
N GLN J 169 -12.60 49.51 -7.09
CA GLN J 169 -13.79 48.77 -7.47
C GLN J 169 -14.16 49.01 -8.92
N LEU J 170 -13.85 50.19 -9.46
CA LEU J 170 -14.17 50.47 -10.86
C LEU J 170 -13.41 49.51 -11.78
N VAL J 171 -12.09 49.41 -11.60
CA VAL J 171 -11.30 48.54 -12.47
C VAL J 171 -11.65 47.08 -12.20
N ILE J 172 -11.91 46.73 -10.94
CA ILE J 172 -12.28 45.34 -10.64
C ILE J 172 -13.58 44.98 -11.35
N GLY J 173 -14.56 45.88 -11.33
CA GLY J 173 -15.81 45.63 -12.03
C GLY J 173 -15.64 45.57 -13.53
N VAL J 174 -14.75 46.41 -14.08
CA VAL J 174 -14.47 46.35 -15.51
C VAL J 174 -13.89 44.98 -15.86
N ARG J 175 -12.93 44.51 -15.08
CA ARG J 175 -12.31 43.22 -15.34
C ARG J 175 -13.32 42.09 -15.24
N GLU J 176 -14.16 42.11 -14.20
CA GLU J 176 -15.12 41.02 -14.01
C GLU J 176 -16.24 41.08 -15.04
N SER J 177 -16.58 42.26 -15.54
CA SER J 177 -17.50 42.34 -16.67
C SER J 177 -16.87 41.75 -17.91
N TYR J 178 -15.57 41.98 -18.10
CA TYR J 178 -14.88 41.36 -19.22
C TYR J 178 -14.90 39.83 -19.11
N VAL J 179 -14.65 39.30 -17.90
CA VAL J 179 -14.62 37.86 -17.74
C VAL J 179 -16.01 37.25 -17.86
N ASN J 180 -17.06 37.97 -17.45
CA ASN J 180 -18.38 37.37 -17.36
C ASN J 180 -19.20 37.54 -18.63
N LEU J 181 -19.09 38.68 -19.30
CA LEU J 181 -19.91 38.99 -20.46
C LEU J 181 -19.29 38.48 -21.77
N CYS J 182 -18.42 37.48 -21.69
CA CYS J 182 -17.82 36.92 -22.90
C CYS J 182 -18.85 36.08 -23.64
N SER J 183 -19.27 36.56 -24.81
CA SER J 183 -20.27 35.84 -25.60
C SER J 183 -19.73 34.54 -26.17
N ASN J 184 -18.43 34.47 -26.41
CA ASN J 184 -17.83 33.28 -26.99
C ASN J 184 -17.86 32.14 -25.97
N PRO J 185 -18.49 31.01 -26.28
CA PRO J 185 -18.61 29.92 -25.30
C PRO J 185 -17.44 28.94 -25.30
N GLU J 186 -16.45 29.12 -26.16
CA GLU J 186 -15.30 28.21 -26.16
C GLU J 186 -14.51 28.33 -24.86
N ASP J 187 -14.32 29.55 -24.37
CA ASP J 187 -13.65 29.76 -23.10
C ASP J 187 -14.37 30.88 -22.35
N LYS J 188 -14.43 30.73 -21.02
CA LYS J 188 -15.17 31.70 -20.21
C LYS J 188 -14.57 33.09 -20.29
N LEU J 189 -13.24 33.18 -20.29
CA LEU J 189 -12.54 34.46 -20.19
C LEU J 189 -11.67 34.73 -21.41
N GLN J 190 -12.01 34.14 -22.56
CA GLN J 190 -11.14 34.25 -23.74
C GLN J 190 -11.01 35.70 -24.20
N ILE J 191 -12.13 36.38 -24.41
CA ILE J 191 -12.05 37.77 -24.86
C ILE J 191 -11.34 38.61 -23.82
N TYR J 192 -11.69 38.43 -22.55
CA TYR J 192 -11.04 39.16 -21.47
C TYR J 192 -9.54 38.88 -21.44
N ARG J 193 -9.16 37.60 -21.43
CA ARG J 193 -7.77 37.24 -21.23
C ARG J 193 -6.88 37.68 -22.38
N ASP J 194 -7.38 37.55 -23.61
CA ASP J 194 -6.57 37.94 -24.77
C ASP J 194 -6.89 39.33 -25.32
N ASN J 195 -7.66 40.15 -24.59
CA ASN J 195 -7.63 41.58 -24.86
C ASN J 195 -7.13 42.39 -23.67
N PHE J 196 -7.83 42.35 -22.53
CA PHE J 196 -7.50 43.28 -21.46
C PHE J 196 -6.28 42.83 -20.69
N GLU J 197 -6.12 41.52 -20.50
CA GLU J 197 -4.94 41.02 -19.79
C GLU J 197 -3.67 41.34 -20.56
N LYS J 198 -3.67 41.12 -21.88
CA LYS J 198 -2.47 41.43 -22.66
C LYS J 198 -2.24 42.93 -22.74
N ALA J 199 -3.31 43.73 -22.80
CA ALA J 199 -3.13 45.17 -22.72
C ALA J 199 -2.50 45.56 -21.38
N TYR J 200 -2.91 44.89 -20.30
CA TYR J 200 -2.32 45.14 -18.99
C TYR J 200 -0.84 44.81 -18.97
N LEU J 201 -0.46 43.67 -19.54
CA LEU J 201 0.95 43.30 -19.59
C LEU J 201 1.75 44.33 -20.38
N ASP J 202 1.24 44.74 -21.54
CA ASP J 202 1.96 45.71 -22.36
C ASP J 202 2.10 47.05 -21.63
N SER J 203 1.02 47.51 -20.99
CA SER J 203 1.07 48.77 -20.26
C SER J 203 2.08 48.70 -19.13
N THR J 204 2.03 47.64 -18.33
CA THR J 204 2.97 47.53 -17.22
C THR J 204 4.41 47.46 -17.71
N GLU J 205 4.66 46.69 -18.78
CA GLU J 205 6.00 46.58 -19.31
C GLU J 205 6.52 47.92 -19.79
N ARG J 206 5.69 48.70 -20.48
CA ARG J 206 6.15 50.01 -20.92
C ARG J 206 6.38 50.95 -19.75
N PHE J 207 5.57 50.84 -18.68
CA PHE J 207 5.80 51.69 -17.52
C PHE J 207 7.13 51.37 -16.85
N TYR J 208 7.44 50.07 -16.65
CA TYR J 208 8.73 49.75 -16.05
C TYR J 208 9.89 50.12 -16.98
N ARG J 209 9.70 49.95 -18.29
CA ARG J 209 10.75 50.34 -19.23
C ARG J 209 11.03 51.83 -19.14
N THR J 210 9.98 52.64 -19.01
CA THR J 210 10.16 54.08 -18.87
C THR J 210 10.77 54.46 -17.52
N GLN J 211 10.45 53.72 -16.46
CA GLN J 211 10.81 54.16 -15.12
C GLN J 211 12.17 53.66 -14.64
N ALA J 212 12.49 52.38 -14.89
CA ALA J 212 13.65 51.77 -14.25
C ALA J 212 14.98 52.44 -14.58
N PRO J 213 15.33 52.69 -15.85
CA PRO J 213 16.67 53.25 -16.12
C PRO J 213 16.91 54.59 -15.46
N SER J 214 15.88 55.44 -15.38
CA SER J 214 16.06 56.76 -14.77
C SER J 214 16.42 56.63 -13.29
N TYR J 215 15.66 55.82 -12.56
CA TYR J 215 15.94 55.65 -11.13
C TYR J 215 17.30 54.98 -10.93
N LEU J 216 17.61 53.99 -11.78
CA LEU J 216 18.91 53.32 -11.65
C LEU J 216 20.05 54.30 -11.86
N GLN J 217 19.94 55.18 -12.86
CA GLN J 217 21.00 56.15 -13.13
C GLN J 217 21.08 57.22 -12.06
N GLN J 218 19.95 57.62 -11.48
CA GLN J 218 19.94 58.77 -10.57
C GLN J 218 20.13 58.37 -9.11
N ASN J 219 19.23 57.54 -8.57
CA ASN J 219 19.25 57.26 -7.14
C ASN J 219 20.45 56.40 -6.74
N GLY J 220 20.80 55.40 -7.55
CA GLY J 220 21.95 54.57 -7.22
C GLY J 220 21.76 53.10 -7.50
N VAL J 221 22.42 52.26 -6.70
CA VAL J 221 22.45 50.82 -6.93
C VAL J 221 21.60 50.10 -5.88
N GLN J 222 22.00 50.19 -4.61
CA GLN J 222 21.21 49.58 -3.54
C GLN J 222 19.84 50.23 -3.45
N ASN J 223 19.75 51.53 -3.76
CA ASN J 223 18.45 52.18 -3.87
C ASN J 223 17.63 51.53 -4.97
N TYR J 224 18.26 51.22 -6.10
CA TYR J 224 17.53 50.56 -7.18
C TYR J 224 17.03 49.19 -6.75
N MET J 225 17.86 48.41 -6.05
CA MET J 225 17.41 47.10 -5.59
C MET J 225 16.25 47.20 -4.60
N LYS J 226 16.35 48.11 -3.62
CA LYS J 226 15.27 48.18 -2.63
C LYS J 226 13.98 48.70 -3.26
N TYR J 227 14.09 49.68 -4.17
CA TYR J 227 12.91 50.17 -4.88
C TYR J 227 12.32 49.07 -5.76
N ALA J 228 13.17 48.26 -6.39
CA ALA J 228 12.67 47.16 -7.20
C ALA J 228 11.92 46.14 -6.36
N ASP J 229 12.44 45.82 -5.17
CA ASP J 229 11.73 44.91 -4.29
C ASP J 229 10.39 45.49 -3.86
N ALA J 230 10.36 46.77 -3.49
CA ALA J 230 9.11 47.39 -3.07
C ALA J 230 8.10 47.42 -4.19
N LYS J 231 8.55 47.75 -5.41
CA LYS J 231 7.64 47.81 -6.55
C LYS J 231 7.17 46.42 -6.95
N LEU J 232 8.02 45.40 -6.79
CA LEU J 232 7.59 44.03 -7.04
C LEU J 232 6.50 43.62 -6.06
N LYS J 233 6.66 43.96 -4.78
CA LYS J 233 5.63 43.66 -3.81
C LYS J 233 4.33 44.40 -4.13
N GLU J 234 4.44 45.67 -4.51
CA GLU J 234 3.25 46.45 -4.87
C GLU J 234 2.56 45.86 -6.09
N GLU J 235 3.35 45.45 -7.10
CA GLU J 235 2.76 44.84 -8.29
C GLU J 235 2.11 43.52 -7.97
N GLU J 236 2.70 42.74 -7.05
CA GLU J 236 2.08 41.49 -6.64
C GLU J 236 0.74 41.73 -5.95
N LYS J 237 0.69 42.70 -5.03
CA LYS J 237 -0.56 42.97 -4.33
C LYS J 237 -1.61 43.53 -5.29
N ARG J 238 -1.20 44.35 -6.26
CA ARG J 238 -2.14 44.87 -7.24
C ARG J 238 -2.60 43.80 -8.22
N ALA J 239 -1.77 42.80 -8.50
CA ALA J 239 -2.23 41.67 -9.29
C ALA J 239 -3.23 40.83 -8.50
N LEU J 240 -2.99 40.66 -7.20
CA LEU J 240 -3.92 39.91 -6.37
C LEU J 240 -5.27 40.62 -6.29
N ARG J 241 -5.27 41.94 -6.14
CA ARG J 241 -6.54 42.66 -5.99
C ARG J 241 -7.19 42.95 -7.34
N TYR J 242 -6.53 43.74 -8.18
CA TYR J 242 -7.09 44.12 -9.47
C TYR J 242 -7.29 42.92 -10.37
N LEU J 243 -6.21 42.25 -10.74
CA LEU J 243 -6.26 41.18 -11.72
C LEU J 243 -7.04 39.98 -11.17
N GLU J 244 -7.73 39.28 -12.05
CA GLU J 244 -8.59 38.18 -11.65
C GLU J 244 -7.81 37.09 -10.93
N THR J 245 -8.38 36.58 -9.85
CA THR J 245 -7.77 35.50 -9.08
C THR J 245 -8.70 34.30 -8.90
N ARG J 246 -9.92 34.34 -9.46
CA ARG J 246 -10.83 33.22 -9.32
C ARG J 246 -10.27 31.96 -9.99
N ARG J 247 -9.69 32.11 -11.18
CA ARG J 247 -9.10 30.99 -11.90
C ARG J 247 -7.60 31.14 -12.12
N GLU J 248 -7.09 32.38 -12.21
CA GLU J 248 -5.68 32.64 -12.48
C GLU J 248 -5.23 31.97 -13.78
N CYS J 249 -6.07 32.06 -14.81
CA CYS J 249 -5.76 31.47 -16.10
C CYS J 249 -4.69 32.28 -16.81
N ASN J 250 -3.43 31.86 -16.66
CA ASN J 250 -2.24 32.44 -17.28
C ASN J 250 -2.21 33.98 -17.20
N SER J 251 -2.84 34.54 -16.18
CA SER J 251 -2.95 35.99 -16.05
C SER J 251 -1.93 36.57 -15.06
N VAL J 252 -1.99 36.13 -13.80
CA VAL J 252 -1.07 36.66 -12.80
C VAL J 252 0.34 36.18 -13.06
N GLU J 253 0.48 34.91 -13.46
CA GLU J 253 1.80 34.37 -13.78
C GLU J 253 2.43 35.14 -14.94
N ALA J 254 1.64 35.38 -15.98
CA ALA J 254 2.16 36.17 -17.10
C ALA J 254 2.50 37.58 -16.65
N LEU J 255 1.69 38.17 -15.76
CA LEU J 255 1.92 39.55 -15.35
C LEU J 255 3.23 39.69 -14.59
N MET J 256 3.45 38.88 -13.55
CA MET J 256 4.70 39.13 -12.85
C MET J 256 5.89 38.53 -13.59
N GLU J 257 5.66 37.57 -14.50
CA GLU J 257 6.74 37.12 -15.37
C GLU J 257 7.20 38.24 -16.29
N CYS J 258 6.26 39.00 -16.87
CA CYS J 258 6.65 40.14 -17.68
C CYS J 258 7.28 41.22 -16.84
N CYS J 259 6.82 41.39 -15.60
CA CYS J 259 7.45 42.36 -14.70
C CYS J 259 8.91 42.01 -14.45
N VAL J 260 9.19 40.73 -14.15
CA VAL J 260 10.57 40.34 -13.88
C VAL J 260 11.42 40.39 -15.16
N ASN J 261 10.87 39.96 -16.30
CA ASN J 261 11.68 40.02 -17.51
C ASN J 261 11.83 41.44 -18.04
N ALA J 262 11.05 42.39 -17.52
CA ALA J 262 11.24 43.79 -17.85
C ALA J 262 12.11 44.54 -16.85
N LEU J 263 12.29 44.01 -15.64
CA LEU J 263 13.14 44.67 -14.65
C LEU J 263 14.43 43.92 -14.37
N VAL J 264 14.35 42.70 -13.84
CA VAL J 264 15.55 42.03 -13.35
C VAL J 264 16.24 41.27 -14.48
N THR J 265 15.49 40.56 -15.32
CA THR J 265 16.09 39.99 -16.52
C THR J 265 16.61 41.09 -17.43
N SER J 266 15.97 42.27 -17.40
CA SER J 266 16.46 43.40 -18.18
C SER J 266 17.81 43.90 -17.70
N PHE J 267 17.95 44.10 -16.39
CA PHE J 267 19.19 44.61 -15.82
C PHE J 267 20.07 43.53 -15.19
N LYS J 268 19.92 42.29 -15.67
CA LYS J 268 20.78 41.20 -15.20
C LYS J 268 22.26 41.50 -15.40
N GLU J 269 22.62 42.27 -16.43
CA GLU J 269 24.03 42.61 -16.61
C GLU J 269 24.55 43.44 -15.44
N THR J 270 23.77 44.44 -15.01
CA THR J 270 24.15 45.22 -13.83
C THR J 270 24.13 44.34 -12.58
N ILE J 271 23.16 43.43 -12.48
CA ILE J 271 23.06 42.56 -11.32
C ILE J 271 24.32 41.69 -11.21
N LEU J 272 24.74 41.08 -12.33
CA LEU J 272 25.93 40.25 -12.30
C LEU J 272 27.20 41.07 -12.12
N ALA J 273 27.20 42.32 -12.60
CA ALA J 273 28.33 43.20 -12.35
C ALA J 273 28.48 43.47 -10.86
N GLU J 274 27.38 43.71 -10.15
CA GLU J 274 27.42 43.96 -8.71
C GLU J 274 27.45 42.68 -7.88
N CYS J 275 27.30 41.51 -8.51
CA CYS J 275 27.37 40.26 -7.77
C CYS J 275 28.74 40.07 -7.13
N GLN J 276 29.81 40.37 -7.86
CA GLN J 276 31.15 40.26 -7.28
C GLN J 276 31.33 41.25 -6.13
N GLY J 277 30.80 42.46 -6.28
CA GLY J 277 30.85 43.41 -5.18
C GLY J 277 30.13 42.90 -3.94
N MET J 278 28.97 42.29 -4.13
CA MET J 278 28.28 41.67 -3.00
C MET J 278 29.11 40.55 -2.39
N ILE J 279 29.71 39.71 -3.23
CA ILE J 279 30.47 38.56 -2.75
C ILE J 279 31.66 39.03 -1.90
N LYS J 280 32.32 40.09 -2.34
CA LYS J 280 33.43 40.66 -1.58
C LYS J 280 32.98 41.65 -0.51
N ARG J 281 31.67 41.91 -0.40
CA ARG J 281 31.14 42.82 0.60
C ARG J 281 30.09 42.20 1.52
N ASN J 282 29.45 41.10 1.12
CA ASN J 282 28.53 40.34 1.97
C ASN J 282 27.35 41.20 2.43
N GLU J 283 26.54 41.60 1.44
CA GLU J 283 25.29 42.30 1.70
C GLU J 283 24.18 41.28 1.93
N THR J 284 23.50 41.40 3.07
CA THR J 284 22.44 40.44 3.41
C THR J 284 21.20 40.65 2.55
N GLU J 285 20.77 41.92 2.40
CA GLU J 285 19.59 42.19 1.58
C GLU J 285 19.82 41.82 0.13
N LYS J 286 21.00 42.13 -0.40
CA LYS J 286 21.34 41.71 -1.75
C LYS J 286 21.37 40.19 -1.85
N LEU J 287 21.87 39.53 -0.81
CA LEU J 287 21.88 38.07 -0.79
C LEU J 287 20.46 37.52 -0.92
N HIS J 288 19.53 38.06 -0.12
CA HIS J 288 18.14 37.64 -0.18
C HIS J 288 17.55 37.92 -1.56
N LEU J 289 17.87 39.07 -2.14
CA LEU J 289 17.31 39.44 -3.43
C LEU J 289 17.77 38.49 -4.53
N MET J 290 19.07 38.22 -4.62
CA MET J 290 19.55 37.29 -5.64
C MET J 290 19.05 35.88 -5.38
N PHE J 291 18.98 35.47 -4.12
CA PHE J 291 18.43 34.15 -3.79
C PHE J 291 17.00 34.02 -4.29
N SER J 292 16.20 35.08 -4.12
CA SER J 292 14.83 35.07 -4.61
C SER J 292 14.77 35.09 -6.13
N LEU J 293 15.71 35.79 -6.78
CA LEU J 293 15.64 35.95 -8.23
C LEU J 293 16.36 34.86 -9.02
N MET J 294 17.00 33.88 -8.36
CA MET J 294 17.55 32.77 -9.14
C MET J 294 16.45 32.03 -9.89
N ASP J 295 15.34 31.75 -9.22
CA ASP J 295 14.29 30.91 -9.82
C ASP J 295 13.67 31.58 -11.04
N LYS J 296 13.50 32.89 -10.99
CA LYS J 296 12.89 33.61 -12.12
C LYS J 296 13.75 33.53 -13.37
N VAL J 297 15.05 33.81 -13.22
CA VAL J 297 15.96 33.79 -14.38
C VAL J 297 16.20 32.34 -14.79
N PRO J 298 16.08 32.00 -16.07
CA PRO J 298 16.33 30.61 -16.49
C PRO J 298 17.73 30.13 -16.21
N ASN J 299 18.74 31.00 -16.33
CA ASN J 299 20.13 30.60 -16.15
C ASN J 299 20.91 31.62 -15.33
N GLY J 300 20.28 32.26 -14.36
CA GLY J 300 20.99 33.22 -13.53
C GLY J 300 21.81 32.64 -12.40
N ILE J 301 21.78 31.31 -12.24
CA ILE J 301 22.52 30.67 -11.16
C ILE J 301 24.02 30.74 -11.40
N GLU J 302 24.43 30.53 -12.66
CA GLU J 302 25.86 30.38 -12.96
C GLU J 302 26.71 31.60 -12.60
N PRO J 303 26.29 32.88 -12.83
CA PRO J 303 27.18 34.00 -12.46
C PRO J 303 27.51 34.01 -10.97
N MET J 304 26.47 34.02 -10.13
CA MET J 304 26.71 34.15 -8.69
C MET J 304 27.38 32.90 -8.13
N LEU J 305 27.06 31.71 -8.65
CA LEU J 305 27.74 30.53 -8.14
C LEU J 305 29.18 30.44 -8.60
N LYS J 306 29.50 30.92 -9.82
CA LYS J 306 30.88 30.96 -10.25
C LYS J 306 31.67 31.99 -9.45
N ASP J 307 31.04 33.11 -9.08
CA ASP J 307 31.69 34.05 -8.18
C ASP J 307 31.91 33.42 -6.81
N LEU J 308 30.96 32.63 -6.33
CA LEU J 308 31.12 31.95 -5.06
C LEU J 308 32.29 30.96 -5.10
N GLU J 309 32.44 30.24 -6.22
CA GLU J 309 33.60 29.36 -6.33
C GLU J 309 34.91 30.14 -6.49
N GLU J 310 34.87 31.28 -7.17
CA GLU J 310 36.05 32.14 -7.22
C GLU J 310 36.46 32.55 -5.81
N HIS J 311 35.49 32.80 -4.94
CA HIS J 311 35.79 32.94 -3.52
C HIS J 311 36.36 31.64 -2.95
N ILE J 312 35.80 30.50 -3.37
CA ILE J 312 36.30 29.20 -2.90
C ILE J 312 37.69 28.94 -3.44
N ILE J 313 37.88 29.16 -4.74
CA ILE J 313 39.16 28.87 -5.39
C ILE J 313 40.20 29.93 -5.01
#